data_6G6Q
#
_entry.id   6G6Q
#
_cell.length_a   53.520
_cell.length_b   219.190
_cell.length_c   264.910
_cell.angle_alpha   90.00
_cell.angle_beta   90.00
_cell.angle_gamma   90.00
#
_symmetry.space_group_name_H-M   'P 21 21 21'
#
loop_
_entity.id
_entity.type
_entity.pdbx_description
1 polymer Ika4
2 water water
#
_entity_poly.entity_id   1
_entity_poly.type   'polypeptide(L)'
_entity_poly.pdbx_seq_one_letter_code
;GSHMGQELVSLEGHQSAITALAFSKNIVVSGAADGTIKVWDILTGQLLRDHDGHQSEVTALQFKDNIVVSGAKDGTVKVW
YIGTGQELVSLEGHQSAITALAFSKNIVVSGAADGTIKVWDILTGQLLRDHDGHQSEVTALQFKDNIVVSGAKDGTVKVW
YIGT
;
_entity_poly.pdbx_strand_id   A,B,C,D,E,F,G,H,I,J,K,L
#
# COMPACT_ATOMS: atom_id res chain seq x y z
N GLN A 6 -28.39 59.09 2.01
CA GLN A 6 -27.95 58.09 2.96
C GLN A 6 -28.14 56.68 2.43
N GLU A 7 -29.09 56.54 1.50
CA GLU A 7 -29.47 55.23 1.00
C GLU A 7 -28.31 54.57 0.25
N LEU A 8 -27.94 53.37 0.69
CA LEU A 8 -26.83 52.65 0.07
C LEU A 8 -27.17 52.21 -1.35
N VAL A 9 -28.35 51.62 -1.53
CA VAL A 9 -28.83 51.17 -2.82
C VAL A 9 -30.32 51.48 -2.91
N SER A 10 -30.88 51.22 -4.10
CA SER A 10 -32.29 51.47 -4.37
C SER A 10 -32.99 50.14 -4.61
N LEU A 11 -34.02 49.85 -3.81
CA LEU A 11 -34.77 48.61 -3.91
C LEU A 11 -36.20 48.92 -4.33
N GLU A 12 -36.72 48.15 -5.29
CA GLU A 12 -38.04 48.44 -5.83
C GLU A 12 -39.14 48.18 -4.82
N GLY A 13 -38.92 47.27 -3.87
CA GLY A 13 -39.97 46.96 -2.92
C GLY A 13 -41.05 46.07 -3.55
N HIS A 14 -42.17 45.98 -2.86
CA HIS A 14 -43.28 45.11 -3.23
C HIS A 14 -44.50 45.93 -3.59
N GLN A 15 -45.50 45.24 -4.15
CA GLN A 15 -46.81 45.82 -4.41
C GLN A 15 -47.75 45.67 -3.22
N SER A 16 -47.22 45.40 -2.04
CA SER A 16 -48.03 45.29 -0.82
C SER A 16 -47.10 45.45 0.38
N ALA A 17 -47.71 45.49 1.56
CA ALA A 17 -46.99 45.84 2.78
C ALA A 17 -45.88 44.84 3.09
N ILE A 18 -44.71 45.35 3.43
CA ILE A 18 -43.60 44.51 3.88
C ILE A 18 -43.97 43.91 5.23
N THR A 19 -44.01 42.57 5.30
CA THR A 19 -44.36 41.89 6.53
C THR A 19 -43.22 41.12 7.16
N ALA A 20 -42.12 40.92 6.44
CA ALA A 20 -41.00 40.14 6.98
C ALA A 20 -39.73 40.53 6.24
N LEU A 21 -38.61 40.45 6.96
CA LEU A 21 -37.33 40.89 6.43
C LEU A 21 -36.23 39.99 6.97
N ALA A 22 -35.25 39.68 6.11
CA ALA A 22 -34.12 38.87 6.53
C ALA A 22 -32.89 39.32 5.74
N PHE A 23 -31.73 39.23 6.40
CA PHE A 23 -30.51 39.83 5.88
C PHE A 23 -29.34 38.96 6.29
N SER A 24 -28.65 38.40 5.30
CA SER A 24 -27.48 37.55 5.58
C SER A 24 -26.47 37.74 4.46
N LYS A 25 -25.20 37.92 4.84
CA LYS A 25 -24.11 38.22 3.92
C LYS A 25 -24.49 39.49 3.16
N ASN A 26 -24.55 39.47 1.83
CA ASN A 26 -24.92 40.64 1.05
C ASN A 26 -26.24 40.45 0.32
N ILE A 27 -27.14 39.65 0.88
CA ILE A 27 -28.43 39.34 0.27
C ILE A 27 -29.54 39.68 1.26
N VAL A 28 -30.53 40.44 0.80
CA VAL A 28 -31.72 40.75 1.59
C VAL A 28 -32.89 39.99 1.02
N VAL A 29 -33.70 39.40 1.90
CA VAL A 29 -34.94 38.72 1.53
C VAL A 29 -36.09 39.45 2.21
N SER A 30 -37.09 39.85 1.43
CA SER A 30 -38.24 40.59 1.92
C SER A 30 -39.52 39.85 1.58
N GLY A 31 -40.47 39.85 2.52
CA GLY A 31 -41.76 39.22 2.32
C GLY A 31 -42.87 40.23 2.51
N ALA A 32 -43.97 40.04 1.77
CA ALA A 32 -45.04 41.00 1.74
C ALA A 32 -46.39 40.33 2.02
N ALA A 33 -47.40 41.16 2.25
CA ALA A 33 -48.73 40.68 2.62
C ALA A 33 -49.47 40.02 1.47
N ASP A 34 -49.02 40.18 0.23
CA ASP A 34 -49.63 39.50 -0.90
C ASP A 34 -49.02 38.13 -1.18
N GLY A 35 -48.12 37.66 -0.31
CA GLY A 35 -47.49 36.38 -0.47
C GLY A 35 -46.17 36.39 -1.20
N THR A 36 -45.79 37.52 -1.79
CA THR A 36 -44.58 37.59 -2.59
C THR A 36 -43.33 37.60 -1.71
N ILE A 37 -42.25 37.06 -2.25
CA ILE A 37 -40.94 37.08 -1.60
C ILE A 37 -39.92 37.52 -2.65
N LYS A 38 -39.07 38.47 -2.29
CA LYS A 38 -38.08 39.03 -3.20
C LYS A 38 -36.68 38.88 -2.62
N VAL A 39 -35.71 38.62 -3.49
CA VAL A 39 -34.32 38.41 -3.11
C VAL A 39 -33.50 39.51 -3.78
N TRP A 40 -32.78 40.28 -2.97
CA TRP A 40 -32.05 41.45 -3.45
C TRP A 40 -30.55 41.28 -3.24
N ASP A 41 -29.78 41.81 -4.18
CA ASP A 41 -28.33 41.95 -4.02
C ASP A 41 -28.07 43.33 -3.43
N ILE A 42 -27.57 43.36 -2.19
CA ILE A 42 -27.37 44.63 -1.51
C ILE A 42 -26.17 45.40 -2.05
N LEU A 43 -25.28 44.75 -2.79
CA LEU A 43 -24.12 45.44 -3.36
C LEU A 43 -24.49 46.26 -4.59
N THR A 44 -25.49 45.82 -5.35
CA THR A 44 -25.91 46.51 -6.56
C THR A 44 -27.34 47.04 -6.52
N GLY A 45 -28.15 46.62 -5.54
CA GLY A 45 -29.54 47.01 -5.50
C GLY A 45 -30.44 46.25 -6.45
N GLN A 46 -29.89 45.36 -7.27
CA GLN A 46 -30.68 44.60 -8.22
C GLN A 46 -31.54 43.57 -7.50
N LEU A 47 -32.68 43.25 -8.11
CA LEU A 47 -33.52 42.16 -7.64
C LEU A 47 -32.99 40.85 -8.20
N LEU A 48 -32.55 39.95 -7.31
CA LEU A 48 -31.96 38.69 -7.76
C LEU A 48 -33.02 37.77 -8.36
N ARG A 49 -34.12 37.55 -7.63
CA ARG A 49 -35.19 36.72 -8.16
C ARG A 49 -36.48 36.99 -7.42
N ASP A 50 -37.58 36.71 -8.11
CA ASP A 50 -38.90 36.64 -7.50
C ASP A 50 -39.14 35.20 -7.06
N HIS A 51 -39.16 34.97 -5.75
CA HIS A 51 -39.47 33.64 -5.26
C HIS A 51 -40.90 33.26 -5.65
N ASP A 52 -41.17 31.94 -5.63
CA ASP A 52 -42.53 31.46 -5.89
C ASP A 52 -43.52 32.04 -4.89
N GLY A 53 -43.04 32.41 -3.70
CA GLY A 53 -43.89 32.99 -2.68
C GLY A 53 -44.84 31.98 -2.07
N HIS A 54 -45.74 32.51 -1.26
CA HIS A 54 -46.78 31.72 -0.64
C HIS A 54 -48.14 32.15 -1.19
N GLN A 55 -49.13 31.29 -1.00
CA GLN A 55 -50.50 31.60 -1.38
C GLN A 55 -51.18 32.55 -0.40
N SER A 56 -50.42 33.13 0.52
CA SER A 56 -50.97 33.97 1.57
C SER A 56 -49.84 34.85 2.10
N GLU A 57 -50.22 35.87 2.88
CA GLU A 57 -49.26 36.79 3.46
C GLU A 57 -48.14 36.04 4.18
N VAL A 58 -46.90 36.35 3.81
CA VAL A 58 -45.77 35.73 4.51
C VAL A 58 -45.56 36.51 5.81
N THR A 59 -45.52 35.77 6.93
CA THR A 59 -45.52 36.37 8.24
C THR A 59 -44.17 36.28 8.94
N ALA A 60 -43.23 35.49 8.43
CA ALA A 60 -41.97 35.30 9.12
C ALA A 60 -40.91 34.84 8.12
N LEU A 61 -39.69 35.31 8.33
CA LEU A 61 -38.54 34.94 7.50
C LEU A 61 -37.35 34.65 8.40
N GLN A 62 -36.59 33.62 8.05
CA GLN A 62 -35.28 33.37 8.63
C GLN A 62 -34.31 33.03 7.51
N PHE A 63 -33.08 33.54 7.63
CA PHE A 63 -32.09 33.44 6.56
C PHE A 63 -30.73 33.16 7.19
N LYS A 64 -30.16 32.01 6.87
CA LYS A 64 -28.92 31.57 7.51
C LYS A 64 -28.24 30.54 6.62
N ASP A 65 -26.98 30.80 6.27
CA ASP A 65 -26.13 29.85 5.54
C ASP A 65 -26.81 29.36 4.26
N ASN A 66 -27.17 30.33 3.41
CA ASN A 66 -27.76 30.09 2.09
C ASN A 66 -29.14 29.44 2.16
N ILE A 67 -29.73 29.32 3.35
CA ILE A 67 -31.02 28.65 3.52
C ILE A 67 -32.01 29.64 4.11
N VAL A 68 -33.19 29.72 3.49
CA VAL A 68 -34.27 30.60 3.92
C VAL A 68 -35.44 29.75 4.38
N VAL A 69 -36.01 30.10 5.54
CA VAL A 69 -37.26 29.53 6.01
C VAL A 69 -38.30 30.65 6.04
N SER A 70 -39.44 30.40 5.40
CA SER A 70 -40.51 31.38 5.30
C SER A 70 -41.83 30.76 5.74
N GLY A 71 -42.63 31.55 6.45
CA GLY A 71 -43.93 31.10 6.91
C GLY A 71 -45.02 32.06 6.51
N ALA A 72 -46.22 31.52 6.30
CA ALA A 72 -47.32 32.29 5.76
C ALA A 72 -48.55 32.17 6.65
N LYS A 73 -49.52 33.06 6.40
CA LYS A 73 -50.76 33.07 7.17
C LYS A 73 -51.63 31.85 6.89
N ASP A 74 -51.37 31.12 5.82
CA ASP A 74 -52.09 29.88 5.55
C ASP A 74 -51.48 28.67 6.25
N GLY A 75 -50.47 28.89 7.08
CA GLY A 75 -49.85 27.82 7.83
C GLY A 75 -48.70 27.10 7.15
N THR A 76 -48.32 27.52 5.95
CA THR A 76 -47.22 26.87 5.25
C THR A 76 -45.87 27.34 5.79
N VAL A 77 -44.93 26.40 5.87
CA VAL A 77 -43.55 26.70 6.20
C VAL A 77 -42.68 26.08 5.11
N LYS A 78 -41.87 26.91 4.45
CA LYS A 78 -41.04 26.45 3.34
C LYS A 78 -39.57 26.67 3.65
N VAL A 79 -38.75 25.74 3.18
CA VAL A 79 -37.30 25.76 3.35
C VAL A 79 -36.68 25.71 1.97
N TRP A 80 -35.99 26.78 1.57
CA TRP A 80 -35.50 26.86 0.20
C TRP A 80 -34.10 27.47 0.14
N TYR A 81 -33.46 27.23 -1.01
CA TYR A 81 -32.09 27.66 -1.27
C TYR A 81 -32.08 29.08 -1.83
N ILE A 82 -31.26 29.94 -1.23
CA ILE A 82 -31.27 31.36 -1.58
C ILE A 82 -30.91 31.57 -3.04
N GLY A 83 -29.99 30.74 -3.58
CA GLY A 83 -29.47 31.00 -4.90
C GLY A 83 -30.46 30.73 -6.01
N THR A 84 -31.40 29.79 -5.80
CA THR A 84 -32.32 29.37 -6.83
C THR A 84 -33.79 29.50 -6.44
N GLY A 85 -34.10 29.76 -5.16
CA GLY A 85 -35.46 29.76 -4.71
C GLY A 85 -36.11 28.39 -4.64
N GLN A 86 -35.38 27.32 -4.95
CA GLN A 86 -35.96 25.99 -5.01
C GLN A 86 -36.09 25.40 -3.61
N GLU A 87 -37.20 24.70 -3.39
CA GLU A 87 -37.43 24.08 -2.09
C GLU A 87 -36.43 22.98 -1.85
N LEU A 88 -35.77 23.03 -0.69
CA LEU A 88 -34.87 21.97 -0.30
C LEU A 88 -35.60 20.77 0.28
N VAL A 89 -36.70 21.03 1.00
CA VAL A 89 -37.37 20.01 1.77
C VAL A 89 -38.80 20.45 2.00
N SER A 90 -39.68 19.51 2.30
CA SER A 90 -41.11 19.77 2.46
C SER A 90 -41.51 19.62 3.92
N LEU A 91 -42.14 20.65 4.47
CA LEU A 91 -42.68 20.62 5.82
C LEU A 91 -44.20 20.61 5.77
N GLU A 92 -44.81 19.89 6.72
CA GLU A 92 -46.27 19.84 6.76
C GLU A 92 -46.86 21.18 7.15
N GLY A 93 -46.20 21.91 8.03
CA GLY A 93 -46.72 23.18 8.49
C GLY A 93 -47.74 23.01 9.61
N HIS A 94 -48.56 24.03 9.77
CA HIS A 94 -49.61 24.06 10.78
C HIS A 94 -50.96 24.20 10.09
N GLN A 95 -52.03 23.90 10.84
CA GLN A 95 -53.39 24.20 10.40
C GLN A 95 -53.86 25.55 10.88
N SER A 96 -52.93 26.47 11.11
CA SER A 96 -53.22 27.82 11.57
C SER A 96 -52.10 28.72 11.07
N ALA A 97 -52.35 30.03 11.09
CA ALA A 97 -51.39 30.98 10.57
C ALA A 97 -50.07 30.88 11.32
N ILE A 98 -48.96 31.00 10.58
CA ILE A 98 -47.64 31.07 11.21
C ILE A 98 -47.49 32.45 11.85
N THR A 99 -47.11 32.46 13.13
CA THR A 99 -46.93 33.71 13.84
C THR A 99 -45.50 33.93 14.33
N ALA A 100 -44.65 32.91 14.31
CA ALA A 100 -43.28 33.07 14.76
C ALA A 100 -42.42 31.98 14.14
N LEU A 101 -41.20 32.34 13.77
CA LEU A 101 -40.23 31.41 13.20
C LEU A 101 -38.87 31.61 13.86
N ALA A 102 -38.19 30.51 14.14
CA ALA A 102 -36.84 30.55 14.66
C ALA A 102 -36.02 29.47 13.98
N PHE A 103 -34.78 29.79 13.65
CA PHE A 103 -33.91 28.94 12.84
C PHE A 103 -32.53 28.94 13.47
N SER A 104 -32.10 27.78 13.98
CA SER A 104 -30.81 27.67 14.65
C SER A 104 -30.21 26.31 14.35
N LYS A 105 -28.96 26.32 13.87
CA LYS A 105 -28.27 25.10 13.41
C LYS A 105 -29.12 24.51 12.30
N ASN A 106 -29.46 23.23 12.34
CA ASN A 106 -30.31 22.62 11.33
C ASN A 106 -31.73 22.38 11.83
N ILE A 107 -32.19 23.22 12.76
CA ILE A 107 -33.48 23.07 13.40
C ILE A 107 -34.32 24.31 13.13
N VAL A 108 -35.57 24.11 12.70
CA VAL A 108 -36.55 25.18 12.53
C VAL A 108 -37.65 24.96 13.56
N VAL A 109 -37.96 26.02 14.31
CA VAL A 109 -39.10 26.02 15.24
C VAL A 109 -40.12 27.04 14.74
N SER A 110 -41.37 26.60 14.60
CA SER A 110 -42.44 27.45 14.12
C SER A 110 -43.56 27.54 15.15
N GLY A 111 -44.18 28.71 15.23
CA GLY A 111 -45.31 28.92 16.11
C GLY A 111 -46.50 29.45 15.34
N ALA A 112 -47.69 29.05 15.81
CA ALA A 112 -48.92 29.31 15.06
C ALA A 112 -49.95 30.01 15.93
N ALA A 113 -50.97 30.56 15.26
CA ALA A 113 -52.03 31.30 15.94
C ALA A 113 -52.87 30.40 16.84
N ASP A 114 -52.91 29.10 16.59
CA ASP A 114 -53.62 28.18 17.45
C ASP A 114 -52.80 27.73 18.66
N GLY A 115 -51.59 28.26 18.82
CA GLY A 115 -50.76 27.93 19.96
C GLY A 115 -49.80 26.78 19.74
N THR A 116 -49.92 26.04 18.64
CA THR A 116 -49.05 24.90 18.40
C THR A 116 -47.63 25.36 18.11
N ILE A 117 -46.67 24.53 18.50
CA ILE A 117 -45.25 24.77 18.23
C ILE A 117 -44.65 23.49 17.68
N LYS A 118 -44.00 23.59 16.53
CA LYS A 118 -43.46 22.44 15.83
C LYS A 118 -41.97 22.62 15.57
N VAL A 119 -41.23 21.53 15.72
CA VAL A 119 -39.77 21.52 15.59
C VAL A 119 -39.41 20.66 14.39
N TRP A 120 -38.74 21.25 13.41
CA TRP A 120 -38.45 20.59 12.14
C TRP A 120 -36.95 20.41 11.94
N ASP A 121 -36.60 19.31 11.27
CA ASP A 121 -35.25 19.07 10.81
C ASP A 121 -35.17 19.50 9.35
N ILE A 122 -34.35 20.51 9.07
CA ILE A 122 -34.24 21.01 7.69
C ILE A 122 -33.51 20.05 6.75
N LEU A 123 -32.82 19.05 7.30
CA LEU A 123 -32.14 18.09 6.44
C LEU A 123 -33.14 17.16 5.78
N THR A 124 -34.11 16.66 6.54
CA THR A 124 -35.07 15.68 6.05
C THR A 124 -36.50 16.21 5.99
N GLY A 125 -36.80 17.32 6.65
CA GLY A 125 -38.17 17.80 6.74
C GLY A 125 -39.03 17.10 7.74
N GLN A 126 -38.47 16.13 8.47
CA GLN A 126 -39.25 15.34 9.42
C GLN A 126 -39.63 16.18 10.63
N LEU A 127 -40.87 16.01 11.09
CA LEU A 127 -41.33 16.63 12.32
C LEU A 127 -40.62 15.98 13.51
N LEU A 128 -39.73 16.73 14.15
CA LEU A 128 -39.00 16.18 15.29
C LEU A 128 -39.84 16.22 16.56
N ARG A 129 -40.44 17.38 16.86
CA ARG A 129 -41.25 17.55 18.05
C ARG A 129 -42.52 18.30 17.68
N ASP A 130 -43.64 17.90 18.28
CA ASP A 130 -44.93 18.46 17.97
C ASP A 130 -45.79 18.47 19.23
N HIS A 131 -46.37 19.62 19.54
CA HIS A 131 -47.31 19.73 20.65
C HIS A 131 -48.22 20.93 20.40
N ASP A 132 -49.30 21.00 21.19
CA ASP A 132 -50.22 22.13 21.10
C ASP A 132 -49.71 23.36 21.86
N GLY A 133 -48.57 23.25 22.55
CA GLY A 133 -47.85 24.39 23.06
C GLY A 133 -48.57 25.26 24.08
N HIS A 134 -49.10 26.39 23.61
CA HIS A 134 -49.75 27.35 24.50
C HIS A 134 -51.27 27.31 24.45
N GLN A 135 -51.85 26.76 23.37
CA GLN A 135 -53.28 26.88 23.12
C GLN A 135 -53.70 28.35 23.14
N SER A 136 -52.80 29.20 22.63
CA SER A 136 -52.97 30.63 22.56
C SER A 136 -51.94 31.12 21.55
N GLU A 137 -52.30 32.13 20.76
CA GLU A 137 -51.46 32.56 19.65
C GLU A 137 -50.03 32.84 20.10
N VAL A 138 -49.07 32.14 19.50
CA VAL A 138 -47.67 32.35 19.81
C VAL A 138 -47.24 33.71 19.25
N THR A 139 -46.86 34.62 20.14
CA THR A 139 -46.52 35.97 19.71
C THR A 139 -45.02 36.22 19.57
N ALA A 140 -44.18 35.34 20.12
CA ALA A 140 -42.74 35.56 20.08
C ALA A 140 -42.03 34.24 20.32
N LEU A 141 -40.96 34.01 19.56
CA LEU A 141 -40.17 32.78 19.65
C LEU A 141 -38.70 33.12 19.73
N GLN A 142 -37.99 32.49 20.66
CA GLN A 142 -36.55 32.61 20.78
C GLN A 142 -35.97 31.21 20.87
N PHE A 143 -34.94 30.94 20.06
CA PHE A 143 -34.38 29.60 19.95
C PHE A 143 -32.86 29.72 19.93
N LYS A 144 -32.21 29.24 20.98
CA LYS A 144 -30.77 29.36 21.11
C LYS A 144 -30.26 28.23 21.99
N ASP A 145 -29.29 27.47 21.47
CA ASP A 145 -28.61 26.41 22.23
C ASP A 145 -29.59 25.37 22.74
N ASN A 146 -30.40 24.84 21.83
CA ASN A 146 -31.35 23.76 22.11
C ASN A 146 -32.41 24.15 23.12
N ILE A 147 -32.66 25.44 23.31
CA ILE A 147 -33.68 25.93 24.23
C ILE A 147 -34.62 26.84 23.46
N VAL A 148 -35.92 26.52 23.51
CA VAL A 148 -36.96 27.31 22.87
C VAL A 148 -37.71 28.07 23.95
N VAL A 149 -37.82 29.39 23.78
CA VAL A 149 -38.62 30.24 24.64
C VAL A 149 -39.72 30.86 23.80
N SER A 150 -40.98 30.71 24.25
CA SER A 150 -42.13 31.16 23.49
C SER A 150 -43.06 31.97 24.37
N GLY A 151 -43.77 32.91 23.74
CA GLY A 151 -44.77 33.70 24.43
C GLY A 151 -46.05 33.72 23.64
N ALA A 152 -47.17 33.84 24.37
CA ALA A 152 -48.49 33.71 23.78
C ALA A 152 -49.38 34.86 24.22
N LYS A 153 -50.56 34.93 23.58
CA LYS A 153 -51.51 36.01 23.86
C LYS A 153 -52.18 35.88 25.21
N ASP A 154 -52.14 34.70 25.84
CA ASP A 154 -52.69 34.54 27.17
C ASP A 154 -51.71 34.89 28.28
N GLY A 155 -50.52 35.39 27.93
CA GLY A 155 -49.56 35.83 28.91
C GLY A 155 -48.56 34.79 29.36
N THR A 156 -48.66 33.56 28.88
CA THR A 156 -47.74 32.51 29.30
C THR A 156 -46.39 32.67 28.62
N VAL A 157 -45.34 32.24 29.33
CA VAL A 157 -43.99 32.15 28.78
C VAL A 157 -43.49 30.75 29.09
N LYS A 158 -43.12 30.00 28.05
CA LYS A 158 -42.72 28.61 28.20
C LYS A 158 -41.29 28.41 27.71
N VAL A 159 -40.62 27.42 28.31
CA VAL A 159 -39.23 27.10 28.02
C VAL A 159 -39.13 25.60 27.75
N TRP A 160 -38.65 25.23 26.57
CA TRP A 160 -38.50 23.84 26.19
C TRP A 160 -37.05 23.53 25.83
N TYR A 161 -36.56 22.39 26.33
CA TYR A 161 -35.29 21.84 25.88
C TYR A 161 -35.56 20.94 24.67
N ILE A 162 -34.77 21.12 23.62
CA ILE A 162 -34.91 20.36 22.39
C ILE A 162 -33.70 19.45 22.25
N GLY A 163 -33.94 18.14 22.21
CA GLY A 163 -32.86 17.17 22.09
C GLY A 163 -33.34 15.78 21.70
N GLN B 6 -38.75 17.59 28.59
CA GLN B 6 -38.43 18.53 27.52
C GLN B 6 -38.76 19.96 27.92
N GLU B 7 -39.90 20.16 28.58
CA GLU B 7 -40.25 21.47 29.12
C GLU B 7 -39.35 21.76 30.31
N LEU B 8 -38.41 22.67 30.14
CA LEU B 8 -37.38 22.93 31.15
C LEU B 8 -37.98 23.48 32.43
N VAL B 9 -38.47 24.71 32.41
CA VAL B 9 -38.98 25.35 33.61
C VAL B 9 -40.42 25.81 33.39
N SER B 10 -41.03 26.35 34.45
CA SER B 10 -42.38 26.90 34.40
C SER B 10 -42.31 28.35 34.87
N LEU B 11 -42.79 29.26 34.03
CA LEU B 11 -42.76 30.68 34.32
C LEU B 11 -44.18 31.20 34.54
N GLU B 12 -44.33 32.06 35.54
CA GLU B 12 -45.65 32.61 35.86
C GLU B 12 -46.21 33.41 34.69
N GLY B 13 -45.35 34.05 33.91
CA GLY B 13 -45.80 34.85 32.79
C GLY B 13 -46.32 36.21 33.26
N HIS B 14 -47.13 36.81 32.40
CA HIS B 14 -47.72 38.11 32.66
C HIS B 14 -49.24 38.00 32.73
N GLN B 15 -49.87 39.04 33.27
CA GLN B 15 -51.32 39.10 33.32
C GLN B 15 -51.94 39.60 32.02
N SER B 16 -51.13 40.00 31.05
CA SER B 16 -51.60 40.42 29.74
C SER B 16 -50.79 39.72 28.67
N ALA B 17 -51.14 39.99 27.41
CA ALA B 17 -50.55 39.26 26.29
C ALA B 17 -49.07 39.57 26.13
N ILE B 18 -48.29 38.52 25.85
CA ILE B 18 -46.87 38.71 25.56
C ILE B 18 -46.72 39.40 24.21
N THR B 19 -45.94 40.49 24.19
CA THR B 19 -45.71 41.22 22.96
C THR B 19 -44.26 41.19 22.48
N ALA B 20 -43.32 40.81 23.34
CA ALA B 20 -41.92 40.81 22.94
C ALA B 20 -41.15 39.85 23.82
N LEU B 21 -40.17 39.16 23.23
CA LEU B 21 -39.34 38.19 23.92
C LEU B 21 -37.88 38.44 23.57
N ALA B 22 -37.00 38.16 24.53
CA ALA B 22 -35.57 38.26 24.31
C ALA B 22 -34.87 37.26 25.21
N PHE B 23 -33.76 36.70 24.71
CA PHE B 23 -33.13 35.55 25.34
C PHE B 23 -31.62 35.64 25.11
N SER B 24 -30.87 35.78 26.20
CA SER B 24 -29.41 35.84 26.13
C SER B 24 -28.83 35.13 27.34
N LYS B 25 -27.82 34.29 27.09
CA LYS B 25 -27.22 33.43 28.12
C LYS B 25 -28.33 32.60 28.73
N ASN B 26 -28.56 32.65 30.04
CA ASN B 26 -29.63 31.88 30.67
C ASN B 26 -30.69 32.79 31.29
N ILE B 27 -30.91 33.95 30.67
CA ILE B 27 -31.87 34.93 31.15
C ILE B 27 -32.87 35.21 30.02
N VAL B 28 -34.16 35.24 30.37
CA VAL B 28 -35.22 35.57 29.44
C VAL B 28 -35.87 36.87 29.90
N VAL B 29 -36.06 37.80 28.96
CA VAL B 29 -36.80 39.03 29.21
C VAL B 29 -38.10 38.97 28.42
N SER B 30 -39.21 39.24 29.08
CA SER B 30 -40.53 39.22 28.45
C SER B 30 -41.20 40.56 28.64
N GLY B 31 -41.91 41.00 27.60
CA GLY B 31 -42.69 42.22 27.68
C GLY B 31 -44.12 41.96 27.27
N ALA B 32 -45.04 42.70 27.90
CA ALA B 32 -46.46 42.43 27.77
C ALA B 32 -47.20 43.68 27.31
N ALA B 33 -48.48 43.48 26.97
CA ALA B 33 -49.31 44.56 26.44
C ALA B 33 -49.63 45.63 27.48
N ASP B 34 -49.50 45.31 28.77
CA ASP B 34 -49.76 46.28 29.82
C ASP B 34 -48.52 47.08 30.19
N GLY B 35 -47.42 46.94 29.44
CA GLY B 35 -46.20 47.67 29.70
C GLY B 35 -45.23 46.98 30.63
N THR B 36 -45.62 45.87 31.26
CA THR B 36 -44.74 45.20 32.20
C THR B 36 -43.62 44.47 31.47
N ILE B 37 -42.46 44.44 32.12
CA ILE B 37 -41.29 43.72 31.63
C ILE B 37 -40.77 42.86 32.77
N LYS B 38 -40.61 41.57 32.52
CA LYS B 38 -40.16 40.63 33.54
C LYS B 38 -38.88 39.93 33.09
N VAL B 39 -37.99 39.68 34.05
CA VAL B 39 -36.69 39.07 33.78
C VAL B 39 -36.66 37.72 34.50
N TRP B 40 -36.41 36.65 33.75
CA TRP B 40 -36.48 35.29 34.26
C TRP B 40 -35.12 34.61 34.18
N ASP B 41 -34.87 33.72 35.13
CA ASP B 41 -33.70 32.86 35.14
C ASP B 41 -34.08 31.52 34.54
N ILE B 42 -33.45 31.17 33.41
CA ILE B 42 -33.78 29.92 32.73
C ILE B 42 -33.52 28.73 33.64
N LEU B 43 -32.44 28.78 34.41
CA LEU B 43 -32.05 27.65 35.26
C LEU B 43 -33.04 27.41 36.39
N THR B 44 -33.12 28.35 37.34
CA THR B 44 -34.00 28.16 38.50
C THR B 44 -35.47 28.26 38.10
N GLY B 45 -35.79 29.06 37.09
CA GLY B 45 -37.17 29.33 36.75
C GLY B 45 -37.82 30.44 37.55
N GLN B 46 -37.06 31.09 38.43
CA GLN B 46 -37.63 32.13 39.29
C GLN B 46 -37.66 33.46 38.55
N LEU B 47 -38.56 34.33 39.00
CA LEU B 47 -38.64 35.70 38.50
C LEU B 47 -37.51 36.52 39.11
N LEU B 48 -36.59 37.00 38.27
CA LEU B 48 -35.46 37.76 38.79
C LEU B 48 -35.90 39.14 39.26
N ARG B 49 -36.67 39.85 38.43
CA ARG B 49 -37.15 41.17 38.82
C ARG B 49 -38.31 41.59 37.93
N ASP B 50 -39.14 42.49 38.47
CA ASP B 50 -40.14 43.22 37.69
C ASP B 50 -39.50 44.55 37.30
N HIS B 51 -39.17 44.70 36.02
CA HIS B 51 -38.61 45.95 35.55
C HIS B 51 -39.65 47.06 35.66
N ASP B 52 -39.16 48.31 35.68
CA ASP B 52 -40.06 49.45 35.73
C ASP B 52 -41.03 49.46 34.55
N GLY B 53 -40.64 48.83 33.44
CA GLY B 53 -41.47 48.77 32.27
C GLY B 53 -41.67 50.14 31.64
N HIS B 54 -42.65 50.19 30.75
CA HIS B 54 -43.07 51.43 30.11
C HIS B 54 -44.53 51.71 30.47
N GLN B 55 -44.90 52.98 30.39
CA GLN B 55 -46.29 53.36 30.60
C GLN B 55 -47.18 53.02 29.41
N SER B 56 -46.63 52.36 28.39
CA SER B 56 -47.36 51.90 27.22
C SER B 56 -46.99 50.46 26.97
N GLU B 57 -47.69 49.84 26.02
CA GLU B 57 -47.38 48.46 25.65
C GLU B 57 -45.98 48.38 25.03
N VAL B 58 -45.16 47.49 25.57
CA VAL B 58 -43.82 47.28 25.02
C VAL B 58 -43.95 46.51 23.72
N THR B 59 -43.35 47.06 22.66
CA THR B 59 -43.53 46.52 21.32
C THR B 59 -42.31 45.81 20.77
N ALA B 60 -41.14 45.98 21.38
CA ALA B 60 -39.92 45.37 20.87
C ALA B 60 -38.93 45.21 22.00
N LEU B 61 -38.11 44.17 21.90
CA LEU B 61 -37.09 43.85 22.89
C LEU B 61 -35.83 43.39 22.21
N GLN B 62 -34.68 43.90 22.66
CA GLN B 62 -33.37 43.44 22.23
C GLN B 62 -32.50 43.23 23.47
N PHE B 63 -31.84 42.08 23.56
CA PHE B 63 -31.07 41.72 24.74
C PHE B 63 -29.75 41.11 24.27
N LYS B 64 -28.65 41.79 24.62
CA LYS B 64 -27.34 41.38 24.14
C LYS B 64 -26.27 41.93 25.07
N ASP B 65 -25.35 41.06 25.50
CA ASP B 65 -24.20 41.45 26.31
C ASP B 65 -24.62 42.24 27.55
N ASN B 66 -25.55 41.67 28.31
CA ASN B 66 -26.08 42.21 29.56
C ASN B 66 -26.87 43.51 29.38
N ILE B 67 -27.13 43.94 28.14
CA ILE B 67 -27.83 45.18 27.87
C ILE B 67 -29.16 44.87 27.20
N VAL B 68 -30.24 45.43 27.73
CA VAL B 68 -31.57 45.25 27.18
C VAL B 68 -32.05 46.58 26.61
N VAL B 69 -32.62 46.53 25.40
CA VAL B 69 -33.22 47.70 24.76
C VAL B 69 -34.70 47.38 24.56
N SER B 70 -35.58 48.20 25.14
CA SER B 70 -37.02 47.99 25.07
C SER B 70 -37.69 49.22 24.48
N GLY B 71 -38.63 48.98 23.56
CA GLY B 71 -39.45 50.03 22.97
C GLY B 71 -40.92 49.85 23.29
N ALA B 72 -41.68 50.95 23.27
CA ALA B 72 -43.08 50.91 23.66
C ALA B 72 -43.91 51.75 22.70
N LYS B 73 -45.24 51.63 22.85
CA LYS B 73 -46.16 52.31 21.93
C LYS B 73 -46.20 53.82 22.13
N ASP B 74 -45.78 54.31 23.31
CA ASP B 74 -45.69 55.75 23.50
C ASP B 74 -44.44 56.35 22.86
N GLY B 75 -43.60 55.54 22.21
CA GLY B 75 -42.43 56.02 21.52
C GLY B 75 -41.15 56.01 22.34
N THR B 76 -41.19 55.50 23.56
CA THR B 76 -40.00 55.49 24.40
C THR B 76 -39.12 54.29 24.08
N VAL B 77 -37.81 54.54 24.01
CA VAL B 77 -36.80 53.50 23.90
C VAL B 77 -35.89 53.60 25.11
N LYS B 78 -35.72 52.48 25.83
CA LYS B 78 -34.94 52.46 27.05
C LYS B 78 -33.81 51.45 26.96
N VAL B 79 -32.65 51.83 27.48
CA VAL B 79 -31.45 51.00 27.49
C VAL B 79 -31.06 50.77 28.95
N TRP B 80 -31.08 49.51 29.38
CA TRP B 80 -30.86 49.24 30.80
C TRP B 80 -30.07 47.94 31.00
N TYR B 81 -29.53 47.81 32.20
CA TYR B 81 -28.67 46.70 32.60
C TYR B 81 -29.52 45.53 33.08
N ILE B 82 -29.19 44.33 32.61
CA ILE B 82 -30.04 43.17 32.88
C ILE B 82 -30.01 42.80 34.36
N GLY B 83 -28.87 42.98 35.04
CA GLY B 83 -28.75 42.50 36.40
C GLY B 83 -29.52 43.33 37.40
N THR B 84 -29.61 44.65 37.16
CA THR B 84 -30.25 45.56 38.09
C THR B 84 -31.54 46.18 37.56
N GLY B 85 -31.74 46.18 36.24
CA GLY B 85 -32.85 46.89 35.65
C GLY B 85 -32.66 48.39 35.55
N GLN B 86 -31.53 48.93 36.03
CA GLN B 86 -31.31 50.36 36.03
C GLN B 86 -30.96 50.85 34.63
N GLU B 87 -31.50 52.01 34.28
CA GLU B 87 -31.23 52.60 32.98
C GLU B 87 -29.80 53.12 32.93
N LEU B 88 -29.09 52.75 31.87
CA LEU B 88 -27.70 53.18 31.74
C LEU B 88 -27.59 54.55 31.08
N VAL B 89 -28.37 54.80 30.03
CA VAL B 89 -28.31 56.05 29.30
C VAL B 89 -29.74 56.43 28.92
N SER B 90 -29.93 57.68 28.46
CA SER B 90 -31.24 58.20 28.10
C SER B 90 -31.36 58.41 26.59
N LEU B 91 -32.42 57.86 26.00
CA LEU B 91 -32.78 58.07 24.60
C LEU B 91 -34.03 58.92 24.53
N GLU B 92 -34.03 59.94 23.68
CA GLU B 92 -35.21 60.80 23.57
C GLU B 92 -36.36 60.12 22.82
N GLY B 93 -36.07 59.08 22.05
CA GLY B 93 -37.12 58.25 21.49
C GLY B 93 -37.74 58.81 20.24
N HIS B 94 -38.98 58.37 19.99
CA HIS B 94 -39.76 58.77 18.83
C HIS B 94 -41.03 59.48 19.29
N GLN B 95 -41.67 60.16 18.34
CA GLN B 95 -42.94 60.83 18.60
C GLN B 95 -44.15 59.94 18.33
N SER B 96 -43.94 58.76 17.75
CA SER B 96 -45.00 57.80 17.50
C SER B 96 -44.55 56.44 18.03
N ALA B 97 -45.39 55.43 17.82
CA ALA B 97 -45.16 54.12 18.42
C ALA B 97 -43.92 53.45 17.87
N ILE B 98 -43.13 52.85 18.76
CA ILE B 98 -42.00 52.04 18.34
C ILE B 98 -42.53 50.77 17.68
N THR B 99 -42.02 50.47 16.49
CA THR B 99 -42.49 49.31 15.76
C THR B 99 -41.38 48.33 15.38
N ALA B 100 -40.11 48.70 15.54
CA ALA B 100 -39.01 47.80 15.22
C ALA B 100 -37.76 48.26 15.94
N LEU B 101 -37.00 47.29 16.46
CA LEU B 101 -35.75 47.55 17.16
C LEU B 101 -34.67 46.62 16.61
N ALA B 102 -33.46 47.17 16.46
CA ALA B 102 -32.31 46.38 16.04
C ALA B 102 -31.09 46.82 16.85
N PHE B 103 -30.32 45.83 17.31
CA PHE B 103 -29.24 46.05 18.26
C PHE B 103 -28.01 45.30 17.77
N SER B 104 -27.02 46.03 17.27
CA SER B 104 -25.78 45.43 16.78
C SER B 104 -24.60 46.22 17.34
N LYS B 105 -23.65 45.50 17.96
CA LYS B 105 -22.54 46.10 18.68
C LYS B 105 -23.06 47.08 19.70
N ASN B 106 -22.64 48.35 19.61
CA ASN B 106 -23.08 49.39 20.53
C ASN B 106 -24.04 50.38 19.87
N ILE B 107 -24.74 49.95 18.82
CA ILE B 107 -25.67 50.80 18.09
C ILE B 107 -27.07 50.19 18.18
N VAL B 108 -28.06 51.05 18.43
CA VAL B 108 -29.47 50.67 18.40
C VAL B 108 -30.13 51.44 17.27
N VAL B 109 -30.90 50.72 16.45
CA VAL B 109 -31.71 51.32 15.39
C VAL B 109 -33.18 51.08 15.73
N SER B 110 -33.96 52.15 15.76
CA SER B 110 -35.38 52.08 16.10
C SER B 110 -36.21 52.65 14.96
N GLY B 111 -37.32 51.96 14.66
CA GLY B 111 -38.27 52.43 13.68
C GLY B 111 -39.63 52.65 14.34
N ALA B 112 -40.36 53.63 13.83
CA ALA B 112 -41.60 54.06 14.46
C ALA B 112 -42.76 53.99 13.47
N ALA B 113 -43.97 54.18 14.01
CA ALA B 113 -45.18 54.15 13.19
C ALA B 113 -45.28 55.34 12.25
N ASP B 114 -44.58 56.43 12.54
CA ASP B 114 -44.54 57.58 11.62
C ASP B 114 -43.49 57.42 10.54
N GLY B 115 -42.82 56.27 10.48
CA GLY B 115 -41.84 56.01 9.45
C GLY B 115 -40.43 56.48 9.75
N THR B 116 -40.20 57.11 10.89
CA THR B 116 -38.88 57.61 11.22
C THR B 116 -37.96 56.47 11.62
N ILE B 117 -36.68 56.59 11.25
CA ILE B 117 -35.65 55.64 11.66
C ILE B 117 -34.57 56.43 12.39
N LYS B 118 -34.28 56.03 13.63
CA LYS B 118 -33.32 56.72 14.46
C LYS B 118 -32.20 55.76 14.86
N VAL B 119 -30.98 56.29 14.93
CA VAL B 119 -29.78 55.52 15.21
C VAL B 119 -29.14 56.07 16.48
N TRP B 120 -28.94 55.20 17.47
CA TRP B 120 -28.50 55.64 18.79
C TRP B 120 -27.19 54.97 19.19
N ASP B 121 -26.38 55.72 19.93
CA ASP B 121 -25.21 55.19 20.61
C ASP B 121 -25.60 54.84 22.04
N ILE B 122 -25.51 53.56 22.39
CA ILE B 122 -25.89 53.13 23.75
C ILE B 122 -24.87 53.54 24.80
N LEU B 123 -23.68 53.98 24.39
CA LEU B 123 -22.69 54.41 25.36
C LEU B 123 -23.02 55.81 25.87
N THR B 124 -23.50 56.69 25.00
CA THR B 124 -23.78 58.08 25.37
C THR B 124 -25.25 58.44 25.31
N GLY B 125 -26.09 57.64 24.64
CA GLY B 125 -27.46 58.03 24.38
C GLY B 125 -27.64 59.01 23.26
N GLN B 126 -26.56 59.39 22.58
CA GLN B 126 -26.63 60.43 21.56
C GLN B 126 -27.29 59.90 20.29
N LEU B 127 -28.15 60.73 19.71
CA LEU B 127 -28.77 60.43 18.41
C LEU B 127 -27.71 60.57 17.32
N LEU B 128 -27.26 59.44 16.77
CA LEU B 128 -26.22 59.48 15.75
C LEU B 128 -26.78 59.87 14.39
N ARG B 129 -27.88 59.24 13.98
CA ARG B 129 -28.52 59.53 12.70
C ARG B 129 -30.02 59.63 12.91
N ASP B 130 -30.68 60.43 12.04
CA ASP B 130 -32.11 60.71 12.21
C ASP B 130 -32.71 60.90 10.80
N HIS B 131 -33.04 59.79 10.15
CA HIS B 131 -33.63 59.83 8.83
C HIS B 131 -35.14 59.96 8.91
N ASP B 132 -35.72 60.58 7.87
CA ASP B 132 -37.17 60.59 7.74
C ASP B 132 -37.70 59.21 7.38
N GLY B 133 -36.87 58.37 6.76
CA GLY B 133 -37.20 56.98 6.54
C GLY B 133 -38.26 56.73 5.48
N HIS B 134 -39.43 56.30 5.92
CA HIS B 134 -40.50 55.90 5.03
C HIS B 134 -41.72 56.80 5.22
N GLN B 135 -42.61 56.78 4.22
CA GLN B 135 -43.87 57.50 4.26
C GLN B 135 -44.97 56.68 4.92
N SER B 136 -44.61 55.60 5.61
CA SER B 136 -45.57 54.76 6.31
C SER B 136 -44.83 54.09 7.47
N GLU B 137 -45.58 53.28 8.23
CA GLU B 137 -45.02 52.66 9.43
C GLU B 137 -43.90 51.69 9.08
N VAL B 138 -42.80 51.77 9.83
CA VAL B 138 -41.69 50.83 9.67
C VAL B 138 -42.08 49.50 10.28
N THR B 139 -42.07 48.45 9.48
CA THR B 139 -42.54 47.14 9.93
C THR B 139 -41.41 46.14 10.16
N ALA B 140 -40.19 46.45 9.75
CA ALA B 140 -39.12 45.47 9.88
C ALA B 140 -37.77 46.19 9.83
N LEU B 141 -36.82 45.67 10.60
CA LEU B 141 -35.47 46.23 10.66
C LEU B 141 -34.46 45.09 10.73
N GLN B 142 -33.40 45.20 9.94
CA GLN B 142 -32.26 44.30 10.00
C GLN B 142 -31.00 45.15 10.03
N PHE B 143 -30.13 44.89 11.00
CA PHE B 143 -28.94 45.69 11.23
C PHE B 143 -27.74 44.76 11.34
N LYS B 144 -26.80 44.89 10.40
CA LYS B 144 -25.63 44.02 10.39
C LYS B 144 -24.49 44.75 9.67
N ASP B 145 -23.34 44.86 10.35
CA ASP B 145 -22.12 45.42 9.77
C ASP B 145 -22.34 46.84 9.25
N ASN B 146 -22.92 47.69 10.10
CA ASN B 146 -23.17 49.10 9.79
C ASN B 146 -24.06 49.26 8.55
N ILE B 147 -24.94 48.28 8.30
CA ILE B 147 -25.90 48.35 7.22
C ILE B 147 -27.29 48.09 7.80
N VAL B 148 -28.21 49.00 7.57
CA VAL B 148 -29.58 48.91 8.05
C VAL B 148 -30.49 48.65 6.86
N VAL B 149 -31.36 47.65 6.98
CA VAL B 149 -32.39 47.37 5.99
C VAL B 149 -33.74 47.51 6.69
N SER B 150 -34.59 48.38 6.14
CA SER B 150 -35.89 48.68 6.72
C SER B 150 -37.00 48.40 5.72
N GLY B 151 -38.14 47.97 6.23
CA GLY B 151 -39.32 47.80 5.42
C GLY B 151 -40.49 48.54 6.02
N ALA B 152 -41.43 48.93 5.15
CA ALA B 152 -42.55 49.75 5.56
C ALA B 152 -43.85 49.18 5.03
N LYS B 153 -44.97 49.67 5.61
CA LYS B 153 -46.30 49.19 5.26
C LYS B 153 -46.73 49.59 3.86
N ASP B 154 -46.06 50.54 3.23
CA ASP B 154 -46.36 50.90 1.85
C ASP B 154 -45.61 50.04 0.84
N GLY B 155 -44.84 49.06 1.30
CA GLY B 155 -44.11 48.18 0.42
C GLY B 155 -42.68 48.58 0.13
N THR B 156 -42.19 49.67 0.73
CA THR B 156 -40.85 50.13 0.45
C THR B 156 -39.83 49.35 1.27
N VAL B 157 -38.65 49.14 0.66
CA VAL B 157 -37.51 48.53 1.32
C VAL B 157 -36.30 49.42 1.05
N LYS B 158 -35.65 49.89 2.10
CA LYS B 158 -34.54 50.81 1.97
C LYS B 158 -33.30 50.23 2.66
N VAL B 159 -32.13 50.60 2.13
CA VAL B 159 -30.84 50.17 2.65
C VAL B 159 -30.04 51.41 3.04
N TRP B 160 -29.57 51.44 4.28
CA TRP B 160 -28.83 52.59 4.79
C TRP B 160 -27.43 52.17 5.20
N TYR B 161 -26.44 52.93 4.75
CA TYR B 161 -25.09 52.80 5.29
C TYR B 161 -24.96 53.74 6.47
N ILE B 162 -24.40 53.24 7.57
CA ILE B 162 -24.08 54.06 8.73
C ILE B 162 -22.70 53.68 9.27
N MET C 4 -11.20 42.57 -9.56
CA MET C 4 -11.02 41.61 -10.65
C MET C 4 -9.99 40.55 -10.28
N GLY C 5 -10.37 39.29 -10.44
CA GLY C 5 -9.47 38.19 -10.12
C GLY C 5 -8.43 37.97 -11.21
N GLN C 6 -7.22 37.64 -10.77
CA GLN C 6 -6.07 37.45 -11.66
C GLN C 6 -4.96 36.78 -10.86
N GLU C 7 -3.80 36.62 -11.49
CA GLU C 7 -2.63 36.13 -10.77
C GLU C 7 -2.16 37.18 -9.78
N LEU C 8 -1.86 36.74 -8.55
CA LEU C 8 -1.41 37.65 -7.51
C LEU C 8 0.11 37.78 -7.51
N VAL C 9 0.81 36.68 -7.26
CA VAL C 9 2.26 36.66 -7.21
C VAL C 9 2.77 35.45 -7.98
N SER C 10 4.02 35.52 -8.39
CA SER C 10 4.70 34.41 -9.03
C SER C 10 5.61 33.73 -8.03
N LEU C 11 5.58 32.40 -8.01
CA LEU C 11 6.45 31.61 -7.17
C LEU C 11 7.34 30.74 -8.05
N GLU C 12 8.58 30.54 -7.62
CA GLU C 12 9.51 29.73 -8.42
C GLU C 12 9.07 28.27 -8.51
N GLY C 13 8.44 27.76 -7.45
CA GLY C 13 7.99 26.38 -7.46
C GLY C 13 9.11 25.41 -7.12
N HIS C 14 8.85 24.14 -7.44
CA HIS C 14 9.79 23.06 -7.20
C HIS C 14 10.31 22.50 -8.52
N GLN C 15 11.39 21.73 -8.42
CA GLN C 15 11.94 21.09 -9.61
C GLN C 15 11.16 19.85 -10.02
N SER C 16 10.34 19.30 -9.13
CA SER C 16 9.57 18.09 -9.40
C SER C 16 8.11 18.31 -9.02
N ALA C 17 7.29 17.30 -9.30
CA ALA C 17 5.84 17.44 -9.20
C ALA C 17 5.41 17.83 -7.79
N ILE C 18 4.48 18.78 -7.71
CA ILE C 18 3.88 19.16 -6.43
C ILE C 18 3.01 18.01 -5.94
N THR C 19 3.22 17.62 -4.68
CA THR C 19 2.50 16.50 -4.11
C THR C 19 1.70 16.86 -2.86
N ALA C 20 1.89 18.04 -2.29
CA ALA C 20 1.14 18.45 -1.12
C ALA C 20 1.23 19.97 -0.98
N LEU C 21 0.18 20.56 -0.41
CA LEU C 21 0.05 22.01 -0.33
C LEU C 21 -0.68 22.39 0.94
N ALA C 22 -0.18 23.45 1.60
CA ALA C 22 -0.81 23.96 2.81
C ALA C 22 -0.70 25.48 2.81
N PHE C 23 -1.71 26.13 3.39
CA PHE C 23 -1.89 27.58 3.27
C PHE C 23 -2.49 28.08 4.57
N SER C 24 -1.75 28.90 5.31
CA SER C 24 -2.22 29.46 6.58
C SER C 24 -1.68 30.87 6.75
N LYS C 25 -2.56 31.78 7.13
CA LYS C 25 -2.24 33.22 7.21
C LYS C 25 -1.78 33.64 5.83
N ASN C 26 -0.58 34.21 5.67
CA ASN C 26 -0.05 34.59 4.36
C ASN C 26 1.18 33.77 3.98
N ILE C 27 1.24 32.52 4.46
CA ILE C 27 2.37 31.63 4.19
C ILE C 27 1.84 30.37 3.50
N VAL C 28 2.53 29.96 2.44
CA VAL C 28 2.23 28.72 1.73
C VAL C 28 3.39 27.76 1.94
N VAL C 29 3.07 26.50 2.26
CA VAL C 29 4.04 25.43 2.33
C VAL C 29 3.74 24.43 1.22
N SER C 30 4.74 24.12 0.40
CA SER C 30 4.59 23.22 -0.73
C SER C 30 5.55 22.05 -0.60
N GLY C 31 5.09 20.87 -1.03
CA GLY C 31 5.91 19.68 -1.02
C GLY C 31 5.91 19.01 -2.37
N ALA C 32 7.02 18.35 -2.68
CA ALA C 32 7.24 17.83 -4.03
C ALA C 32 7.70 16.37 -3.97
N ALA C 33 7.65 15.73 -5.15
CA ALA C 33 7.95 14.32 -5.27
C ALA C 33 9.41 13.99 -4.99
N ASP C 34 10.30 14.99 -5.07
CA ASP C 34 11.69 14.79 -4.71
C ASP C 34 11.93 14.91 -3.21
N GLY C 35 10.89 15.17 -2.43
CA GLY C 35 11.03 15.30 -0.99
C GLY C 35 11.30 16.69 -0.49
N THR C 36 11.40 17.69 -1.36
CA THR C 36 11.69 19.04 -0.92
C THR C 36 10.43 19.73 -0.41
N ILE C 37 10.62 20.60 0.57
CA ILE C 37 9.55 21.42 1.14
C ILE C 37 9.99 22.87 1.07
N LYS C 38 9.13 23.73 0.52
CA LYS C 38 9.43 25.14 0.38
C LYS C 38 8.37 25.97 1.10
N VAL C 39 8.81 27.11 1.63
CA VAL C 39 7.94 28.02 2.40
C VAL C 39 7.93 29.35 1.67
N TRP C 40 6.74 29.82 1.30
CA TRP C 40 6.57 31.02 0.51
C TRP C 40 5.76 32.07 1.27
N ASP C 41 6.18 33.32 1.15
CA ASP C 41 5.41 34.46 1.64
C ASP C 41 4.57 35.00 0.50
N ILE C 42 3.26 35.09 0.72
CA ILE C 42 2.33 35.44 -0.37
C ILE C 42 2.47 36.92 -0.71
N LEU C 43 2.69 37.76 0.30
CA LEU C 43 2.75 39.20 0.07
C LEU C 43 3.94 39.58 -0.79
N THR C 44 5.12 39.05 -0.48
CA THR C 44 6.34 39.38 -1.22
C THR C 44 6.63 38.40 -2.35
N GLY C 45 5.93 37.27 -2.40
CA GLY C 45 6.16 36.28 -3.45
C GLY C 45 7.51 35.61 -3.37
N GLN C 46 8.22 35.81 -2.26
CA GLN C 46 9.58 35.32 -2.11
C GLN C 46 9.62 34.04 -1.28
N LEU C 47 10.59 33.20 -1.60
CA LEU C 47 10.83 31.99 -0.83
C LEU C 47 11.41 32.36 0.53
N LEU C 48 10.73 31.94 1.60
CA LEU C 48 11.21 32.25 2.94
C LEU C 48 12.33 31.32 3.36
N ARG C 49 12.19 30.02 3.10
CA ARG C 49 13.24 29.07 3.40
C ARG C 49 13.00 27.77 2.66
N ASP C 50 14.09 27.04 2.44
CA ASP C 50 14.03 25.65 2.02
C ASP C 50 14.08 24.78 3.27
N HIS C 51 13.01 24.07 3.56
CA HIS C 51 13.03 23.11 4.66
C HIS C 51 14.03 22.00 4.37
N ASP C 52 14.45 21.31 5.42
CA ASP C 52 15.31 20.14 5.23
C ASP C 52 14.62 19.08 4.38
N GLY C 53 13.30 19.08 4.34
CA GLY C 53 12.56 18.12 3.55
C GLY C 53 12.66 16.72 4.12
N HIS C 54 12.23 15.78 3.30
CA HIS C 54 12.30 14.37 3.62
C HIS C 54 13.19 13.66 2.61
N GLN C 55 13.62 12.45 2.95
CA GLN C 55 14.40 11.63 2.02
C GLN C 55 13.52 10.94 0.99
N SER C 56 12.23 11.27 0.94
CA SER C 56 11.30 10.64 0.02
C SER C 56 10.19 11.64 -0.31
N GLU C 57 9.36 11.28 -1.28
CA GLU C 57 8.29 12.14 -1.74
C GLU C 57 7.41 12.61 -0.58
N VAL C 58 7.20 13.92 -0.50
CA VAL C 58 6.31 14.48 0.51
C VAL C 58 4.87 14.17 0.11
N THR C 59 4.15 13.46 0.97
CA THR C 59 2.82 12.98 0.61
C THR C 59 1.67 13.74 1.28
N ALA C 60 1.93 14.45 2.38
CA ALA C 60 0.86 15.16 3.06
C ALA C 60 1.43 16.34 3.84
N LEU C 61 0.65 17.42 3.89
CA LEU C 61 1.02 18.63 4.62
C LEU C 61 -0.17 19.11 5.42
N GLN C 62 0.06 19.43 6.69
CA GLN C 62 -0.91 20.12 7.53
C GLN C 62 -0.23 21.29 8.19
N PHE C 63 -0.86 22.46 8.11
CA PHE C 63 -0.27 23.72 8.57
C PHE C 63 -1.33 24.46 9.38
N LYS C 64 -1.05 24.70 10.66
CA LYS C 64 -2.02 25.32 11.54
C LYS C 64 -1.31 25.91 12.75
N ASP C 65 -1.58 27.20 13.02
CA ASP C 65 -1.06 27.89 14.21
C ASP C 65 0.45 27.79 14.29
N ASN C 66 1.13 28.22 13.22
CA ASN C 66 2.58 28.30 13.10
C ASN C 66 3.28 26.95 13.09
N ILE C 67 2.53 25.85 13.02
CA ILE C 67 3.10 24.50 13.09
C ILE C 67 2.76 23.76 11.81
N VAL C 68 3.76 23.11 11.22
CA VAL C 68 3.57 22.28 10.04
C VAL C 68 3.84 20.83 10.41
N VAL C 69 2.98 19.94 9.92
CA VAL C 69 3.19 18.49 10.01
C VAL C 69 3.31 17.96 8.59
N SER C 70 4.40 17.27 8.29
CA SER C 70 4.68 16.79 6.96
C SER C 70 4.93 15.29 6.98
N GLY C 71 4.40 14.59 5.98
CA GLY C 71 4.59 13.16 5.86
C GLY C 71 5.17 12.82 4.51
N ALA C 72 5.88 11.69 4.48
CA ALA C 72 6.62 11.30 3.29
C ALA C 72 6.44 9.81 3.01
N LYS C 73 6.80 9.44 1.78
CA LYS C 73 6.63 8.07 1.30
C LYS C 73 7.50 7.07 2.07
N ASP C 74 8.58 7.53 2.71
CA ASP C 74 9.39 6.66 3.56
C ASP C 74 8.78 6.46 4.94
N GLY C 75 7.59 7.00 5.19
CA GLY C 75 6.91 6.82 6.46
C GLY C 75 7.23 7.85 7.52
N THR C 76 8.13 8.79 7.24
CA THR C 76 8.49 9.79 8.24
C THR C 76 7.38 10.82 8.40
N VAL C 77 7.16 11.25 9.64
CA VAL C 77 6.23 12.33 9.96
C VAL C 77 7.00 13.33 10.83
N LYS C 78 7.07 14.58 10.37
CA LYS C 78 7.80 15.62 11.08
C LYS C 78 6.85 16.72 11.54
N VAL C 79 7.17 17.31 12.68
CA VAL C 79 6.42 18.43 13.26
C VAL C 79 7.41 19.56 13.49
N TRP C 80 7.22 20.68 12.79
CA TRP C 80 8.22 21.74 12.83
C TRP C 80 7.57 23.12 12.81
N TYR C 81 8.40 24.11 13.10
CA TYR C 81 7.97 25.50 13.27
C TYR C 81 8.07 26.23 11.94
N ILE C 82 6.99 26.93 11.56
CA ILE C 82 6.94 27.56 10.25
C ILE C 82 7.98 28.67 10.12
N GLY C 83 8.34 29.31 11.23
CA GLY C 83 9.24 30.45 11.15
C GLY C 83 10.68 30.08 10.89
N THR C 84 11.12 28.91 11.38
CA THR C 84 12.51 28.50 11.26
C THR C 84 12.69 27.17 10.55
N GLY C 85 11.65 26.36 10.41
CA GLY C 85 11.78 25.03 9.87
C GLY C 85 12.34 24.01 10.83
N GLN C 86 12.68 24.42 12.06
CA GLN C 86 13.28 23.51 13.03
C GLN C 86 12.22 22.56 13.60
N GLU C 87 12.61 21.30 13.76
CA GLU C 87 11.69 20.29 14.27
C GLU C 87 11.36 20.57 15.73
N LEU C 88 10.06 20.63 16.03
CA LEU C 88 9.63 20.86 17.40
C LEU C 88 9.70 19.60 18.24
N VAL C 89 9.43 18.45 17.63
CA VAL C 89 9.31 17.20 18.37
C VAL C 89 9.60 16.06 17.40
N SER C 90 9.90 14.88 17.95
CA SER C 90 10.33 13.73 17.17
C SER C 90 9.23 12.67 17.17
N LEU C 91 8.79 12.29 15.98
CA LEU C 91 7.76 11.27 15.81
C LEU C 91 8.37 10.00 15.21
N GLU C 92 7.94 8.86 15.74
CA GLU C 92 8.47 7.58 15.29
C GLU C 92 8.11 7.30 13.83
N GLY C 93 6.93 7.72 13.40
CA GLY C 93 6.50 7.50 12.04
C GLY C 93 6.00 6.09 11.80
N HIS C 94 5.86 5.76 10.52
CA HIS C 94 5.35 4.47 10.09
C HIS C 94 6.41 3.69 9.31
N GLN C 95 6.25 2.38 9.29
CA GLN C 95 7.05 1.55 8.39
C GLN C 95 6.68 1.80 6.94
N SER C 96 5.38 1.96 6.66
CA SER C 96 4.88 2.16 5.32
C SER C 96 4.76 3.65 5.00
N ALA C 97 4.49 3.94 3.73
CA ALA C 97 4.36 5.32 3.28
C ALA C 97 3.18 6.00 3.94
N ILE C 98 3.38 7.25 4.35
CA ILE C 98 2.28 8.07 4.83
C ILE C 98 1.35 8.35 3.66
N THR C 99 0.07 8.02 3.83
CA THR C 99 -0.92 8.28 2.80
C THR C 99 -1.99 9.28 3.23
N ALA C 100 -2.03 9.68 4.50
CA ALA C 100 -3.03 10.62 4.97
C ALA C 100 -2.56 11.27 6.26
N LEU C 101 -2.88 12.56 6.42
CA LEU C 101 -2.50 13.32 7.59
C LEU C 101 -3.67 14.18 8.02
N ALA C 102 -3.92 14.21 9.32
CA ALA C 102 -4.97 15.05 9.89
C ALA C 102 -4.44 15.71 11.15
N PHE C 103 -4.68 17.01 11.29
CA PHE C 103 -4.10 17.83 12.35
C PHE C 103 -5.20 18.67 12.95
N SER C 104 -5.61 18.34 14.19
CA SER C 104 -6.67 19.06 14.88
C SER C 104 -6.21 19.31 16.31
N LYS C 105 -6.26 20.57 16.74
CA LYS C 105 -5.78 21.00 18.06
C LYS C 105 -4.33 20.53 18.20
N ASN C 106 -3.96 19.81 19.25
CA ASN C 106 -2.59 19.36 19.44
C ASN C 106 -2.40 17.89 19.12
N ILE C 107 -3.26 17.33 18.27
CA ILE C 107 -3.24 15.91 17.92
C ILE C 107 -2.97 15.78 16.43
N VAL C 108 -2.07 14.87 16.07
CA VAL C 108 -1.81 14.52 14.67
C VAL C 108 -2.21 13.06 14.47
N VAL C 109 -2.96 12.81 13.40
CA VAL C 109 -3.35 11.46 13.00
C VAL C 109 -2.75 11.19 11.62
N SER C 110 -2.05 10.06 11.50
CA SER C 110 -1.41 9.68 10.25
C SER C 110 -1.86 8.29 9.83
N GLY C 111 -2.16 8.15 8.54
CA GLY C 111 -2.50 6.87 7.95
C GLY C 111 -1.42 6.45 6.97
N ALA C 112 -1.21 5.13 6.86
CA ALA C 112 -0.12 4.60 6.07
C ALA C 112 -0.64 3.58 5.06
N ALA C 113 0.22 3.24 4.10
CA ALA C 113 -0.14 2.35 3.02
C ALA C 113 -0.34 0.90 3.47
N ASP C 114 -0.01 0.56 4.72
CA ASP C 114 -0.28 -0.76 5.25
C ASP C 114 -1.56 -0.81 6.07
N GLY C 115 -2.28 0.31 6.19
CA GLY C 115 -3.50 0.35 6.96
C GLY C 115 -3.33 0.77 8.41
N THR C 116 -2.12 1.09 8.84
CA THR C 116 -1.89 1.49 10.22
C THR C 116 -2.30 2.94 10.42
N ILE C 117 -2.90 3.21 11.59
CA ILE C 117 -3.28 4.56 11.98
C ILE C 117 -2.61 4.85 13.32
N LYS C 118 -1.88 5.98 13.38
CA LYS C 118 -1.19 6.38 14.58
C LYS C 118 -1.63 7.78 14.98
N VAL C 119 -1.68 8.02 16.30
CA VAL C 119 -2.18 9.26 16.87
C VAL C 119 -1.08 9.83 17.76
N TRP C 120 -0.60 11.03 17.42
CA TRP C 120 0.54 11.64 18.08
C TRP C 120 0.14 12.92 18.80
N ASP C 121 0.76 13.16 19.95
CA ASP C 121 0.67 14.44 20.64
C ASP C 121 1.84 15.31 20.19
N ILE C 122 1.54 16.43 19.54
CA ILE C 122 2.60 17.29 19.02
C ILE C 122 3.37 17.98 20.12
N LEU C 123 2.84 18.01 21.35
CA LEU C 123 3.55 18.67 22.43
C LEU C 123 4.75 17.83 22.88
N THR C 124 4.60 16.51 22.94
CA THR C 124 5.62 15.63 23.47
C THR C 124 6.14 14.61 22.46
N GLY C 125 5.52 14.49 21.29
CA GLY C 125 5.87 13.43 20.37
C GLY C 125 5.43 12.06 20.79
N GLN C 126 4.72 11.94 21.91
CA GLN C 126 4.31 10.64 22.42
C GLN C 126 3.23 10.04 21.53
N LEU C 127 3.38 8.76 21.22
CA LEU C 127 2.37 8.02 20.47
C LEU C 127 1.19 7.71 21.38
N LEU C 128 0.03 8.27 21.09
CA LEU C 128 -1.15 8.09 21.92
C LEU C 128 -1.93 6.83 21.58
N ARG C 129 -2.08 6.53 20.29
CA ARG C 129 -2.77 5.33 19.85
C ARG C 129 -2.05 4.75 18.65
N ASP C 130 -1.97 3.42 18.60
CA ASP C 130 -1.32 2.71 17.51
C ASP C 130 -2.10 1.41 17.31
N HIS C 131 -2.70 1.25 16.14
CA HIS C 131 -3.46 0.04 15.85
C HIS C 131 -3.45 -0.22 14.35
N ASP C 132 -3.78 -1.45 13.98
CA ASP C 132 -3.96 -1.83 12.58
C ASP C 132 -5.38 -1.43 12.19
N GLY C 133 -5.51 -0.24 11.62
CA GLY C 133 -6.82 0.27 11.28
C GLY C 133 -7.50 -0.52 10.18
N HIS C 134 -6.81 -0.70 9.05
CA HIS C 134 -7.39 -1.34 7.88
C HIS C 134 -6.47 -2.43 7.35
N GLN C 135 -7.08 -3.46 6.79
CA GLN C 135 -6.35 -4.49 6.05
C GLN C 135 -5.97 -4.04 4.65
N SER C 136 -5.94 -2.74 4.41
CA SER C 136 -5.59 -2.18 3.11
C SER C 136 -5.04 -0.77 3.33
N GLU C 137 -4.58 -0.17 2.24
CA GLU C 137 -4.03 1.18 2.31
C GLU C 137 -5.06 2.18 2.81
N VAL C 138 -4.62 3.10 3.65
CA VAL C 138 -5.47 4.19 4.14
C VAL C 138 -5.49 5.26 3.06
N THR C 139 -6.69 5.57 2.54
CA THR C 139 -6.80 6.52 1.44
C THR C 139 -7.31 7.89 1.87
N ALA C 140 -7.92 8.02 3.04
CA ALA C 140 -8.44 9.32 3.44
C ALA C 140 -8.59 9.36 4.95
N LEU C 141 -8.38 10.55 5.51
CA LEU C 141 -8.48 10.79 6.94
C LEU C 141 -9.22 12.10 7.17
N GLN C 142 -10.15 12.08 8.12
CA GLN C 142 -10.84 13.27 8.59
C GLN C 142 -10.86 13.23 10.10
N PHE C 143 -10.55 14.36 10.73
CA PHE C 143 -10.37 14.44 12.17
C PHE C 143 -11.00 15.72 12.69
N LYS C 144 -11.95 15.59 13.62
CA LYS C 144 -12.69 16.72 14.12
C LYS C 144 -13.32 16.35 15.45
N ASP C 145 -13.06 17.17 16.48
CA ASP C 145 -13.69 17.02 17.80
C ASP C 145 -13.47 15.61 18.36
N ASN C 146 -12.22 15.18 18.40
CA ASN C 146 -11.82 13.88 18.95
C ASN C 146 -12.47 12.71 18.22
N ILE C 147 -12.88 12.90 16.97
CA ILE C 147 -13.42 11.82 16.14
C ILE C 147 -12.59 11.73 14.88
N VAL C 148 -12.02 10.56 14.64
CA VAL C 148 -11.27 10.27 13.43
C VAL C 148 -12.14 9.40 12.52
N VAL C 149 -12.23 9.77 11.25
CA VAL C 149 -12.87 8.95 10.24
C VAL C 149 -11.82 8.61 9.18
N SER C 150 -11.64 7.33 8.91
CA SER C 150 -10.64 6.86 7.96
C SER C 150 -11.31 6.01 6.88
N GLY C 151 -10.85 6.18 5.65
CA GLY C 151 -11.28 5.34 4.53
C GLY C 151 -10.11 4.57 3.95
N ALA C 152 -10.38 3.44 3.31
CA ALA C 152 -9.32 2.56 2.85
C ALA C 152 -9.60 2.07 1.43
N LYS C 153 -8.57 1.44 0.85
CA LYS C 153 -8.66 0.94 -0.52
C LYS C 153 -9.61 -0.24 -0.66
N ASP C 154 -9.98 -0.88 0.45
CA ASP C 154 -10.93 -1.99 0.41
C ASP C 154 -12.37 -1.55 0.59
N GLY C 155 -12.64 -0.24 0.57
CA GLY C 155 -13.98 0.29 0.71
C GLY C 155 -14.46 0.49 2.13
N THR C 156 -13.64 0.14 3.13
CA THR C 156 -14.06 0.26 4.52
C THR C 156 -13.96 1.71 4.98
N VAL C 157 -14.92 2.12 5.80
CA VAL C 157 -14.90 3.41 6.48
C VAL C 157 -15.09 3.14 7.97
N LYS C 158 -14.18 3.65 8.79
CA LYS C 158 -14.21 3.42 10.23
C LYS C 158 -14.20 4.74 10.98
N VAL C 159 -14.76 4.71 12.19
CA VAL C 159 -14.92 5.89 13.03
C VAL C 159 -14.31 5.59 14.40
N TRP C 160 -13.32 6.38 14.81
CA TRP C 160 -12.60 6.16 16.05
C TRP C 160 -12.77 7.35 16.99
N TYR C 161 -12.64 7.08 18.28
CA TYR C 161 -12.64 8.11 19.32
C TYR C 161 -11.23 8.26 19.87
N ILE C 162 -10.80 9.51 20.06
CA ILE C 162 -9.46 9.78 20.55
C ILE C 162 -9.50 10.24 22.01
N GLN D 6 -12.08 2.18 21.36
CA GLN D 6 -11.39 2.60 20.15
C GLN D 6 -12.40 3.02 19.07
N GLU D 7 -13.15 2.05 18.55
CA GLU D 7 -14.14 2.34 17.53
C GLU D 7 -15.43 2.83 18.15
N LEU D 8 -16.09 3.77 17.48
CA LEU D 8 -17.31 4.41 17.98
C LEU D 8 -18.58 3.84 17.36
N VAL D 9 -18.62 3.77 16.02
CA VAL D 9 -19.74 3.19 15.29
C VAL D 9 -19.19 2.36 14.14
N SER D 10 -20.07 1.65 13.46
CA SER D 10 -19.71 0.77 12.36
C SER D 10 -20.43 1.21 11.10
N LEU D 11 -19.68 1.36 10.01
CA LEU D 11 -20.22 1.72 8.71
C LEU D 11 -19.96 0.59 7.73
N GLU D 12 -20.96 0.27 6.92
CA GLU D 12 -20.83 -0.83 5.96
C GLU D 12 -19.80 -0.53 4.89
N GLY D 13 -19.57 0.74 4.58
CA GLY D 13 -18.60 1.10 3.57
C GLY D 13 -19.10 0.87 2.16
N HIS D 14 -18.16 0.89 1.22
CA HIS D 14 -18.44 0.70 -0.19
C HIS D 14 -17.89 -0.65 -0.65
N GLN D 15 -18.19 -0.98 -1.91
CA GLN D 15 -17.59 -2.17 -2.51
C GLN D 15 -16.23 -1.85 -3.10
N SER D 16 -16.08 -0.69 -3.74
CA SER D 16 -14.82 -0.28 -4.34
C SER D 16 -14.06 0.64 -3.39
N ALA D 17 -12.88 1.06 -3.82
CA ALA D 17 -11.96 1.78 -2.95
C ALA D 17 -12.48 3.17 -2.59
N ILE D 18 -12.38 3.51 -1.31
CA ILE D 18 -12.68 4.86 -0.87
C ILE D 18 -11.66 5.81 -1.47
N THR D 19 -12.12 6.77 -2.27
CA THR D 19 -11.24 7.72 -2.93
C THR D 19 -11.38 9.14 -2.42
N ALA D 20 -12.39 9.43 -1.61
CA ALA D 20 -12.58 10.78 -1.10
C ALA D 20 -13.44 10.68 0.16
N LEU D 21 -13.23 11.64 1.07
CA LEU D 21 -13.90 11.63 2.36
C LEU D 21 -14.11 13.06 2.84
N ALA D 22 -15.28 13.31 3.41
CA ALA D 22 -15.59 14.62 3.97
C ALA D 22 -16.41 14.43 5.24
N PHE D 23 -16.13 15.28 6.24
CA PHE D 23 -16.67 15.12 7.59
C PHE D 23 -17.12 16.49 8.07
N SER D 24 -18.43 16.66 8.26
CA SER D 24 -18.97 17.93 8.77
C SER D 24 -20.12 17.64 9.72
N LYS D 25 -20.11 18.31 10.88
CA LYS D 25 -21.11 18.12 11.93
C LYS D 25 -21.12 16.65 12.30
N ASN D 26 -22.24 15.95 12.24
CA ASN D 26 -22.31 14.54 12.58
C ASN D 26 -22.52 13.66 11.35
N ILE D 27 -22.09 14.14 10.18
CA ILE D 27 -22.36 13.47 8.92
C ILE D 27 -21.03 13.26 8.18
N VAL D 28 -20.84 12.05 7.66
CA VAL D 28 -19.67 11.70 6.86
C VAL D 28 -20.14 11.41 5.44
N VAL D 29 -19.44 11.97 4.46
CA VAL D 29 -19.69 11.68 3.05
C VAL D 29 -18.47 10.95 2.50
N SER D 30 -18.69 9.79 1.90
CA SER D 30 -17.63 8.95 1.36
C SER D 30 -17.88 8.70 -0.13
N GLY D 31 -16.81 8.77 -0.92
CA GLY D 31 -16.88 8.49 -2.34
C GLY D 31 -15.94 7.36 -2.70
N ALA D 32 -16.30 6.63 -3.74
CA ALA D 32 -15.60 5.40 -4.09
C ALA D 32 -15.17 5.40 -5.55
N ALA D 33 -14.25 4.48 -5.87
CA ALA D 33 -13.71 4.39 -7.22
C ALA D 33 -14.76 3.98 -8.24
N ASP D 34 -15.89 3.41 -7.82
CA ASP D 34 -16.96 3.03 -8.72
C ASP D 34 -17.97 4.15 -8.94
N GLY D 35 -17.69 5.35 -8.44
CA GLY D 35 -18.59 6.48 -8.60
C GLY D 35 -19.63 6.63 -7.52
N THR D 36 -19.75 5.67 -6.61
CA THR D 36 -20.77 5.72 -5.58
C THR D 36 -20.39 6.72 -4.49
N ILE D 37 -21.42 7.37 -3.94
CA ILE D 37 -21.27 8.30 -2.84
C ILE D 37 -22.31 7.96 -1.78
N LYS D 38 -21.87 7.81 -0.54
CA LYS D 38 -22.74 7.44 0.56
C LYS D 38 -22.67 8.49 1.67
N VAL D 39 -23.80 8.70 2.33
CA VAL D 39 -23.92 9.66 3.42
C VAL D 39 -24.22 8.87 4.70
N TRP D 40 -23.46 9.16 5.76
CA TRP D 40 -23.50 8.37 6.99
C TRP D 40 -23.79 9.26 8.18
N ASP D 41 -24.57 8.72 9.13
CA ASP D 41 -24.81 9.36 10.41
C ASP D 41 -23.81 8.80 11.42
N ILE D 42 -22.91 9.67 11.92
CA ILE D 42 -21.86 9.23 12.82
C ILE D 42 -22.43 8.80 14.17
N LEU D 43 -23.56 9.38 14.57
CA LEU D 43 -24.14 9.04 15.88
C LEU D 43 -24.71 7.64 15.90
N THR D 44 -25.31 7.21 14.79
CA THR D 44 -25.96 5.91 14.72
C THR D 44 -25.21 4.88 13.88
N GLY D 45 -24.31 5.32 13.00
CA GLY D 45 -23.70 4.43 12.04
C GLY D 45 -24.60 4.05 10.88
N GLN D 46 -25.79 4.62 10.79
CA GLN D 46 -26.73 4.26 9.75
C GLN D 46 -26.37 4.94 8.43
N LEU D 47 -26.70 4.27 7.33
CA LEU D 47 -26.57 4.85 6.00
C LEU D 47 -27.75 5.78 5.77
N LEU D 48 -27.47 7.08 5.73
CA LEU D 48 -28.56 8.03 5.50
C LEU D 48 -29.12 7.90 4.10
N ARG D 49 -28.26 7.84 3.09
CA ARG D 49 -28.72 7.65 1.72
C ARG D 49 -27.54 7.31 0.82
N ASP D 50 -27.85 6.68 -0.31
CA ASP D 50 -26.90 6.48 -1.40
C ASP D 50 -27.15 7.61 -2.40
N HIS D 51 -26.18 8.51 -2.54
CA HIS D 51 -26.26 9.57 -3.53
C HIS D 51 -26.36 8.97 -4.94
N ASP D 52 -26.83 9.78 -5.88
CA ASP D 52 -26.84 9.37 -7.27
C ASP D 52 -25.43 9.03 -7.75
N GLY D 53 -24.42 9.66 -7.15
CA GLY D 53 -23.05 9.46 -7.54
C GLY D 53 -22.76 10.07 -8.90
N HIS D 54 -21.57 9.74 -9.39
CA HIS D 54 -21.15 10.08 -10.74
C HIS D 54 -21.01 8.81 -11.57
N GLN D 55 -21.03 8.96 -12.88
CA GLN D 55 -20.88 7.82 -13.77
C GLN D 55 -19.40 7.50 -13.98
N SER D 56 -18.58 7.82 -12.99
CA SER D 56 -17.14 7.63 -13.06
C SER D 56 -16.59 7.80 -11.64
N GLU D 57 -15.31 7.42 -11.48
CA GLU D 57 -14.69 7.42 -10.16
C GLU D 57 -14.77 8.80 -9.51
N VAL D 58 -15.22 8.83 -8.26
CA VAL D 58 -15.22 10.06 -7.48
C VAL D 58 -13.79 10.39 -7.08
N THR D 59 -13.38 11.64 -7.30
CA THR D 59 -12.00 12.04 -7.03
C THR D 59 -11.83 13.10 -5.96
N ALA D 60 -12.87 13.87 -5.65
CA ALA D 60 -12.73 14.92 -4.65
C ALA D 60 -14.07 15.20 -3.99
N LEU D 61 -14.02 15.57 -2.71
CA LEU D 61 -15.20 15.88 -1.93
C LEU D 61 -14.91 17.08 -1.03
N GLN D 62 -15.83 18.05 -1.04
CA GLN D 62 -15.85 19.12 -0.05
C GLN D 62 -17.25 19.17 0.55
N PHE D 63 -17.32 19.34 1.87
CA PHE D 63 -18.58 19.32 2.60
C PHE D 63 -18.56 20.47 3.60
N LYS D 64 -19.46 21.43 3.40
CA LYS D 64 -19.48 22.64 4.22
C LYS D 64 -20.88 23.21 4.26
N ASP D 65 -21.39 23.46 5.46
CA ASP D 65 -22.68 24.14 5.67
C ASP D 65 -23.80 23.48 4.87
N ASN D 66 -23.97 22.18 5.08
CA ASN D 66 -25.02 21.34 4.49
C ASN D 66 -24.88 21.17 2.98
N ILE D 67 -23.81 21.67 2.38
CA ILE D 67 -23.60 21.59 0.93
C ILE D 67 -22.41 20.69 0.65
N VAL D 68 -22.55 19.80 -0.33
CA VAL D 68 -21.48 18.91 -0.73
C VAL D 68 -21.13 19.20 -2.19
N VAL D 69 -19.84 19.29 -2.47
CA VAL D 69 -19.32 19.39 -3.82
C VAL D 69 -18.52 18.12 -4.11
N SER D 70 -18.78 17.48 -5.24
CA SER D 70 -18.14 16.24 -5.61
C SER D 70 -17.63 16.32 -7.04
N GLY D 71 -16.40 15.85 -7.26
CA GLY D 71 -15.81 15.80 -8.58
C GLY D 71 -15.46 14.37 -8.95
N ALA D 72 -15.49 14.09 -10.25
CA ALA D 72 -15.29 12.75 -10.75
C ALA D 72 -14.27 12.75 -11.89
N LYS D 73 -13.83 11.54 -12.25
CA LYS D 73 -12.83 11.37 -13.30
C LYS D 73 -13.36 11.72 -14.68
N ASP D 74 -14.68 11.83 -14.86
CA ASP D 74 -15.23 12.23 -16.15
C ASP D 74 -15.31 13.74 -16.32
N GLY D 75 -14.82 14.51 -15.34
CA GLY D 75 -14.84 15.96 -15.41
C GLY D 75 -16.05 16.62 -14.81
N THR D 76 -17.01 15.85 -14.30
CA THR D 76 -18.22 16.43 -13.73
C THR D 76 -17.96 16.95 -12.30
N VAL D 77 -18.53 18.10 -12.00
CA VAL D 77 -18.54 18.67 -10.65
C VAL D 77 -19.99 18.90 -10.26
N LYS D 78 -20.37 18.44 -9.07
CA LYS D 78 -21.75 18.49 -8.61
C LYS D 78 -21.83 19.21 -7.28
N VAL D 79 -22.87 20.02 -7.13
CA VAL D 79 -23.18 20.74 -5.89
C VAL D 79 -24.58 20.30 -5.46
N TRP D 80 -24.68 19.68 -4.28
CA TRP D 80 -25.96 19.12 -3.86
C TRP D 80 -26.17 19.29 -2.36
N TYR D 81 -27.42 19.09 -1.95
CA TYR D 81 -27.85 19.26 -0.57
C TYR D 81 -27.63 17.96 0.20
N ILE D 82 -27.04 18.07 1.39
CA ILE D 82 -26.63 16.88 2.13
C ILE D 82 -27.84 16.06 2.55
N GLY D 83 -28.95 16.73 2.91
CA GLY D 83 -30.08 16.01 3.47
C GLY D 83 -30.89 15.22 2.47
N THR D 84 -30.82 15.58 1.20
CA THR D 84 -31.62 14.93 0.17
C THR D 84 -30.81 14.38 -0.99
N GLY D 85 -29.56 14.79 -1.16
CA GLY D 85 -28.78 14.40 -2.32
C GLY D 85 -29.16 15.11 -3.60
N GLN D 86 -30.16 15.99 -3.57
CA GLN D 86 -30.61 16.68 -4.77
C GLN D 86 -29.64 17.78 -5.15
N GLU D 87 -29.42 17.92 -6.46
CA GLU D 87 -28.50 18.93 -6.96
C GLU D 87 -29.05 20.32 -6.69
N LEU D 88 -28.25 21.15 -6.04
CA LEU D 88 -28.64 22.54 -5.82
C LEU D 88 -28.51 23.35 -7.10
N VAL D 89 -27.44 23.11 -7.86
CA VAL D 89 -27.11 23.93 -9.02
C VAL D 89 -26.31 23.08 -9.99
N SER D 90 -26.25 23.54 -11.23
CA SER D 90 -25.60 22.81 -12.32
C SER D 90 -24.31 23.52 -12.73
N LEU D 91 -23.23 22.75 -12.81
CA LEU D 91 -21.92 23.25 -13.24
C LEU D 91 -21.51 22.56 -14.54
N GLU D 92 -20.87 23.32 -15.42
CA GLU D 92 -20.45 22.75 -16.70
C GLU D 92 -19.32 21.74 -16.53
N GLY D 93 -18.46 21.95 -15.54
CA GLY D 93 -17.39 21.01 -15.27
C GLY D 93 -16.18 21.25 -16.17
N HIS D 94 -15.32 20.23 -16.19
CA HIS D 94 -14.12 20.24 -17.00
C HIS D 94 -14.22 19.18 -18.10
N GLN D 95 -13.43 19.37 -19.15
CA GLN D 95 -13.31 18.38 -20.21
C GLN D 95 -12.25 17.33 -19.90
N SER D 96 -11.67 17.35 -18.69
CA SER D 96 -10.74 16.33 -18.25
C SER D 96 -11.03 16.03 -16.78
N ALA D 97 -10.38 14.98 -16.28
CA ALA D 97 -10.70 14.45 -14.95
C ALA D 97 -10.44 15.47 -13.85
N ILE D 98 -11.39 15.56 -12.91
CA ILE D 98 -11.21 16.43 -11.75
C ILE D 98 -10.14 15.84 -10.84
N THR D 99 -9.17 16.66 -10.46
CA THR D 99 -8.08 16.21 -9.60
C THR D 99 -8.00 16.95 -8.27
N ALA D 100 -8.74 18.04 -8.09
CA ALA D 100 -8.70 18.78 -6.84
C ALA D 100 -9.92 19.67 -6.73
N LEU D 101 -10.41 19.83 -5.50
CA LEU D 101 -11.54 20.69 -5.18
C LEU D 101 -11.21 21.52 -3.96
N ALA D 102 -11.72 22.76 -3.95
CA ALA D 102 -11.63 23.63 -2.79
C ALA D 102 -12.91 24.44 -2.68
N PHE D 103 -13.43 24.57 -1.47
CA PHE D 103 -14.75 25.13 -1.22
C PHE D 103 -14.65 26.14 -0.07
N SER D 104 -14.78 27.43 -0.38
CA SER D 104 -14.68 28.48 0.62
C SER D 104 -15.76 29.52 0.37
N LYS D 105 -16.51 29.85 1.41
CA LYS D 105 -17.67 30.75 1.33
C LYS D 105 -18.61 30.18 0.27
N ASN D 106 -19.06 30.95 -0.72
CA ASN D 106 -19.94 30.46 -1.76
C ASN D 106 -19.21 30.23 -3.07
N ILE D 107 -17.94 29.85 -3.01
CA ILE D 107 -17.09 29.66 -4.18
C ILE D 107 -16.48 28.27 -4.14
N VAL D 108 -16.56 27.54 -5.26
CA VAL D 108 -15.81 26.31 -5.46
C VAL D 108 -14.71 26.58 -6.47
N VAL D 109 -13.53 26.03 -6.21
CA VAL D 109 -12.44 25.97 -7.16
C VAL D 109 -12.21 24.52 -7.54
N SER D 110 -12.18 24.23 -8.83
CA SER D 110 -11.91 22.90 -9.33
C SER D 110 -10.67 22.90 -10.19
N GLY D 111 -9.85 21.87 -10.02
CA GLY D 111 -8.68 21.67 -10.86
C GLY D 111 -8.79 20.33 -11.58
N ALA D 112 -8.21 20.28 -12.78
CA ALA D 112 -8.38 19.12 -13.64
C ALA D 112 -7.02 18.57 -14.07
N ALA D 113 -7.06 17.42 -14.74
CA ALA D 113 -5.84 16.74 -15.17
C ALA D 113 -5.14 17.47 -16.32
N ASP D 114 -5.85 18.33 -17.04
CA ASP D 114 -5.25 19.11 -18.12
C ASP D 114 -4.70 20.45 -17.65
N GLY D 115 -4.69 20.69 -16.34
CA GLY D 115 -4.17 21.92 -15.79
C GLY D 115 -5.19 23.03 -15.64
N THR D 116 -6.40 22.85 -16.14
CA THR D 116 -7.39 23.92 -16.05
C THR D 116 -7.89 24.07 -14.63
N ILE D 117 -8.16 25.31 -14.24
CA ILE D 117 -8.75 25.64 -12.95
C ILE D 117 -9.99 26.49 -13.20
N LYS D 118 -11.10 26.15 -12.56
CA LYS D 118 -12.35 26.85 -12.77
C LYS D 118 -12.92 27.29 -11.44
N VAL D 119 -13.50 28.49 -11.45
CA VAL D 119 -14.05 29.13 -10.26
C VAL D 119 -15.56 29.24 -10.45
N TRP D 120 -16.33 28.64 -9.55
CA TRP D 120 -17.78 28.57 -9.68
C TRP D 120 -18.47 29.28 -8.52
N ASP D 121 -19.62 29.88 -8.82
CA ASP D 121 -20.52 30.41 -7.81
C ASP D 121 -21.58 29.36 -7.51
N ILE D 122 -21.62 28.88 -6.27
CA ILE D 122 -22.58 27.84 -5.91
C ILE D 122 -24.01 28.35 -5.81
N LEU D 123 -24.21 29.66 -5.77
CA LEU D 123 -25.57 30.18 -5.72
C LEU D 123 -26.25 30.09 -7.09
N THR D 124 -25.48 30.25 -8.16
CA THR D 124 -26.02 30.26 -9.51
C THR D 124 -25.45 29.17 -10.40
N GLY D 125 -24.32 28.55 -10.03
CA GLY D 125 -23.66 27.63 -10.92
C GLY D 125 -22.85 28.30 -12.01
N GLN D 126 -22.74 29.63 -11.97
CA GLN D 126 -22.06 30.38 -13.01
C GLN D 126 -20.55 30.25 -12.88
N LEU D 127 -19.90 30.05 -14.02
CA LEU D 127 -18.44 30.11 -14.07
C LEU D 127 -18.01 31.56 -13.84
N LEU D 128 -17.33 31.81 -12.72
CA LEU D 128 -16.93 33.18 -12.40
C LEU D 128 -15.67 33.58 -13.15
N ARG D 129 -14.68 32.70 -13.22
CA ARG D 129 -13.41 33.06 -13.84
C ARG D 129 -12.77 31.80 -14.44
N ASP D 130 -12.16 31.98 -15.60
CA ASP D 130 -11.37 30.92 -16.24
C ASP D 130 -9.91 31.17 -15.90
N HIS D 131 -9.53 30.70 -14.71
CA HIS D 131 -8.14 30.66 -14.26
C HIS D 131 -7.22 30.21 -15.39
N ASP D 132 -6.09 30.90 -15.53
CA ASP D 132 -5.09 30.51 -16.54
C ASP D 132 -4.72 29.03 -16.39
N GLY D 133 -4.64 28.56 -15.17
CA GLY D 133 -4.31 27.19 -14.89
C GLY D 133 -2.83 26.92 -15.06
N HIS D 134 -2.51 25.63 -15.00
CA HIS D 134 -1.16 25.16 -15.26
C HIS D 134 -1.14 24.42 -16.58
N GLN D 135 0.06 24.22 -17.12
CA GLN D 135 0.23 23.37 -18.28
C GLN D 135 0.42 21.91 -17.90
N SER D 136 0.10 21.57 -16.66
CA SER D 136 0.22 20.22 -16.14
C SER D 136 -0.93 19.96 -15.18
N GLU D 137 -1.17 18.69 -14.88
CA GLU D 137 -2.27 18.32 -14.00
C GLU D 137 -2.19 19.03 -12.65
N VAL D 138 -3.30 19.63 -12.23
CA VAL D 138 -3.38 20.26 -10.92
C VAL D 138 -3.44 19.17 -9.85
N THR D 139 -2.50 19.21 -8.91
CA THR D 139 -2.40 18.17 -7.90
C THR D 139 -2.90 18.58 -6.52
N ALA D 140 -3.06 19.88 -6.27
CA ALA D 140 -3.45 20.32 -4.94
C ALA D 140 -4.02 21.73 -5.01
N LEU D 141 -5.08 21.97 -4.24
CA LEU D 141 -5.76 23.25 -4.20
C LEU D 141 -5.93 23.69 -2.75
N GLN D 142 -5.69 24.97 -2.50
CA GLN D 142 -5.92 25.59 -1.21
C GLN D 142 -6.61 26.93 -1.44
N PHE D 143 -7.67 27.20 -0.68
CA PHE D 143 -8.54 28.34 -0.95
C PHE D 143 -8.93 29.00 0.36
N LYS D 144 -8.55 30.26 0.54
CA LYS D 144 -8.82 31.01 1.75
C LYS D 144 -8.79 32.50 1.42
N ASP D 145 -9.78 33.24 1.91
CA ASP D 145 -9.82 34.70 1.81
C ASP D 145 -9.64 35.17 0.38
N ASN D 146 -10.42 34.57 -0.52
CA ASN D 146 -10.38 34.89 -1.96
C ASN D 146 -9.01 34.65 -2.57
N ILE D 147 -8.18 33.82 -1.96
CA ILE D 147 -6.86 33.49 -2.48
C ILE D 147 -6.79 31.99 -2.73
N VAL D 148 -6.51 31.61 -3.97
CA VAL D 148 -6.36 30.22 -4.36
C VAL D 148 -4.87 29.96 -4.59
N VAL D 149 -4.36 28.87 -4.00
CA VAL D 149 -3.02 28.38 -4.26
C VAL D 149 -3.14 27.01 -4.91
N SER D 150 -2.46 26.82 -6.04
CA SER D 150 -2.56 25.59 -6.81
C SER D 150 -1.17 25.03 -7.10
N GLY D 151 -1.06 23.71 -7.06
CA GLY D 151 0.16 23.02 -7.42
C GLY D 151 -0.09 22.08 -8.58
N ALA D 152 0.98 21.79 -9.33
CA ALA D 152 0.86 21.02 -10.55
C ALA D 152 2.00 20.02 -10.66
N LYS D 153 1.86 19.09 -11.61
CA LYS D 153 2.84 18.02 -11.78
C LYS D 153 4.13 18.49 -12.44
N ASP D 154 4.16 19.69 -13.01
CA ASP D 154 5.41 20.27 -13.49
C ASP D 154 6.18 20.98 -12.39
N GLY D 155 5.67 20.96 -11.16
CA GLY D 155 6.33 21.60 -10.03
C GLY D 155 5.95 23.04 -9.80
N THR D 156 5.05 23.61 -10.60
CA THR D 156 4.69 25.00 -10.46
C THR D 156 3.68 25.21 -9.33
N VAL D 157 3.81 26.36 -8.66
CA VAL D 157 2.86 26.79 -7.64
C VAL D 157 2.39 28.19 -8.01
N LYS D 158 1.08 28.37 -8.08
CA LYS D 158 0.49 29.64 -8.47
C LYS D 158 -0.43 30.17 -7.38
N VAL D 159 -0.53 31.49 -7.29
CA VAL D 159 -1.35 32.18 -6.31
C VAL D 159 -2.30 33.10 -7.08
N TRP D 160 -3.61 32.93 -6.82
CA TRP D 160 -4.62 33.67 -7.55
C TRP D 160 -5.54 34.41 -6.59
N TYR D 161 -6.11 35.52 -7.07
CA TYR D 161 -7.12 36.28 -6.34
C TYR D 161 -8.47 36.04 -7.00
N ILE D 162 -9.52 35.93 -6.17
CA ILE D 162 -10.87 35.70 -6.65
C ILE D 162 -11.65 37.00 -6.54
N GLY D 163 -12.10 37.53 -7.68
CA GLY D 163 -12.81 38.80 -7.72
C GLY D 163 -14.16 38.76 -7.04
N GLU E 7 -11.26 22.87 45.04
CA GLU E 7 -9.95 22.73 44.41
C GLU E 7 -9.96 21.63 43.35
N LEU E 8 -9.38 21.94 42.18
CA LEU E 8 -9.03 20.86 41.26
C LEU E 8 -7.81 20.11 41.77
N VAL E 9 -6.77 20.85 42.16
CA VAL E 9 -5.53 20.29 42.71
C VAL E 9 -4.68 21.46 43.19
N SER E 10 -3.96 21.26 44.28
CA SER E 10 -2.89 22.18 44.68
C SER E 10 -1.60 21.74 44.00
N LEU E 11 -1.00 22.63 43.23
CA LEU E 11 0.23 22.31 42.52
C LEU E 11 1.41 22.47 43.47
N GLU E 12 2.46 21.66 43.24
CA GLU E 12 3.61 21.67 44.13
C GLU E 12 4.30 23.04 44.16
N GLY E 13 4.14 23.84 43.11
CA GLY E 13 4.59 25.22 43.12
C GLY E 13 6.10 25.38 43.03
N HIS E 14 6.54 26.60 43.28
CA HIS E 14 7.94 26.96 43.30
C HIS E 14 8.44 27.12 44.73
N GLN E 15 9.76 27.17 44.88
CA GLN E 15 10.39 27.52 46.14
C GLN E 15 10.70 29.01 46.25
N SER E 16 9.97 29.85 45.51
CA SER E 16 10.10 31.29 45.59
C SER E 16 8.81 31.89 45.06
N ALA E 17 8.67 33.20 45.24
CA ALA E 17 7.39 33.87 44.99
C ALA E 17 6.97 33.75 43.54
N ILE E 18 5.68 33.50 43.33
CA ILE E 18 5.11 33.50 41.98
C ILE E 18 5.03 34.93 41.48
N THR E 19 5.70 35.20 40.35
CA THR E 19 5.73 36.53 39.77
C THR E 19 4.90 36.66 38.50
N ALA E 20 4.49 35.55 37.88
CA ALA E 20 3.76 35.62 36.63
C ALA E 20 3.00 34.32 36.41
N LEU E 21 1.80 34.45 35.83
CA LEU E 21 0.93 33.32 35.57
C LEU E 21 0.37 33.43 34.17
N ALA E 22 0.25 32.30 33.48
CA ALA E 22 -0.39 32.26 32.16
C ALA E 22 -1.14 30.94 32.03
N PHE E 23 -2.30 31.00 31.39
CA PHE E 23 -3.27 29.91 31.38
C PHE E 23 -3.82 29.75 29.98
N SER E 24 -3.66 28.56 29.40
CA SER E 24 -4.14 28.33 28.04
C SER E 24 -4.33 26.84 27.81
N LYS E 25 -5.60 26.42 27.67
CA LYS E 25 -5.97 25.08 27.20
C LYS E 25 -5.33 23.98 28.06
N ASN E 26 -5.80 23.91 29.31
CA ASN E 26 -5.41 22.89 30.28
C ASN E 26 -3.94 22.94 30.66
N ILE E 27 -3.21 23.98 30.26
CA ILE E 27 -1.81 24.15 30.60
C ILE E 27 -1.64 25.49 31.31
N VAL E 28 -1.06 25.46 32.51
CA VAL E 28 -0.69 26.66 33.23
C VAL E 28 0.83 26.80 33.19
N VAL E 29 1.29 28.04 33.05
CA VAL E 29 2.72 28.36 33.09
C VAL E 29 2.93 29.36 34.20
N SER E 30 3.83 29.05 35.13
CA SER E 30 4.11 29.89 36.29
C SER E 30 5.58 30.27 36.29
N GLY E 31 5.86 31.54 36.54
CA GLY E 31 7.21 32.03 36.68
C GLY E 31 7.42 32.56 38.10
N ALA E 32 8.67 32.59 38.54
CA ALA E 32 8.99 32.85 39.94
C ALA E 32 10.09 33.89 40.05
N ALA E 33 10.28 34.36 41.28
CA ALA E 33 11.26 35.40 41.57
C ALA E 33 12.69 34.90 41.39
N ASP E 34 12.93 33.61 41.51
CA ASP E 34 14.25 33.06 41.29
C ASP E 34 14.53 32.75 39.82
N GLY E 35 13.61 33.12 38.92
CA GLY E 35 13.79 32.89 37.51
C GLY E 35 13.28 31.57 36.98
N THR E 36 12.77 30.69 37.85
CA THR E 36 12.29 29.40 37.40
C THR E 36 10.93 29.54 36.73
N ILE E 37 10.69 28.70 35.73
CA ILE E 37 9.42 28.63 35.02
C ILE E 37 8.97 27.18 35.01
N LYS E 38 7.75 26.93 35.48
CA LYS E 38 7.20 25.58 35.54
C LYS E 38 5.94 25.50 34.70
N VAL E 39 5.73 24.33 34.10
CA VAL E 39 4.61 24.06 33.21
C VAL E 39 3.82 22.89 33.77
N TRP E 40 2.51 23.09 33.96
CA TRP E 40 1.67 22.08 34.59
C TRP E 40 0.51 21.68 33.71
N ASP E 41 -0.03 20.49 33.98
CA ASP E 41 -1.23 19.98 33.33
C ASP E 41 -2.40 20.15 34.28
N ILE E 42 -3.41 20.91 33.85
CA ILE E 42 -4.58 21.15 34.69
C ILE E 42 -5.31 19.84 34.98
N LEU E 43 -5.44 18.98 33.96
CA LEU E 43 -6.26 17.78 34.11
C LEU E 43 -5.64 16.78 35.08
N THR E 44 -4.32 16.61 35.06
CA THR E 44 -3.66 15.67 35.94
C THR E 44 -3.02 16.31 37.15
N GLY E 45 -2.82 17.63 37.15
CA GLY E 45 -2.15 18.29 38.25
C GLY E 45 -0.68 17.97 38.37
N GLN E 46 -0.05 17.47 37.31
CA GLN E 46 1.33 17.05 37.34
C GLN E 46 2.22 18.09 36.68
N LEU E 47 3.42 18.27 37.23
CA LEU E 47 4.42 19.16 36.63
C LEU E 47 4.85 18.57 35.30
N LEU E 48 4.52 19.26 34.20
CA LEU E 48 4.90 18.76 32.89
C LEU E 48 6.40 18.94 32.63
N ARG E 49 6.96 20.08 33.08
CA ARG E 49 8.32 20.41 32.67
C ARG E 49 8.84 21.56 33.51
N ASP E 50 10.12 21.49 33.87
CA ASP E 50 10.86 22.62 34.44
C ASP E 50 11.60 23.31 33.31
N HIS E 51 11.13 24.49 32.90
CA HIS E 51 11.81 25.25 31.86
C HIS E 51 13.21 25.63 32.33
N ASP E 52 14.09 25.90 31.37
CA ASP E 52 15.41 26.41 31.71
C ASP E 52 15.34 27.71 32.49
N GLY E 53 14.24 28.45 32.37
CA GLY E 53 14.05 29.68 33.09
C GLY E 53 14.99 30.77 32.62
N HIS E 54 14.94 31.88 33.35
CA HIS E 54 15.85 32.99 33.16
C HIS E 54 16.81 33.05 34.33
N GLN E 55 17.92 33.75 34.14
CA GLN E 55 18.91 33.91 35.19
C GLN E 55 18.53 34.96 36.21
N SER E 56 17.25 35.32 36.25
CA SER E 56 16.74 36.41 37.07
C SER E 56 15.23 36.31 37.08
N GLU E 57 14.60 37.03 38.02
CA GLU E 57 13.14 36.98 38.20
C GLU E 57 12.41 37.23 36.89
N VAL E 58 11.48 36.34 36.57
CA VAL E 58 10.68 36.55 35.37
C VAL E 58 9.56 37.53 35.73
N THR E 59 9.34 38.52 34.87
CA THR E 59 8.47 39.64 35.17
C THR E 59 7.19 39.65 34.34
N ALA E 60 7.11 38.85 33.28
CA ALA E 60 5.94 38.85 32.41
C ALA E 60 5.86 37.52 31.69
N LEU E 61 4.64 37.03 31.51
CA LEU E 61 4.38 35.78 30.82
C LEU E 61 3.21 35.95 29.86
N GLN E 62 3.40 35.51 28.62
CA GLN E 62 2.32 35.43 27.65
C GLN E 62 2.32 34.04 27.04
N PHE E 63 1.12 33.47 26.84
CA PHE E 63 0.97 32.09 26.41
C PHE E 63 -0.24 32.01 25.49
N LYS E 64 -0.01 31.60 24.25
CA LYS E 64 -1.08 31.54 23.26
C LYS E 64 -0.63 30.68 22.08
N ASP E 65 -1.48 29.73 21.68
CA ASP E 65 -1.24 28.87 20.52
C ASP E 65 0.10 28.14 20.65
N ASN E 66 0.29 27.47 21.79
CA ASN E 66 1.45 26.63 22.08
C ASN E 66 2.76 27.41 22.19
N ILE E 67 2.72 28.74 22.22
CA ILE E 67 3.92 29.56 22.27
C ILE E 67 3.88 30.41 23.54
N VAL E 68 4.98 30.41 24.28
CA VAL E 68 5.13 31.20 25.50
C VAL E 68 6.19 32.26 25.27
N VAL E 69 5.89 33.49 25.66
CA VAL E 69 6.87 34.58 25.71
C VAL E 69 7.07 34.96 27.16
N SER E 70 8.32 34.93 27.62
CA SER E 70 8.64 35.24 29.01
C SER E 70 9.72 36.31 29.07
N GLY E 71 9.53 37.27 29.98
CA GLY E 71 10.50 38.34 30.18
C GLY E 71 11.01 38.32 31.60
N ALA E 72 12.25 38.77 31.78
CA ALA E 72 12.94 38.69 33.06
C ALA E 72 13.50 40.04 33.45
N LYS E 73 13.91 40.15 34.72
CA LYS E 73 14.44 41.38 35.27
C LYS E 73 15.81 41.74 34.68
N ASP E 74 16.45 40.84 33.95
CA ASP E 74 17.72 41.15 33.31
C ASP E 74 17.55 41.68 31.89
N GLY E 75 16.31 41.88 31.44
CA GLY E 75 16.07 42.38 30.10
C GLY E 75 15.95 41.32 29.03
N THR E 76 15.98 40.05 29.39
CA THR E 76 15.85 38.98 28.41
C THR E 76 14.39 38.73 28.08
N VAL E 77 14.11 38.47 26.81
CA VAL E 77 12.79 38.08 26.33
C VAL E 77 12.96 36.79 25.55
N LYS E 78 12.27 35.73 25.97
CA LYS E 78 12.42 34.42 25.36
C LYS E 78 11.10 33.97 24.75
N VAL E 79 11.19 33.32 23.59
CA VAL E 79 10.04 32.75 22.90
C VAL E 79 10.31 31.26 22.77
N TRP E 80 9.41 30.42 23.29
CA TRP E 80 9.69 29.00 23.30
C TRP E 80 8.41 28.18 23.17
N TYR E 81 8.60 26.91 22.87
CA TYR E 81 7.52 25.96 22.62
C TYR E 81 7.04 25.37 23.95
N ILE E 82 5.72 25.40 24.17
CA ILE E 82 5.16 24.97 25.45
C ILE E 82 5.47 23.50 25.73
N GLY E 83 5.57 22.68 24.67
CA GLY E 83 5.66 21.25 24.87
C GLY E 83 7.05 20.75 25.24
N THR E 84 8.08 21.47 24.83
CA THR E 84 9.46 21.06 25.06
C THR E 84 10.31 22.09 25.79
N GLY E 85 9.82 23.31 25.95
CA GLY E 85 10.62 24.37 26.54
C GLY E 85 11.75 24.87 25.67
N GLN E 86 11.87 24.38 24.44
CA GLN E 86 12.96 24.79 23.56
C GLN E 86 12.67 26.16 22.97
N GLU E 87 13.70 27.01 22.93
CA GLU E 87 13.55 28.36 22.40
C GLU E 87 13.30 28.31 20.90
N LEU E 88 12.14 28.82 20.48
CA LEU E 88 11.81 28.83 19.06
C LEU E 88 12.70 29.79 18.29
N VAL E 89 12.94 30.98 18.85
CA VAL E 89 13.70 32.01 18.16
C VAL E 89 14.41 32.86 19.20
N SER E 90 15.40 33.63 18.75
CA SER E 90 16.24 34.42 19.63
C SER E 90 15.91 35.91 19.48
N LEU E 91 15.61 36.56 20.60
CA LEU E 91 15.40 38.01 20.66
C LEU E 91 16.52 38.64 21.46
N GLU E 92 17.03 39.77 20.99
CA GLU E 92 18.12 40.44 21.70
C GLU E 92 17.66 41.10 22.99
N GLY E 93 16.36 41.35 23.13
CA GLY E 93 15.83 41.86 24.39
C GLY E 93 16.15 43.32 24.64
N HIS E 94 16.04 43.69 25.91
CA HIS E 94 16.35 45.04 26.37
C HIS E 94 17.58 45.03 27.27
N GLN E 95 18.16 46.21 27.46
CA GLN E 95 19.29 46.38 28.36
C GLN E 95 18.86 46.83 29.75
N SER E 96 17.57 46.77 30.06
CA SER E 96 17.06 46.96 31.41
C SER E 96 15.88 46.02 31.62
N ALA E 97 15.40 45.97 32.85
CA ALA E 97 14.41 44.97 33.25
C ALA E 97 13.15 45.05 32.40
N ILE E 98 12.62 43.89 32.03
CA ILE E 98 11.32 43.82 31.37
C ILE E 98 10.24 44.14 32.39
N THR E 99 9.34 45.05 32.02
CA THR E 99 8.23 45.41 32.90
C THR E 99 6.86 45.09 32.32
N ALA E 100 6.77 44.74 31.03
CA ALA E 100 5.48 44.45 30.43
C ALA E 100 5.68 43.69 29.13
N LEU E 101 4.81 42.72 28.87
CA LEU E 101 4.81 41.96 27.63
C LEU E 101 3.40 41.93 27.06
N ALA E 102 3.31 41.92 25.74
CA ALA E 102 2.03 41.80 25.06
C ALA E 102 2.23 40.98 23.79
N PHE E 103 1.32 40.02 23.56
CA PHE E 103 1.47 39.02 22.52
C PHE E 103 0.18 38.96 21.71
N SER E 104 0.23 39.41 20.45
CA SER E 104 -0.93 39.37 19.57
C SER E 104 -0.49 38.89 18.20
N LYS E 105 -1.17 37.86 17.70
CA LYS E 105 -0.84 37.22 16.42
C LYS E 105 0.61 36.78 16.49
N ASN E 106 1.44 37.05 15.48
CA ASN E 106 2.84 36.66 15.51
C ASN E 106 3.75 37.79 15.95
N ILE E 107 3.23 38.75 16.70
CA ILE E 107 3.98 39.92 17.16
C ILE E 107 3.97 39.94 18.67
N VAL E 108 5.14 40.17 19.28
CA VAL E 108 5.25 40.38 20.71
C VAL E 108 5.83 41.77 20.95
N VAL E 109 5.31 42.46 21.96
CA VAL E 109 5.74 43.81 22.32
C VAL E 109 6.24 43.77 23.76
N SER E 110 7.45 44.27 23.98
CA SER E 110 8.06 44.28 25.30
C SER E 110 8.35 45.72 25.73
N GLY E 111 8.10 46.00 27.00
CA GLY E 111 8.43 47.28 27.60
C GLY E 111 9.40 47.09 28.74
N ALA E 112 10.33 48.04 28.89
CA ALA E 112 11.41 47.91 29.85
C ALA E 112 11.45 49.09 30.80
N ALA E 113 12.23 48.92 31.88
CA ALA E 113 12.32 49.93 32.92
C ALA E 113 12.99 51.22 32.45
N ASP E 114 13.81 51.15 31.41
CA ASP E 114 14.41 52.35 30.85
C ASP E 114 13.47 53.09 29.90
N GLY E 115 12.22 52.65 29.80
CA GLY E 115 11.23 53.30 28.96
C GLY E 115 11.19 52.83 27.53
N THR E 116 12.07 51.92 27.12
CA THR E 116 12.08 51.46 25.74
C THR E 116 10.93 50.49 25.49
N ILE E 117 10.42 50.53 24.27
CA ILE E 117 9.39 49.60 23.81
C ILE E 117 9.85 49.01 22.49
N LYS E 118 9.86 47.68 22.41
CA LYS E 118 10.39 46.97 21.25
C LYS E 118 9.35 46.01 20.71
N VAL E 119 9.36 45.84 19.39
CA VAL E 119 8.39 45.02 18.67
C VAL E 119 9.14 43.91 17.96
N TRP E 120 8.70 42.68 18.15
CA TRP E 120 9.40 41.51 17.64
C TRP E 120 8.50 40.64 16.79
N ASP E 121 9.10 40.01 15.78
CA ASP E 121 8.44 38.99 14.96
C ASP E 121 8.83 37.63 15.51
N ILE E 122 7.85 36.89 16.05
CA ILE E 122 8.14 35.59 16.65
C ILE E 122 8.53 34.53 15.64
N LEU E 123 8.29 34.78 14.35
CA LEU E 123 8.69 33.82 13.32
C LEU E 123 10.17 33.88 13.01
N THR E 124 10.76 35.08 13.06
CA THR E 124 12.16 35.27 12.71
C THR E 124 13.00 35.81 13.85
N GLY E 125 12.40 36.27 14.94
CA GLY E 125 13.14 36.90 16.01
C GLY E 125 13.62 38.30 15.73
N GLN E 126 13.36 38.82 14.53
CA GLN E 126 13.87 40.12 14.14
C GLN E 126 13.15 41.25 14.86
N LEU E 127 13.92 42.26 15.26
CA LEU E 127 13.35 43.48 15.82
C LEU E 127 12.64 44.24 14.71
N LEU E 128 11.32 44.37 14.82
CA LEU E 128 10.55 45.04 13.78
C LEU E 128 10.54 46.55 13.96
N ARG E 129 10.49 47.02 15.21
CA ARG E 129 10.48 48.45 15.47
C ARG E 129 11.06 48.70 16.85
N ASP E 130 11.99 49.65 16.93
CA ASP E 130 12.58 50.10 18.19
C ASP E 130 11.96 51.46 18.49
N HIS E 131 10.83 51.46 19.18
CA HIS E 131 10.03 52.66 19.35
C HIS E 131 10.70 53.65 20.30
N ASP E 132 10.25 54.90 20.23
CA ASP E 132 10.79 55.95 21.09
C ASP E 132 10.54 55.62 22.56
N GLY E 133 9.39 55.04 22.87
CA GLY E 133 9.10 54.69 24.24
C GLY E 133 8.74 55.90 25.08
N HIS E 134 8.99 55.78 26.38
CA HIS E 134 8.63 56.82 27.34
C HIS E 134 9.89 57.36 28.01
N GLN E 135 9.77 58.57 28.54
CA GLN E 135 10.82 59.15 29.38
C GLN E 135 10.78 58.62 30.80
N SER E 136 9.96 57.59 31.03
CA SER E 136 9.80 57.00 32.34
C SER E 136 9.70 55.48 32.18
N GLU E 137 9.72 54.79 33.31
CA GLU E 137 9.56 53.34 33.34
C GLU E 137 8.21 52.96 32.72
N VAL E 138 8.25 52.07 31.73
CA VAL E 138 7.01 51.53 31.17
C VAL E 138 6.32 50.68 32.22
N THR E 139 5.04 50.95 32.46
CA THR E 139 4.30 50.26 33.51
C THR E 139 3.15 49.39 33.01
N ALA E 140 2.75 49.53 31.75
CA ALA E 140 1.60 48.78 31.25
C ALA E 140 1.65 48.74 29.73
N LEU E 141 1.18 47.63 29.17
CA LEU E 141 1.20 47.39 27.74
C LEU E 141 -0.06 46.65 27.32
N GLN E 142 -0.71 47.12 26.25
CA GLN E 142 -1.83 46.43 25.64
C GLN E 142 -1.59 46.35 24.15
N PHE E 143 -1.96 45.22 23.55
CA PHE E 143 -1.71 44.97 22.13
C PHE E 143 -2.92 44.27 21.53
N LYS E 144 -3.61 44.95 20.63
CA LYS E 144 -4.89 44.48 20.11
C LYS E 144 -5.06 45.03 18.70
N ASP E 145 -5.07 44.13 17.71
CA ASP E 145 -5.32 44.49 16.31
C ASP E 145 -4.35 45.57 15.81
N ASN E 146 -3.06 45.28 15.94
CA ASN E 146 -1.98 46.15 15.46
C ASN E 146 -1.96 47.51 16.15
N ILE E 147 -2.55 47.61 17.34
CA ILE E 147 -2.52 48.82 18.15
C ILE E 147 -1.81 48.50 19.45
N VAL E 148 -0.71 49.19 19.72
CA VAL E 148 0.01 49.08 20.98
C VAL E 148 -0.32 50.31 21.82
N VAL E 149 -0.86 50.08 23.02
CA VAL E 149 -1.09 51.14 24.00
C VAL E 149 -0.19 50.88 25.20
N SER E 150 0.53 51.91 25.62
CA SER E 150 1.51 51.78 26.69
C SER E 150 1.37 52.92 27.68
N GLY E 151 1.54 52.61 28.96
CA GLY E 151 1.55 53.61 30.01
C GLY E 151 2.88 53.59 30.74
N ALA E 152 3.22 54.73 31.34
CA ALA E 152 4.51 54.91 31.99
C ALA E 152 4.32 55.56 33.36
N LYS E 153 5.41 55.57 34.13
CA LYS E 153 5.37 56.10 35.49
C LYS E 153 5.19 57.62 35.51
N ASP E 154 5.54 58.32 34.43
CA ASP E 154 5.35 59.76 34.38
C ASP E 154 3.92 60.17 34.06
N GLY E 155 3.02 59.21 33.86
CA GLY E 155 1.62 59.50 33.59
C GLY E 155 1.25 59.49 32.12
N THR E 156 2.22 59.40 31.21
CA THR E 156 1.91 59.47 29.79
C THR E 156 1.33 58.16 29.27
N VAL E 157 0.43 58.27 28.31
CA VAL E 157 -0.19 57.14 27.63
C VAL E 157 -0.05 57.36 26.13
N LYS E 158 0.60 56.43 25.44
CA LYS E 158 0.89 56.56 24.03
C LYS E 158 0.27 55.41 23.25
N VAL E 159 -0.11 55.68 21.99
CA VAL E 159 -0.79 54.72 21.14
C VAL E 159 0.01 54.58 19.84
N TRP E 160 0.45 53.36 19.54
CA TRP E 160 1.24 53.06 18.36
C TRP E 160 0.46 52.17 17.39
N TYR E 161 0.73 52.36 16.09
CA TYR E 161 0.08 51.59 15.04
C TYR E 161 1.17 50.84 14.27
N ILE E 162 1.05 49.52 14.22
CA ILE E 162 2.03 48.68 13.54
C ILE E 162 1.85 48.76 12.03
N VAL F 9 1.14 58.70 18.72
CA VAL F 9 -0.04 59.37 19.28
C VAL F 9 -0.04 59.30 20.80
N SER F 10 0.13 60.44 21.44
CA SER F 10 0.01 60.54 22.88
C SER F 10 -1.38 61.07 23.24
N LEU F 11 -1.97 60.49 24.27
CA LEU F 11 -3.19 61.02 24.84
C LEU F 11 -2.82 62.06 25.91
N GLU F 12 -3.84 62.73 26.44
CA GLU F 12 -3.59 63.76 27.45
C GLU F 12 -2.87 63.20 28.67
N GLY F 13 -3.11 61.93 28.99
CA GLY F 13 -2.43 61.27 30.09
C GLY F 13 -3.00 61.65 31.45
N HIS F 14 -2.49 60.98 32.47
CA HIS F 14 -2.82 61.29 33.85
C HIS F 14 -1.80 62.25 34.43
N GLN F 15 -2.08 62.72 35.64
CA GLN F 15 -1.05 63.39 36.43
C GLN F 15 -0.07 62.36 36.98
N SER F 16 -0.58 61.38 37.74
CA SER F 16 0.26 60.42 38.42
C SER F 16 0.55 59.22 37.52
N ALA F 17 1.32 58.27 38.07
CA ALA F 17 1.81 57.15 37.30
C ALA F 17 0.67 56.26 36.81
N ILE F 18 0.76 55.84 35.54
CA ILE F 18 -0.14 54.82 35.03
C ILE F 18 0.13 53.52 35.76
N THR F 19 -0.89 52.96 36.41
CA THR F 19 -0.74 51.70 37.11
C THR F 19 -1.50 50.54 36.49
N ALA F 20 -2.52 50.81 35.68
CA ALA F 20 -3.25 49.76 35.00
C ALA F 20 -3.73 50.27 33.66
N LEU F 21 -3.85 49.36 32.70
CA LEU F 21 -4.28 49.67 31.35
C LEU F 21 -5.23 48.60 30.85
N ALA F 22 -6.20 49.00 30.04
CA ALA F 22 -7.14 48.07 29.43
C ALA F 22 -7.55 48.62 28.07
N PHE F 23 -7.83 47.70 27.14
CA PHE F 23 -8.03 48.07 25.74
C PHE F 23 -9.01 47.09 25.11
N SER F 24 -10.23 47.55 24.84
CA SER F 24 -11.26 46.72 24.22
C SER F 24 -12.03 47.57 23.21
N LYS F 25 -12.26 47.00 22.02
CA LYS F 25 -12.89 47.69 20.90
C LYS F 25 -12.01 48.89 20.56
N ASN F 26 -12.51 50.12 20.58
CA ASN F 26 -11.68 51.28 20.28
C ASN F 26 -11.62 52.24 21.48
N ILE F 27 -11.59 51.68 22.68
CA ILE F 27 -11.63 52.47 23.90
C ILE F 27 -10.51 52.02 24.83
N VAL F 28 -9.69 52.97 25.28
CA VAL F 28 -8.61 52.72 26.23
C VAL F 28 -9.03 53.22 27.60
N VAL F 29 -8.76 52.42 28.63
CA VAL F 29 -9.01 52.79 30.02
C VAL F 29 -7.71 52.67 30.79
N SER F 30 -7.34 53.74 31.49
CA SER F 30 -6.11 53.78 32.27
C SER F 30 -6.42 54.12 33.72
N GLY F 31 -5.70 53.47 34.63
CA GLY F 31 -5.79 53.79 36.05
C GLY F 31 -4.46 54.34 36.54
N ALA F 32 -4.52 55.19 37.55
CA ALA F 32 -3.35 55.92 38.01
C ALA F 32 -3.13 55.69 39.50
N ALA F 33 -1.97 56.16 39.99
CA ALA F 33 -1.62 56.00 41.39
C ALA F 33 -2.50 56.84 42.30
N ASP F 34 -3.05 57.94 41.79
CA ASP F 34 -3.94 58.79 42.57
C ASP F 34 -5.38 58.30 42.59
N GLY F 35 -5.65 57.12 42.02
CA GLY F 35 -6.98 56.57 42.00
C GLY F 35 -7.85 56.99 40.85
N THR F 36 -7.37 57.86 39.97
CA THR F 36 -8.19 58.34 38.87
C THR F 36 -8.21 57.31 37.73
N ILE F 37 -9.34 57.24 37.06
CA ILE F 37 -9.52 56.39 35.88
C ILE F 37 -9.96 57.28 34.73
N LYS F 38 -9.33 57.08 33.57
CA LYS F 38 -9.63 57.87 32.38
C LYS F 38 -10.01 56.96 31.23
N VAL F 39 -10.98 57.40 30.43
CA VAL F 39 -11.49 56.65 29.29
C VAL F 39 -11.17 57.42 28.02
N TRP F 40 -10.52 56.77 27.07
CA TRP F 40 -10.09 57.41 25.83
C TRP F 40 -10.73 56.75 24.62
N ASP F 41 -11.11 57.57 23.64
CA ASP F 41 -11.43 57.10 22.30
C ASP F 41 -10.17 57.16 21.46
N ILE F 42 -9.76 56.02 20.91
CA ILE F 42 -8.50 55.99 20.16
C ILE F 42 -8.65 56.43 18.72
N LEU F 43 -9.87 56.45 18.18
CA LEU F 43 -10.08 56.96 16.83
C LEU F 43 -9.92 58.48 16.79
N THR F 44 -10.45 59.17 17.80
CA THR F 44 -10.36 60.62 17.88
C THR F 44 -9.21 61.11 18.74
N GLY F 45 -8.69 60.26 19.63
CA GLY F 45 -7.69 60.71 20.59
C GLY F 45 -8.23 61.54 21.72
N GLN F 46 -9.55 61.65 21.85
CA GLN F 46 -10.17 62.53 22.82
C GLN F 46 -10.41 61.81 24.14
N LEU F 47 -10.28 62.57 25.23
CA LEU F 47 -10.58 62.08 26.57
C LEU F 47 -12.09 62.01 26.71
N LEU F 48 -12.65 60.80 26.66
CA LEU F 48 -14.09 60.65 26.80
C LEU F 48 -14.56 61.02 28.20
N ARG F 49 -13.78 60.65 29.22
CA ARG F 49 -14.19 60.88 30.59
C ARG F 49 -12.99 60.74 31.50
N ASP F 50 -13.02 61.46 32.62
CA ASP F 50 -11.99 61.36 33.64
C ASP F 50 -12.63 61.65 34.98
N HIS F 51 -12.56 60.67 35.88
CA HIS F 51 -13.19 60.78 37.19
C HIS F 51 -12.31 60.10 38.23
N ASP F 52 -12.60 60.37 39.49
CA ASP F 52 -11.94 59.68 40.60
C ASP F 52 -12.61 58.34 40.78
N GLY F 53 -12.07 57.32 40.13
CA GLY F 53 -12.62 55.98 40.28
C GLY F 53 -12.48 55.48 41.71
N HIS F 54 -11.29 55.59 42.28
CA HIS F 54 -11.03 55.10 43.62
C HIS F 54 -10.32 56.18 44.43
N GLN F 55 -10.34 55.99 45.76
CA GLN F 55 -9.61 56.84 46.69
C GLN F 55 -8.20 56.36 46.94
N SER F 56 -7.78 55.28 46.28
CA SER F 56 -6.44 54.76 46.39
C SER F 56 -5.95 54.36 45.00
N GLU F 57 -4.64 54.12 44.90
CA GLU F 57 -4.04 53.65 43.66
C GLU F 57 -4.80 52.46 43.10
N VAL F 58 -5.20 52.55 41.83
CA VAL F 58 -5.87 51.42 41.20
C VAL F 58 -4.79 50.42 40.79
N THR F 59 -4.99 49.16 41.12
CA THR F 59 -3.98 48.15 40.95
C THR F 59 -4.24 47.21 39.79
N ALA F 60 -5.47 47.18 39.28
CA ALA F 60 -5.83 46.27 38.21
C ALA F 60 -7.06 46.79 37.49
N LEU F 61 -7.11 46.53 36.18
CA LEU F 61 -8.23 46.92 35.34
C LEU F 61 -8.58 45.76 34.41
N GLN F 62 -9.87 45.49 34.28
CA GLN F 62 -10.36 44.53 33.31
C GLN F 62 -11.51 45.17 32.55
N PHE F 63 -11.50 45.04 31.22
CA PHE F 63 -12.43 45.72 30.34
C PHE F 63 -12.91 44.73 29.30
N LYS F 64 -14.22 44.47 29.27
CA LYS F 64 -14.77 43.45 28.40
C LYS F 64 -16.27 43.65 28.26
N ASP F 65 -16.74 43.83 27.01
CA ASP F 65 -18.17 43.94 26.69
C ASP F 65 -18.82 45.10 27.44
N ASN F 66 -18.25 46.29 27.27
CA ASN F 66 -18.75 47.55 27.81
C ASN F 66 -18.70 47.62 29.34
N ILE F 67 -18.04 46.69 30.01
CA ILE F 67 -17.99 46.65 31.45
C ILE F 67 -16.53 46.67 31.90
N VAL F 68 -16.21 47.60 32.81
CA VAL F 68 -14.88 47.73 33.38
C VAL F 68 -14.92 47.32 34.84
N VAL F 69 -13.92 46.54 35.27
CA VAL F 69 -13.76 46.15 36.65
C VAL F 69 -12.41 46.66 37.13
N SER F 70 -12.40 47.36 38.25
CA SER F 70 -11.20 48.00 38.78
C SER F 70 -11.04 47.69 40.26
N GLY F 71 -9.80 47.47 40.67
CA GLY F 71 -9.48 47.28 42.07
C GLY F 71 -8.42 48.27 42.50
N ALA F 72 -8.43 48.59 43.79
CA ALA F 72 -7.54 49.59 44.35
C ALA F 72 -6.84 49.07 45.60
N LYS F 73 -5.90 49.87 46.10
CA LYS F 73 -5.12 49.51 47.28
C LYS F 73 -5.93 49.54 48.57
N ASP F 74 -7.12 50.13 48.57
CA ASP F 74 -7.98 50.12 49.73
C ASP F 74 -8.92 48.91 49.77
N GLY F 75 -8.71 47.94 48.89
CA GLY F 75 -9.50 46.73 48.89
C GLY F 75 -10.80 46.81 48.10
N THR F 76 -11.15 47.97 47.57
CA THR F 76 -12.40 48.11 46.84
C THR F 76 -12.29 47.51 45.45
N VAL F 77 -13.36 46.82 45.04
CA VAL F 77 -13.51 46.32 43.68
C VAL F 77 -14.79 46.93 43.12
N LYS F 78 -14.70 47.52 41.93
CA LYS F 78 -15.83 48.24 41.36
C LYS F 78 -16.14 47.77 39.95
N VAL F 79 -17.43 47.69 39.64
CA VAL F 79 -17.93 47.31 38.34
C VAL F 79 -18.71 48.50 37.79
N TRP F 80 -18.36 48.96 36.60
CA TRP F 80 -19.05 50.13 36.06
C TRP F 80 -19.12 50.06 34.53
N TYR F 81 -19.94 50.95 33.98
CA TYR F 81 -20.31 50.94 32.57
C TYR F 81 -19.43 51.90 31.79
N ILE F 82 -18.85 51.42 30.69
CA ILE F 82 -17.82 52.16 29.97
C ILE F 82 -18.37 53.46 29.41
N GLY F 83 -19.66 53.50 29.10
CA GLY F 83 -20.21 54.68 28.42
C GLY F 83 -20.42 55.87 29.31
N THR F 84 -20.76 55.64 30.58
CA THR F 84 -21.12 56.72 31.50
C THR F 84 -20.21 56.83 32.71
N GLY F 85 -19.51 55.77 33.09
CA GLY F 85 -18.71 55.77 34.28
C GLY F 85 -19.45 55.46 35.56
N GLN F 86 -20.78 55.33 35.50
CA GLN F 86 -21.56 55.03 36.68
C GLN F 86 -21.43 53.54 37.03
N GLU F 87 -21.50 53.26 38.33
CA GLU F 87 -21.30 51.89 38.81
C GLU F 87 -22.54 51.05 38.59
N LEU F 88 -22.35 49.88 38.00
CA LEU F 88 -23.48 48.98 37.75
C LEU F 88 -23.94 48.32 39.04
N VAL F 89 -23.01 47.98 39.93
CA VAL F 89 -23.33 47.17 41.09
C VAL F 89 -22.31 47.42 42.19
N SER F 90 -22.61 46.96 43.40
CA SER F 90 -21.78 47.23 44.57
C SER F 90 -21.15 45.94 45.05
N LEU F 91 -19.82 45.90 45.10
CA LEU F 91 -19.08 44.77 45.61
C LEU F 91 -18.54 45.08 47.01
N GLU F 92 -18.53 44.07 47.87
CA GLU F 92 -18.07 44.27 49.24
C GLU F 92 -16.57 44.56 49.27
N GLY F 93 -15.79 43.90 48.43
CA GLY F 93 -14.36 44.10 48.39
C GLY F 93 -13.62 43.29 49.44
N HIS F 94 -12.33 43.59 49.55
CA HIS F 94 -11.44 42.95 50.51
C HIS F 94 -11.05 43.94 51.60
N GLN F 95 -10.50 43.42 52.69
CA GLN F 95 -10.01 44.23 53.78
C GLN F 95 -8.49 44.45 53.71
N SER F 96 -7.87 44.09 52.59
CA SER F 96 -6.49 44.46 52.30
C SER F 96 -6.42 44.88 50.83
N ALA F 97 -5.25 45.34 50.41
CA ALA F 97 -5.09 45.87 49.06
C ALA F 97 -5.41 44.82 48.01
N ILE F 98 -5.98 45.28 46.89
CA ILE F 98 -6.23 44.39 45.76
C ILE F 98 -4.94 44.21 44.99
N THR F 99 -4.58 42.95 44.72
CA THR F 99 -3.32 42.64 44.06
C THR F 99 -3.48 41.85 42.77
N ALA F 100 -4.69 41.43 42.42
CA ALA F 100 -4.92 40.68 41.18
C ALA F 100 -6.41 40.69 40.86
N LEU F 101 -6.73 40.80 39.58
CA LEU F 101 -8.12 40.84 39.12
C LEU F 101 -8.27 39.97 37.88
N ALA F 102 -9.40 39.28 37.80
CA ALA F 102 -9.73 38.47 36.63
C ALA F 102 -11.21 38.62 36.32
N PHE F 103 -11.54 38.63 35.03
CA PHE F 103 -12.90 38.91 34.58
C PHE F 103 -13.23 37.99 33.41
N SER F 104 -14.08 37.00 33.66
CA SER F 104 -14.51 36.06 32.62
C SER F 104 -16.00 35.83 32.75
N LYS F 105 -16.69 35.84 31.60
CA LYS F 105 -18.14 35.70 31.54
C LYS F 105 -18.74 36.82 32.38
N ASN F 106 -19.68 36.55 33.28
CA ASN F 106 -20.20 37.55 34.21
C ASN F 106 -19.63 37.38 35.61
N ILE F 107 -18.42 36.86 35.72
CA ILE F 107 -17.76 36.57 36.99
C ILE F 107 -16.46 37.37 37.08
N VAL F 108 -16.23 37.98 38.24
CA VAL F 108 -14.95 38.61 38.54
C VAL F 108 -14.32 37.90 39.73
N VAL F 109 -13.01 37.71 39.66
CA VAL F 109 -12.24 37.09 40.73
C VAL F 109 -11.17 38.09 41.16
N SER F 110 -11.17 38.43 42.45
CA SER F 110 -10.22 39.38 43.01
C SER F 110 -9.36 38.70 44.05
N GLY F 111 -8.08 39.07 44.08
CA GLY F 111 -7.16 38.57 45.08
C GLY F 111 -6.51 39.73 45.83
N ALA F 112 -6.24 39.52 47.11
CA ALA F 112 -5.79 40.60 47.98
C ALA F 112 -4.45 40.25 48.63
N ALA F 113 -3.84 41.28 49.22
CA ALA F 113 -2.56 41.12 49.89
C ALA F 113 -2.62 40.21 51.10
N ASP F 114 -3.81 40.00 51.67
CA ASP F 114 -3.97 39.07 52.77
C ASP F 114 -4.16 37.63 52.31
N GLY F 115 -4.08 37.37 51.00
CA GLY F 115 -4.22 36.03 50.48
C GLY F 115 -5.64 35.59 50.17
N THR F 116 -6.63 36.42 50.48
CA THR F 116 -8.01 36.03 50.21
C THR F 116 -8.32 36.16 48.72
N ILE F 117 -9.21 35.28 48.26
CA ILE F 117 -9.68 35.27 46.88
C ILE F 117 -11.20 35.22 46.92
N LYS F 118 -11.83 36.16 46.22
CA LYS F 118 -13.28 36.30 46.24
C LYS F 118 -13.79 36.31 44.80
N VAL F 119 -14.92 35.64 44.57
CA VAL F 119 -15.55 35.61 43.26
C VAL F 119 -16.92 36.27 43.36
N TRP F 120 -17.20 37.18 42.44
CA TRP F 120 -18.40 38.00 42.49
C TRP F 120 -19.23 37.81 41.22
N ASP F 121 -20.54 38.00 41.36
CA ASP F 121 -21.45 38.04 40.23
C ASP F 121 -21.67 39.51 39.86
N ILE F 122 -21.26 39.90 38.65
CA ILE F 122 -21.39 41.29 38.23
C ILE F 122 -22.83 41.68 37.95
N LEU F 123 -23.75 40.72 37.89
CA LEU F 123 -25.15 41.04 37.66
C LEU F 123 -25.82 41.55 38.93
N THR F 124 -25.48 40.95 40.07
CA THR F 124 -26.11 41.27 41.34
C THR F 124 -25.15 41.84 42.37
N GLY F 125 -23.84 41.75 42.15
CA GLY F 125 -22.89 42.18 43.15
C GLY F 125 -22.71 41.22 44.30
N GLN F 126 -23.31 40.03 44.22
CA GLN F 126 -23.24 39.07 45.30
C GLN F 126 -21.89 38.37 45.32
N LEU F 127 -21.39 38.11 46.53
CA LEU F 127 -20.19 37.30 46.71
C LEU F 127 -20.59 35.83 46.60
N LEU F 128 -20.18 35.18 45.52
CA LEU F 128 -20.59 33.79 45.28
C LEU F 128 -19.73 32.82 46.07
N ARG F 129 -18.42 32.95 46.00
CA ARG F 129 -17.49 32.09 46.73
C ARG F 129 -16.49 32.93 47.51
N ASP F 130 -16.18 32.49 48.72
CA ASP F 130 -15.23 33.14 49.60
C ASP F 130 -14.05 32.18 49.80
N HIS F 131 -13.24 32.02 48.76
CA HIS F 131 -12.34 30.88 48.69
C HIS F 131 -11.20 30.98 49.70
N ASP F 132 -10.68 32.18 49.94
CA ASP F 132 -9.57 32.39 50.87
C ASP F 132 -8.42 31.44 50.57
N GLY F 133 -7.78 31.70 49.43
CA GLY F 133 -6.82 30.77 48.87
C GLY F 133 -5.52 30.58 49.63
N HIS F 134 -4.68 31.61 49.67
CA HIS F 134 -3.31 31.47 50.13
C HIS F 134 -3.09 32.16 51.48
N GLN F 135 -2.10 31.66 52.22
CA GLN F 135 -1.63 32.29 53.45
C GLN F 135 -0.55 33.33 53.18
N SER F 136 -0.70 34.05 52.07
CA SER F 136 0.32 34.96 51.56
C SER F 136 -0.31 35.75 50.43
N GLU F 137 0.28 36.92 50.14
CA GLU F 137 -0.29 37.82 49.15
C GLU F 137 -0.51 37.13 47.82
N VAL F 138 -1.72 37.26 47.28
CA VAL F 138 -2.01 36.77 45.94
C VAL F 138 -1.30 37.67 44.93
N THR F 139 -0.49 37.05 44.06
CA THR F 139 0.33 37.81 43.12
C THR F 139 -0.11 37.69 41.67
N ALA F 140 -0.97 36.72 41.34
CA ALA F 140 -1.38 36.54 39.94
C ALA F 140 -2.67 35.74 39.91
N LEU F 141 -3.55 36.10 38.99
CA LEU F 141 -4.83 35.43 38.82
C LEU F 141 -5.10 35.18 37.35
N GLN F 142 -5.56 33.97 37.03
CA GLN F 142 -6.00 33.63 35.70
C GLN F 142 -7.37 32.95 35.81
N PHE F 143 -8.29 33.36 34.94
CA PHE F 143 -9.67 32.89 34.99
C PHE F 143 -10.13 32.58 33.57
N LYS F 144 -10.26 31.30 33.25
CA LYS F 144 -10.71 30.87 31.93
C LYS F 144 -11.58 29.62 32.06
N ASP F 145 -12.75 29.66 31.42
CA ASP F 145 -13.66 28.52 31.33
C ASP F 145 -13.93 27.91 32.71
N ASN F 146 -14.41 28.75 33.62
CA ASN F 146 -14.78 28.34 34.98
C ASN F 146 -13.62 27.68 35.71
N ILE F 147 -12.40 28.13 35.47
CA ILE F 147 -11.22 27.62 36.16
C ILE F 147 -10.37 28.81 36.61
N VAL F 148 -10.10 28.88 37.91
CA VAL F 148 -9.32 29.97 38.50
C VAL F 148 -7.96 29.41 38.90
N VAL F 149 -6.90 30.06 38.41
CA VAL F 149 -5.53 29.73 38.77
C VAL F 149 -4.92 30.94 39.47
N SER F 150 -4.33 30.71 40.64
CA SER F 150 -3.79 31.81 41.45
C SER F 150 -2.38 31.48 41.91
N GLY F 151 -1.57 32.52 42.05
CA GLY F 151 -0.23 32.40 42.60
C GLY F 151 -0.04 33.31 43.79
N ALA F 152 0.91 32.99 44.67
CA ALA F 152 1.13 33.75 45.89
C ALA F 152 2.62 33.95 46.13
N LYS F 153 2.92 34.78 47.12
CA LYS F 153 4.30 35.11 47.45
C LYS F 153 5.07 33.93 48.03
N ASP F 154 4.38 32.94 48.60
CA ASP F 154 5.05 31.78 49.15
C ASP F 154 5.39 30.74 48.09
N GLY F 155 4.99 30.95 46.84
CA GLY F 155 5.27 30.02 45.77
C GLY F 155 4.16 29.02 45.47
N THR F 156 3.02 29.12 46.15
CA THR F 156 1.92 28.21 45.92
C THR F 156 1.17 28.57 44.65
N VAL F 157 0.68 27.55 43.95
CA VAL F 157 -0.15 27.71 42.76
C VAL F 157 -1.36 26.79 42.92
N LYS F 158 -2.54 27.38 42.94
CA LYS F 158 -3.78 26.64 43.19
C LYS F 158 -4.72 26.76 42.00
N VAL F 159 -5.57 25.74 41.85
CA VAL F 159 -6.54 25.66 40.75
C VAL F 159 -7.91 25.36 41.35
N TRP F 160 -8.93 26.10 40.90
CA TRP F 160 -10.29 25.94 41.39
C TRP F 160 -11.29 25.90 40.25
N TYR F 161 -12.32 25.09 40.41
CA TYR F 161 -13.49 25.11 39.55
C TYR F 161 -14.55 25.99 40.18
N ILE F 162 -15.15 26.87 39.38
CA ILE F 162 -16.19 27.76 39.87
C ILE F 162 -17.55 27.10 39.74
N MET G 4 39.71 -19.73 -39.71
CA MET G 4 40.13 -19.04 -38.49
C MET G 4 39.15 -19.30 -37.35
N GLY G 5 39.66 -19.23 -36.12
CA GLY G 5 38.85 -19.45 -34.94
C GLY G 5 38.37 -18.14 -34.33
N GLN G 6 37.10 -18.14 -33.92
CA GLN G 6 36.48 -16.97 -33.32
C GLN G 6 36.61 -17.02 -31.80
N GLU G 7 37.15 -15.96 -31.21
CA GLU G 7 37.35 -15.87 -29.78
C GLU G 7 36.31 -14.95 -29.15
N LEU G 8 35.87 -15.30 -27.94
CA LEU G 8 34.87 -14.54 -27.22
C LEU G 8 35.49 -13.48 -26.31
N VAL G 9 36.42 -13.90 -25.45
CA VAL G 9 37.13 -13.00 -24.55
C VAL G 9 38.60 -13.39 -24.55
N SER G 10 39.41 -12.55 -23.91
CA SER G 10 40.84 -12.79 -23.77
C SER G 10 41.16 -13.06 -22.30
N LEU G 11 41.90 -14.13 -22.04
CA LEU G 11 42.28 -14.52 -20.70
C LEU G 11 43.80 -14.47 -20.56
N GLU G 12 44.28 -13.86 -19.48
CA GLU G 12 45.71 -13.66 -19.31
C GLU G 12 46.45 -14.98 -19.12
N GLY G 13 45.78 -16.00 -18.59
CA GLY G 13 46.40 -17.30 -18.42
C GLY G 13 47.36 -17.35 -17.25
N HIS G 14 48.14 -18.42 -17.21
CA HIS G 14 49.15 -18.66 -16.19
C HIS G 14 50.54 -18.53 -16.78
N GLN G 15 51.55 -18.64 -15.92
CA GLN G 15 52.94 -18.67 -16.37
C GLN G 15 53.38 -20.09 -16.74
N SER G 16 52.93 -21.09 -15.98
CA SER G 16 53.29 -22.47 -16.23
C SER G 16 52.17 -23.19 -16.97
N ALA G 17 52.43 -24.45 -17.31
CA ALA G 17 51.51 -25.23 -18.13
C ALA G 17 50.15 -25.36 -17.46
N ILE G 18 49.10 -25.20 -18.26
CA ILE G 18 47.75 -25.56 -17.81
C ILE G 18 47.71 -27.07 -17.60
N THR G 19 47.31 -27.49 -16.39
CA THR G 19 47.22 -28.90 -16.06
C THR G 19 45.81 -29.36 -15.73
N ALA G 20 44.86 -28.45 -15.56
CA ALA G 20 43.49 -28.81 -15.26
C ALA G 20 42.59 -27.64 -15.65
N LEU G 21 41.35 -27.97 -16.00
CA LEU G 21 40.42 -26.98 -16.49
C LEU G 21 39.01 -27.39 -16.07
N ALA G 22 38.24 -26.43 -15.59
CA ALA G 22 36.86 -26.66 -15.21
C ALA G 22 36.02 -25.47 -15.62
N PHE G 23 34.81 -25.75 -16.10
CA PHE G 23 33.95 -24.74 -16.71
C PHE G 23 32.51 -25.04 -16.27
N SER G 24 31.97 -24.20 -15.40
CA SER G 24 30.60 -24.33 -14.92
C SER G 24 29.93 -22.97 -15.00
N LYS G 25 28.70 -22.94 -15.54
CA LYS G 25 27.99 -21.70 -15.76
C LYS G 25 28.86 -20.74 -16.57
N ASN G 26 29.14 -19.56 -16.04
CA ASN G 26 29.92 -18.57 -16.76
C ASN G 26 31.30 -18.35 -16.13
N ILE G 27 31.79 -19.35 -15.38
CA ILE G 27 33.06 -19.24 -14.68
C ILE G 27 33.96 -20.38 -15.12
N VAL G 28 35.23 -20.05 -15.38
CA VAL G 28 36.25 -21.02 -15.74
C VAL G 28 37.30 -21.04 -14.62
N VAL G 29 37.67 -22.25 -14.19
CA VAL G 29 38.75 -22.45 -13.22
C VAL G 29 39.88 -23.19 -13.92
N SER G 30 41.09 -22.66 -13.82
CA SER G 30 42.26 -23.25 -14.45
C SER G 30 43.33 -23.51 -13.40
N GLY G 31 44.00 -24.65 -13.53
CA GLY G 31 45.09 -25.02 -12.66
C GLY G 31 46.36 -25.22 -13.46
N ALA G 32 47.50 -24.92 -12.85
CA ALA G 32 48.77 -24.87 -13.56
C ALA G 32 49.83 -25.70 -12.85
N ALA G 33 50.93 -25.93 -13.56
CA ALA G 33 51.99 -26.80 -13.07
C ALA G 33 52.72 -26.22 -11.87
N ASP G 34 52.70 -24.91 -11.68
CA ASP G 34 53.30 -24.30 -10.51
C ASP G 34 52.36 -24.26 -9.31
N GLY G 35 51.16 -24.83 -9.44
CA GLY G 35 50.22 -24.87 -8.34
C GLY G 35 49.20 -23.76 -8.33
N THR G 36 49.31 -22.78 -9.23
CA THR G 36 48.38 -21.66 -9.22
C THR G 36 47.02 -22.11 -9.74
N ILE G 37 45.96 -21.53 -9.15
CA ILE G 37 44.59 -21.73 -9.60
C ILE G 37 43.99 -20.34 -9.83
N LYS G 38 43.39 -20.14 -10.99
CA LYS G 38 42.81 -18.86 -11.35
C LYS G 38 41.34 -19.03 -11.72
N VAL G 39 40.54 -18.03 -11.38
CA VAL G 39 39.10 -18.05 -11.58
C VAL G 39 38.76 -16.92 -12.55
N TRP G 40 38.13 -17.28 -13.67
CA TRP G 40 37.86 -16.35 -14.76
C TRP G 40 36.35 -16.22 -14.98
N ASP G 41 35.93 -15.00 -15.29
CA ASP G 41 34.57 -14.72 -15.77
C ASP G 41 34.63 -14.66 -17.29
N ILE G 42 33.99 -15.63 -17.95
CA ILE G 42 34.06 -15.69 -19.42
C ILE G 42 33.17 -14.66 -20.09
N LEU G 43 32.30 -13.99 -19.33
CA LEU G 43 31.49 -12.92 -19.92
C LEU G 43 32.33 -11.69 -20.23
N THR G 44 33.36 -11.42 -19.41
CA THR G 44 34.17 -10.22 -19.57
C THR G 44 35.66 -10.52 -19.74
N GLY G 45 36.07 -11.78 -19.64
CA GLY G 45 37.48 -12.11 -19.67
C GLY G 45 38.26 -11.71 -18.44
N GLN G 46 37.60 -11.22 -17.40
CA GLN G 46 38.28 -10.73 -16.22
C GLN G 46 38.75 -11.87 -15.33
N LEU G 47 39.90 -11.69 -14.70
CA LEU G 47 40.37 -12.59 -13.66
C LEU G 47 39.65 -12.26 -12.37
N LEU G 48 38.79 -13.17 -11.90
CA LEU G 48 38.02 -12.90 -10.69
C LEU G 48 38.90 -12.97 -9.45
N ARG G 49 39.80 -13.95 -9.38
CA ARG G 49 40.67 -14.07 -8.23
C ARG G 49 41.78 -15.07 -8.52
N ASP G 50 42.90 -14.89 -7.83
CA ASP G 50 43.92 -15.92 -7.71
C ASP G 50 43.60 -16.74 -6.46
N HIS G 51 43.21 -17.99 -6.64
CA HIS G 51 43.04 -18.87 -5.50
C HIS G 51 44.37 -19.04 -4.78
N ASP G 52 44.29 -19.46 -3.52
CA ASP G 52 45.50 -19.77 -2.76
C ASP G 52 46.34 -20.83 -3.46
N GLY G 53 45.73 -21.63 -4.34
CA GLY G 53 46.42 -22.67 -5.05
C GLY G 53 46.89 -23.78 -4.13
N HIS G 54 47.76 -24.62 -4.66
CA HIS G 54 48.44 -25.64 -3.90
C HIS G 54 49.94 -25.35 -3.90
N GLN G 55 50.64 -25.91 -2.92
CA GLN G 55 52.09 -25.82 -2.88
C GLN G 55 52.75 -26.82 -3.83
N SER G 56 52.01 -27.27 -4.84
CA SER G 56 52.46 -28.29 -5.78
C SER G 56 51.56 -28.20 -7.01
N GLU G 57 51.96 -28.89 -8.07
CA GLU G 57 51.21 -28.86 -9.31
C GLU G 57 49.79 -29.39 -9.11
N VAL G 58 48.80 -28.64 -9.55
CA VAL G 58 47.42 -29.11 -9.44
C VAL G 58 47.16 -30.07 -10.59
N THR G 59 46.64 -31.25 -10.26
CA THR G 59 46.52 -32.35 -11.22
C THR G 59 45.08 -32.64 -11.62
N ALA G 60 44.10 -32.10 -10.90
CA ALA G 60 42.70 -32.38 -11.20
C ALA G 60 41.84 -31.26 -10.66
N LEU G 61 40.75 -30.98 -11.38
CA LEU G 61 39.78 -29.97 -10.99
C LEU G 61 38.39 -30.48 -11.32
N GLN G 62 37.47 -30.38 -10.35
CA GLN G 62 36.06 -30.59 -10.59
C GLN G 62 35.30 -29.38 -10.08
N PHE G 63 34.32 -28.93 -10.86
CA PHE G 63 33.61 -27.68 -10.58
C PHE G 63 32.13 -27.93 -10.83
N LYS G 64 31.32 -27.76 -9.77
CA LYS G 64 29.91 -28.12 -9.85
C LYS G 64 29.15 -27.43 -8.73
N ASP G 65 28.12 -26.65 -9.09
CA ASP G 65 27.21 -26.03 -8.12
C ASP G 65 27.97 -25.16 -7.12
N ASN G 66 28.75 -24.21 -7.66
CA ASN G 66 29.51 -23.20 -6.91
C ASN G 66 30.60 -23.80 -6.02
N ILE G 67 30.83 -25.11 -6.09
CA ILE G 67 31.90 -25.76 -5.33
C ILE G 67 32.90 -26.31 -6.33
N VAL G 68 34.19 -26.10 -6.05
CA VAL G 68 35.23 -26.71 -6.86
C VAL G 68 36.12 -27.55 -5.95
N VAL G 69 36.57 -28.68 -6.47
CA VAL G 69 37.50 -29.56 -5.78
C VAL G 69 38.79 -29.60 -6.60
N SER G 70 39.93 -29.41 -5.92
CA SER G 70 41.21 -29.37 -6.58
C SER G 70 42.15 -30.36 -5.91
N GLY G 71 42.94 -31.05 -6.72
CA GLY G 71 43.95 -31.96 -6.22
C GLY G 71 45.30 -31.61 -6.79
N ALA G 72 46.34 -31.99 -6.04
CA ALA G 72 47.70 -31.61 -6.40
C ALA G 72 48.63 -32.81 -6.28
N LYS G 73 49.86 -32.62 -6.79
CA LYS G 73 50.85 -33.68 -6.78
C LYS G 73 51.35 -34.00 -5.38
N ASP G 74 51.13 -33.12 -4.40
CA ASP G 74 51.48 -33.39 -3.02
C ASP G 74 50.39 -34.15 -2.27
N GLY G 75 49.37 -34.63 -2.98
CA GLY G 75 48.32 -35.40 -2.37
C GLY G 75 47.24 -34.61 -1.68
N THR G 76 47.30 -33.28 -1.70
CA THR G 76 46.27 -32.46 -1.09
C THR G 76 45.02 -32.42 -1.97
N VAL G 77 43.86 -32.45 -1.32
CA VAL G 77 42.57 -32.28 -1.98
C VAL G 77 41.84 -31.15 -1.23
N LYS G 78 41.43 -30.13 -1.97
CA LYS G 78 40.81 -28.96 -1.37
C LYS G 78 39.40 -28.77 -1.92
N VAL G 79 38.51 -28.34 -1.05
CA VAL G 79 37.10 -28.11 -1.37
C VAL G 79 36.78 -26.67 -1.01
N TRP G 80 36.51 -25.84 -2.02
CA TRP G 80 36.34 -24.41 -1.76
C TRP G 80 35.20 -23.82 -2.57
N TYR G 81 34.78 -22.64 -2.14
CA TYR G 81 33.66 -21.91 -2.71
C TYR G 81 34.14 -21.04 -3.86
N ILE G 82 33.44 -21.12 -5.00
CA ILE G 82 33.92 -20.45 -6.21
C ILE G 82 33.94 -18.93 -6.04
N GLY G 83 32.99 -18.38 -5.27
CA GLY G 83 32.86 -16.95 -5.20
C GLY G 83 33.92 -16.25 -4.39
N THR G 84 34.44 -16.92 -3.36
CA THR G 84 35.44 -16.34 -2.47
C THR G 84 36.75 -17.11 -2.45
N GLY G 85 36.81 -18.30 -3.03
CA GLY G 85 37.99 -19.14 -2.93
C GLY G 85 38.24 -19.72 -1.56
N GLN G 86 37.40 -19.43 -0.58
CA GLN G 86 37.60 -19.91 0.78
C GLN G 86 37.28 -21.39 0.88
N GLU G 87 38.08 -22.10 1.68
CA GLU G 87 37.88 -23.53 1.84
C GLU G 87 36.62 -23.81 2.64
N LEU G 88 35.78 -24.69 2.10
CA LEU G 88 34.54 -25.07 2.78
C LEU G 88 34.81 -26.09 3.87
N VAL G 89 35.69 -27.04 3.60
CA VAL G 89 35.89 -28.19 4.48
C VAL G 89 37.30 -28.72 4.26
N SER G 90 37.78 -29.52 5.20
CA SER G 90 39.15 -30.03 5.19
C SER G 90 39.17 -31.52 4.94
N LEU G 91 39.96 -31.94 3.95
CA LEU G 91 40.14 -33.36 3.62
C LEU G 91 41.57 -33.77 3.95
N GLU G 92 41.72 -34.98 4.50
CA GLU G 92 43.03 -35.50 4.82
C GLU G 92 43.92 -35.58 3.58
N GLY G 93 43.34 -35.94 2.44
CA GLY G 93 44.11 -36.15 1.24
C GLY G 93 44.67 -37.55 1.16
N HIS G 94 45.60 -37.73 0.24
CA HIS G 94 46.36 -38.96 0.08
C HIS G 94 47.82 -38.72 0.47
N GLN G 95 48.55 -39.82 0.62
CA GLN G 95 49.98 -39.73 0.89
C GLN G 95 50.82 -39.72 -0.38
N SER G 96 50.21 -39.93 -1.54
CA SER G 96 50.91 -39.80 -2.82
C SER G 96 50.12 -38.85 -3.72
N ALA G 97 50.66 -38.61 -4.92
CA ALA G 97 50.12 -37.59 -5.80
C ALA G 97 48.71 -37.91 -6.26
N ILE G 98 47.85 -36.89 -6.24
CA ILE G 98 46.50 -37.04 -6.77
C ILE G 98 46.59 -37.19 -8.28
N THR G 99 45.89 -38.19 -8.83
CA THR G 99 45.89 -38.42 -10.25
C THR G 99 44.52 -38.35 -10.89
N ALA G 100 43.43 -38.41 -10.12
CA ALA G 100 42.10 -38.36 -10.69
C ALA G 100 41.10 -37.89 -9.64
N LEU G 101 40.12 -37.10 -10.09
CA LEU G 101 39.08 -36.59 -9.22
C LEU G 101 37.73 -36.79 -9.88
N ALA G 102 36.72 -37.09 -9.07
CA ALA G 102 35.34 -37.20 -9.53
C ALA G 102 34.42 -36.63 -8.47
N PHE G 103 33.40 -35.91 -8.92
CA PHE G 103 32.53 -35.11 -8.04
C PHE G 103 31.10 -35.29 -8.48
N SER G 104 30.32 -36.04 -7.70
CA SER G 104 28.92 -36.29 -7.99
C SER G 104 28.12 -36.12 -6.70
N LYS G 105 27.01 -35.38 -6.78
CA LYS G 105 26.15 -35.09 -5.63
C LYS G 105 27.04 -34.40 -4.59
N ASN G 106 27.00 -34.81 -3.32
CA ASN G 106 27.86 -34.25 -2.28
C ASN G 106 29.04 -35.16 -1.96
N ILE G 107 29.48 -35.96 -2.93
CA ILE G 107 30.53 -36.96 -2.73
C ILE G 107 31.68 -36.66 -3.68
N VAL G 108 32.90 -36.67 -3.15
CA VAL G 108 34.11 -36.54 -3.94
C VAL G 108 34.87 -37.85 -3.86
N VAL G 109 35.37 -38.32 -5.00
CA VAL G 109 36.21 -39.50 -5.08
C VAL G 109 37.56 -39.10 -5.64
N SER G 110 38.64 -39.41 -4.90
CA SER G 110 39.99 -39.09 -5.33
C SER G 110 40.79 -40.36 -5.56
N GLY G 111 41.68 -40.30 -6.55
CA GLY G 111 42.60 -41.39 -6.82
C GLY G 111 44.02 -40.88 -6.88
N ALA G 112 44.94 -41.70 -6.40
CA ALA G 112 46.33 -41.28 -6.23
C ALA G 112 47.28 -42.22 -6.95
N ALA G 113 48.54 -41.79 -7.06
CA ALA G 113 49.54 -42.53 -7.80
C ALA G 113 49.88 -43.88 -7.17
N ASP G 114 49.56 -44.08 -5.89
CA ASP G 114 49.81 -45.36 -5.24
C ASP G 114 48.65 -46.33 -5.39
N GLY G 115 47.60 -45.95 -6.13
CA GLY G 115 46.46 -46.80 -6.34
C GLY G 115 45.32 -46.62 -5.35
N THR G 116 45.53 -45.84 -4.29
CA THR G 116 44.47 -45.66 -3.31
C THR G 116 43.33 -44.82 -3.90
N ILE G 117 42.11 -45.15 -3.46
CA ILE G 117 40.91 -44.41 -3.85
C ILE G 117 40.13 -44.09 -2.58
N LYS G 118 39.87 -42.81 -2.35
CA LYS G 118 39.21 -42.35 -1.14
C LYS G 118 37.94 -41.59 -1.50
N VAL G 119 36.92 -41.74 -0.64
CA VAL G 119 35.59 -41.20 -0.86
C VAL G 119 35.30 -40.20 0.26
N TRP G 120 35.01 -38.95 -0.13
CA TRP G 120 34.89 -37.86 0.83
C TRP G 120 33.48 -37.29 0.80
N ASP G 121 32.98 -36.93 1.99
CA ASP G 121 31.73 -36.20 2.13
C ASP G 121 32.05 -34.71 2.21
N ILE G 122 31.59 -33.94 1.22
CA ILE G 122 31.95 -32.52 1.15
C ILE G 122 31.17 -31.66 2.14
N LEU G 123 30.14 -32.20 2.79
CA LEU G 123 29.44 -31.42 3.82
C LEU G 123 30.22 -31.39 5.12
N THR G 124 30.92 -32.48 5.45
CA THR G 124 31.68 -32.58 6.68
C THR G 124 33.18 -32.78 6.47
N GLY G 125 33.60 -33.15 5.25
CA GLY G 125 34.99 -33.45 5.00
C GLY G 125 35.43 -34.81 5.48
N GLN G 126 34.52 -35.63 5.98
CA GLN G 126 34.89 -36.91 6.57
C GLN G 126 35.17 -37.93 5.47
N LEU G 127 36.17 -38.77 5.72
CA LEU G 127 36.44 -39.90 4.85
C LEU G 127 35.33 -40.94 4.99
N LEU G 128 34.65 -41.26 3.89
CA LEU G 128 33.60 -42.27 3.92
C LEU G 128 34.24 -43.65 3.85
N ARG G 129 33.50 -44.67 3.44
CA ARG G 129 34.02 -46.02 3.57
C ARG G 129 35.17 -46.27 2.59
N ASP G 130 36.06 -47.18 3.00
CA ASP G 130 37.30 -47.41 2.27
C ASP G 130 37.06 -48.08 0.94
N HIS G 131 37.94 -47.80 -0.01
CA HIS G 131 38.02 -48.53 -1.27
C HIS G 131 39.39 -49.18 -1.33
N ASP G 132 39.42 -50.47 -1.66
CA ASP G 132 40.69 -51.20 -1.75
C ASP G 132 41.67 -50.51 -2.68
N GLY G 133 41.18 -49.87 -3.73
CA GLY G 133 42.03 -49.23 -4.69
C GLY G 133 42.58 -50.21 -5.71
N HIS G 134 43.62 -49.78 -6.41
CA HIS G 134 44.32 -50.61 -7.35
C HIS G 134 45.76 -50.83 -6.88
N GLN G 135 46.40 -51.84 -7.46
CA GLN G 135 47.81 -52.09 -7.20
C GLN G 135 48.72 -51.14 -7.95
N SER G 136 48.17 -50.09 -8.56
CA SER G 136 48.92 -49.21 -9.43
C SER G 136 48.19 -47.89 -9.53
N GLU G 137 48.89 -46.88 -10.05
CA GLU G 137 48.35 -45.53 -10.14
C GLU G 137 46.98 -45.50 -10.81
N VAL G 138 46.03 -44.82 -10.16
CA VAL G 138 44.71 -44.62 -10.75
C VAL G 138 44.84 -43.59 -11.88
N THR G 139 44.45 -43.98 -13.09
CA THR G 139 44.61 -43.11 -14.24
C THR G 139 43.32 -42.41 -14.65
N ALA G 140 42.15 -42.92 -14.26
CA ALA G 140 40.89 -42.32 -14.67
C ALA G 140 39.82 -42.68 -13.65
N LEU G 141 38.87 -41.76 -13.49
CA LEU G 141 37.76 -41.94 -12.56
C LEU G 141 36.46 -41.52 -13.23
N GLN G 142 35.40 -42.29 -13.01
CA GLN G 142 34.06 -41.92 -13.45
C GLN G 142 33.10 -42.22 -12.32
N PHE G 143 32.27 -41.24 -11.97
CA PHE G 143 31.40 -41.33 -10.80
C PHE G 143 29.99 -40.90 -11.19
N LYS G 144 29.03 -41.80 -11.01
CA LYS G 144 27.67 -41.59 -11.51
C LYS G 144 26.72 -42.51 -10.76
N ASP G 145 25.66 -41.93 -10.19
CA ASP G 145 24.57 -42.70 -9.56
C ASP G 145 25.09 -43.67 -8.51
N ASN G 146 25.94 -43.16 -7.61
CA ASN G 146 26.53 -43.93 -6.52
C ASN G 146 27.44 -45.04 -6.99
N ILE G 147 27.92 -44.99 -8.23
CA ILE G 147 28.83 -45.98 -8.78
C ILE G 147 30.09 -45.28 -9.26
N VAL G 148 31.25 -45.77 -8.79
CA VAL G 148 32.55 -45.27 -9.22
C VAL G 148 33.20 -46.33 -10.10
N VAL G 149 33.65 -45.92 -11.28
CA VAL G 149 34.45 -46.77 -12.15
C VAL G 149 35.85 -46.17 -12.21
N SER G 150 36.86 -47.01 -12.07
CA SER G 150 38.24 -46.56 -12.01
C SER G 150 39.13 -47.46 -12.86
N GLY G 151 40.20 -46.88 -13.39
CA GLY G 151 41.19 -47.62 -14.14
C GLY G 151 42.59 -47.30 -13.65
N ALA G 152 43.51 -48.24 -13.92
CA ALA G 152 44.85 -48.15 -13.37
C ALA G 152 45.88 -48.52 -14.42
N LYS G 153 47.15 -48.21 -14.11
CA LYS G 153 48.25 -48.44 -15.03
C LYS G 153 48.54 -49.92 -15.26
N ASP G 154 48.02 -50.80 -14.42
CA ASP G 154 48.16 -52.24 -14.66
C ASP G 154 47.08 -52.78 -15.60
N GLY G 155 46.19 -51.92 -16.07
CA GLY G 155 45.12 -52.33 -16.97
C GLY G 155 43.85 -52.80 -16.29
N THR G 156 43.78 -52.75 -14.97
CA THR G 156 42.58 -53.17 -14.27
C THR G 156 41.52 -52.07 -14.30
N VAL G 157 40.26 -52.49 -14.34
CA VAL G 157 39.11 -51.60 -14.27
C VAL G 157 38.20 -52.11 -13.16
N LYS G 158 37.88 -51.24 -12.20
CA LYS G 158 37.09 -51.61 -11.04
C LYS G 158 35.79 -50.83 -11.00
N VAL G 159 34.74 -51.48 -10.49
CA VAL G 159 33.42 -50.88 -10.37
C VAL G 159 33.01 -50.95 -8.90
N TRP G 160 32.81 -49.80 -8.28
CA TRP G 160 32.60 -49.70 -6.84
C TRP G 160 31.29 -48.98 -6.55
N TYR G 161 30.47 -49.55 -5.68
CA TYR G 161 29.23 -48.94 -5.25
C TYR G 161 29.47 -48.09 -4.01
N ILE G 162 29.07 -46.83 -4.07
CA ILE G 162 29.21 -45.90 -2.96
C ILE G 162 27.92 -45.94 -2.13
N GLY G 163 28.04 -46.31 -0.86
CA GLY G 163 26.89 -46.37 0.02
C GLY G 163 27.23 -46.10 1.47
N HIS H 3 23.37 -51.32 0.51
CA HIS H 3 23.50 -50.06 1.24
C HIS H 3 24.95 -49.81 1.64
N MET H 4 25.72 -50.87 1.82
CA MET H 4 27.10 -50.76 2.28
C MET H 4 28.05 -50.60 1.10
N GLY H 5 28.97 -49.64 1.21
CA GLY H 5 30.00 -49.43 0.20
C GLY H 5 30.79 -50.69 -0.06
N GLN H 6 30.95 -51.05 -1.33
CA GLN H 6 31.42 -52.39 -1.67
C GLN H 6 31.82 -52.42 -3.14
N GLU H 7 32.61 -53.43 -3.50
CA GLU H 7 32.91 -53.68 -4.90
C GLU H 7 31.71 -54.31 -5.58
N LEU H 8 31.30 -53.72 -6.70
CA LEU H 8 30.07 -54.15 -7.38
C LEU H 8 30.32 -55.42 -8.20
N VAL H 9 31.02 -55.28 -9.31
CA VAL H 9 31.28 -56.39 -10.23
C VAL H 9 32.76 -56.41 -10.56
N SER H 10 33.21 -57.54 -11.10
CA SER H 10 34.59 -57.72 -11.53
C SER H 10 34.66 -57.65 -13.04
N LEU H 11 35.63 -56.89 -13.55
CA LEU H 11 35.89 -56.79 -14.97
C LEU H 11 37.30 -57.27 -15.26
N GLU H 12 37.48 -57.89 -16.43
CA GLU H 12 38.79 -58.45 -16.77
C GLU H 12 39.83 -57.36 -16.99
N GLY H 13 39.43 -56.22 -17.55
CA GLY H 13 40.37 -55.16 -17.82
C GLY H 13 41.11 -55.38 -19.13
N HIS H 14 42.20 -54.64 -19.29
CA HIS H 14 43.03 -54.71 -20.48
C HIS H 14 44.39 -55.29 -20.14
N GLN H 15 45.15 -55.62 -21.18
CA GLN H 15 46.52 -56.10 -21.00
C GLN H 15 47.50 -54.97 -20.74
N SER H 16 47.16 -53.74 -21.12
CA SER H 16 48.04 -52.60 -20.93
C SER H 16 47.33 -51.51 -20.15
N ALA H 17 48.09 -50.45 -19.84
CA ALA H 17 47.63 -49.42 -18.91
C ALA H 17 46.35 -48.74 -19.40
N ILE H 18 45.42 -48.52 -18.47
CA ILE H 18 44.19 -47.81 -18.77
C ILE H 18 44.52 -46.33 -18.98
N THR H 19 44.15 -45.80 -20.15
CA THR H 19 44.41 -44.40 -20.46
C THR H 19 43.16 -43.55 -20.64
N ALA H 20 41.97 -44.14 -20.70
CA ALA H 20 40.76 -43.37 -20.87
C ALA H 20 39.56 -44.20 -20.40
N LEU H 21 38.56 -43.50 -19.87
CA LEU H 21 37.41 -44.14 -19.26
C LEU H 21 36.17 -43.29 -19.54
N ALA H 22 35.04 -43.97 -19.77
CA ALA H 22 33.77 -43.29 -19.97
C ALA H 22 32.65 -44.19 -19.48
N PHE H 23 31.63 -43.58 -18.89
CA PHE H 23 30.60 -44.32 -18.15
C PHE H 23 29.25 -43.69 -18.44
N SER H 24 28.32 -44.50 -18.98
CA SER H 24 26.99 -43.99 -19.31
C SER H 24 25.98 -45.13 -19.25
N LYS H 25 24.93 -44.95 -18.45
CA LYS H 25 23.78 -45.85 -18.38
C LYS H 25 24.18 -47.32 -18.34
N ASN H 26 24.90 -47.68 -17.26
CA ASN H 26 25.29 -49.05 -16.95
C ASN H 26 26.29 -49.66 -17.93
N ILE H 27 26.87 -48.86 -18.83
CA ILE H 27 27.88 -49.35 -19.76
C ILE H 27 29.15 -48.54 -19.57
N VAL H 28 30.28 -49.23 -19.46
CA VAL H 28 31.60 -48.63 -19.27
C VAL H 28 32.41 -48.86 -20.53
N VAL H 29 33.06 -47.81 -21.02
CA VAL H 29 34.02 -47.91 -22.12
C VAL H 29 35.40 -47.58 -21.58
N SER H 30 36.36 -48.46 -21.83
CA SER H 30 37.73 -48.29 -21.37
C SER H 30 38.69 -48.36 -22.55
N GLY H 31 39.74 -47.55 -22.49
CA GLY H 31 40.77 -47.57 -23.51
C GLY H 31 42.14 -47.71 -22.87
N ALA H 32 43.05 -48.35 -23.59
CA ALA H 32 44.34 -48.72 -23.04
C ALA H 32 45.48 -48.23 -23.93
N ALA H 33 46.70 -48.31 -23.37
CA ALA H 33 47.88 -47.81 -24.05
C ALA H 33 48.25 -48.62 -25.29
N ASP H 34 47.76 -49.86 -25.41
CA ASP H 34 47.97 -50.66 -26.61
C ASP H 34 46.93 -50.39 -27.68
N GLY H 35 46.07 -49.39 -27.50
CA GLY H 35 45.09 -49.01 -28.48
C GLY H 35 43.76 -49.72 -28.39
N THR H 36 43.65 -50.73 -27.52
CA THR H 36 42.40 -51.47 -27.43
C THR H 36 41.32 -50.65 -26.72
N ILE H 37 40.07 -50.94 -27.07
CA ILE H 37 38.90 -50.35 -26.42
C ILE H 37 37.93 -51.49 -26.09
N LYS H 38 37.45 -51.51 -24.85
CA LYS H 38 36.54 -52.55 -24.39
C LYS H 38 35.27 -51.92 -23.84
N VAL H 39 34.15 -52.62 -24.06
CA VAL H 39 32.84 -52.18 -23.62
C VAL H 39 32.31 -53.18 -22.61
N TRP H 40 31.87 -52.69 -21.45
CA TRP H 40 31.48 -53.54 -20.33
C TRP H 40 30.06 -53.24 -19.90
N ASP H 41 29.33 -54.30 -19.54
CA ASP H 41 28.02 -54.18 -18.91
C ASP H 41 28.23 -54.35 -17.41
N ILE H 42 28.13 -53.25 -16.65
CA ILE H 42 28.38 -53.30 -15.22
C ILE H 42 27.29 -54.04 -14.46
N LEU H 43 26.14 -54.29 -15.08
CA LEU H 43 25.10 -55.06 -14.42
C LEU H 43 25.43 -56.56 -14.42
N THR H 44 26.13 -57.03 -15.44
CA THR H 44 26.53 -58.43 -15.53
C THR H 44 28.04 -58.64 -15.37
N GLY H 45 28.83 -57.57 -15.38
CA GLY H 45 30.26 -57.70 -15.35
C GLY H 45 30.87 -58.31 -16.59
N GLN H 46 30.09 -58.50 -17.65
CA GLN H 46 30.55 -59.18 -18.85
C GLN H 46 31.11 -58.18 -19.86
N LEU H 47 32.14 -58.63 -20.59
CA LEU H 47 32.66 -57.85 -21.70
C LEU H 47 31.67 -57.90 -22.85
N LEU H 48 31.08 -56.75 -23.19
CA LEU H 48 30.11 -56.72 -24.29
C LEU H 48 30.79 -56.92 -25.63
N ARG H 49 31.94 -56.29 -25.84
CA ARG H 49 32.65 -56.44 -27.10
C ARG H 49 34.05 -55.86 -27.00
N ASP H 50 34.93 -56.39 -27.85
CA ASP H 50 36.21 -55.78 -28.13
C ASP H 50 36.04 -54.85 -29.32
N HIS H 51 36.25 -53.55 -29.10
CA HIS H 51 36.25 -52.61 -30.21
C HIS H 51 37.48 -52.86 -31.09
N ASP H 52 37.37 -52.44 -32.35
CA ASP H 52 38.51 -52.55 -33.26
C ASP H 52 39.73 -51.83 -32.71
N GLY H 53 39.52 -50.80 -31.88
CA GLY H 53 40.60 -50.04 -31.31
C GLY H 53 41.23 -49.09 -32.30
N HIS H 54 42.33 -48.50 -31.87
CA HIS H 54 43.15 -47.65 -32.70
C HIS H 54 44.53 -48.28 -32.86
N GLN H 55 45.32 -47.72 -33.78
CA GLN H 55 46.66 -48.24 -34.01
C GLN H 55 47.64 -47.83 -32.92
N SER H 56 47.29 -46.84 -32.09
CA SER H 56 48.15 -46.42 -30.99
C SER H 56 47.29 -46.19 -29.76
N GLU H 57 47.94 -45.71 -28.70
CA GLU H 57 47.29 -45.56 -27.39
C GLU H 57 46.05 -44.68 -27.47
N VAL H 58 44.98 -45.12 -26.83
CA VAL H 58 43.75 -44.34 -26.75
C VAL H 58 43.95 -43.25 -25.70
N THR H 59 43.79 -42.00 -26.11
CA THR H 59 44.10 -40.88 -25.23
C THR H 59 42.87 -40.21 -24.63
N ALA H 60 41.70 -40.37 -25.23
CA ALA H 60 40.51 -39.69 -24.72
C ALA H 60 39.26 -40.45 -25.14
N LEU H 61 38.26 -40.45 -24.27
CA LEU H 61 36.98 -41.09 -24.52
C LEU H 61 35.85 -40.15 -24.11
N GLN H 62 34.81 -40.09 -24.93
CA GLN H 62 33.57 -39.40 -24.60
C GLN H 62 32.40 -40.29 -24.99
N PHE H 63 31.38 -40.35 -24.14
CA PHE H 63 30.31 -41.34 -24.28
C PHE H 63 29.01 -40.72 -23.78
N LYS H 64 28.05 -40.55 -24.69
CA LYS H 64 26.72 -40.11 -24.33
C LYS H 64 25.75 -40.47 -25.45
N ASP H 65 24.52 -40.77 -25.06
CA ASP H 65 23.42 -41.07 -25.99
C ASP H 65 23.83 -42.13 -27.02
N ASN H 66 24.42 -43.22 -26.51
CA ASN H 66 24.79 -44.41 -27.28
C ASN H 66 25.91 -44.15 -28.29
N ILE H 67 26.54 -42.99 -28.26
CA ILE H 67 27.61 -42.65 -29.20
C ILE H 67 28.90 -42.45 -28.43
N VAL H 68 29.97 -43.09 -28.90
CA VAL H 68 31.29 -42.96 -28.30
C VAL H 68 32.19 -42.23 -29.28
N VAL H 69 32.99 -41.30 -28.74
CA VAL H 69 34.05 -40.64 -29.49
C VAL H 69 35.37 -41.00 -28.82
N SER H 70 36.31 -41.51 -29.60
CA SER H 70 37.61 -41.95 -29.09
C SER H 70 38.73 -41.32 -29.90
N GLY H 71 39.77 -40.87 -29.21
CA GLY H 71 40.93 -40.32 -29.87
C GLY H 71 42.18 -41.05 -29.42
N ALA H 72 43.18 -41.06 -30.30
CA ALA H 72 44.37 -41.87 -30.08
C ALA H 72 45.64 -41.06 -30.34
N LYS H 73 46.78 -41.66 -29.98
CA LYS H 73 48.07 -41.01 -30.12
C LYS H 73 48.46 -40.78 -31.58
N ASP H 74 47.89 -41.52 -32.51
CA ASP H 74 48.17 -41.31 -33.93
C ASP H 74 47.33 -40.20 -34.54
N GLY H 75 46.55 -39.49 -33.73
CA GLY H 75 45.73 -38.40 -34.22
C GLY H 75 44.38 -38.79 -34.78
N THR H 76 44.01 -40.07 -34.72
CA THR H 76 42.72 -40.50 -35.22
C THR H 76 41.61 -40.17 -34.21
N VAL H 77 40.45 -39.77 -34.74
CA VAL H 77 39.26 -39.53 -33.93
C VAL H 77 38.12 -40.32 -34.56
N LYS H 78 37.53 -41.24 -33.79
CA LYS H 78 36.50 -42.13 -34.29
C LYS H 78 35.19 -41.90 -33.55
N VAL H 79 34.10 -41.97 -34.30
CA VAL H 79 32.75 -41.83 -33.76
C VAL H 79 31.98 -43.10 -34.09
N TRP H 80 31.59 -43.85 -33.07
CA TRP H 80 31.01 -45.16 -33.31
C TRP H 80 29.84 -45.44 -32.37
N TYR H 81 29.05 -46.44 -32.75
CA TYR H 81 27.87 -46.85 -32.01
C TYR H 81 28.25 -47.79 -30.87
N ILE H 82 27.73 -47.52 -29.67
CA ILE H 82 28.12 -48.29 -28.49
C ILE H 82 27.71 -49.75 -28.63
N GLY H 83 26.59 -50.03 -29.29
CA GLY H 83 26.06 -51.39 -29.31
C GLY H 83 26.82 -52.33 -30.21
N THR H 84 27.44 -51.80 -31.28
CA THR H 84 28.10 -52.62 -32.27
C THR H 84 29.56 -52.26 -32.50
N GLY H 85 30.02 -51.12 -32.02
CA GLY H 85 31.36 -50.65 -32.32
C GLY H 85 31.56 -50.14 -33.72
N GLN H 86 30.53 -50.18 -34.56
CA GLN H 86 30.68 -49.77 -35.95
C GLN H 86 30.79 -48.25 -36.05
N GLU H 87 31.69 -47.80 -36.91
CA GLU H 87 31.88 -46.36 -37.09
C GLU H 87 30.65 -45.74 -37.74
N LEU H 88 30.14 -44.67 -37.13
CA LEU H 88 28.98 -43.98 -37.67
C LEU H 88 29.39 -43.02 -38.76
N VAL H 89 30.55 -42.39 -38.60
CA VAL H 89 30.93 -41.22 -39.38
C VAL H 89 32.46 -41.14 -39.34
N SER H 90 33.06 -40.81 -40.48
CA SER H 90 34.52 -40.75 -40.58
C SER H 90 35.02 -39.33 -40.37
N LEU H 91 36.08 -39.19 -39.57
CA LEU H 91 36.68 -37.91 -39.26
C LEU H 91 38.12 -37.87 -39.74
N GLU H 92 38.55 -36.70 -40.23
CA GLU H 92 39.92 -36.53 -40.69
C GLU H 92 40.93 -36.79 -39.57
N GLY H 93 40.62 -36.33 -38.36
CA GLY H 93 41.55 -36.41 -37.26
C GLY H 93 42.61 -35.32 -37.37
N HIS H 94 43.65 -35.47 -36.55
CA HIS H 94 44.81 -34.59 -36.55
C HIS H 94 46.03 -35.36 -37.01
N GLN H 95 47.10 -34.64 -37.29
CA GLN H 95 48.37 -35.28 -37.57
C GLN H 95 49.18 -35.54 -36.31
N SER H 96 49.00 -34.74 -35.28
CA SER H 96 49.62 -34.97 -33.99
C SER H 96 48.64 -35.71 -33.08
N ALA H 97 49.13 -36.08 -31.89
CA ALA H 97 48.34 -36.93 -31.00
C ALA H 97 47.12 -36.19 -30.44
N ILE H 98 46.02 -36.92 -30.31
CA ILE H 98 44.85 -36.37 -29.62
C ILE H 98 45.18 -36.22 -28.14
N THR H 99 45.00 -35.00 -27.62
CA THR H 99 45.30 -34.74 -26.23
C THR H 99 44.07 -34.39 -25.40
N ALA H 100 42.96 -34.03 -26.03
CA ALA H 100 41.73 -33.73 -25.30
C ALA H 100 40.54 -33.88 -26.24
N LEU H 101 39.44 -34.35 -25.67
CA LEU H 101 38.18 -34.50 -26.40
C LEU H 101 37.06 -33.88 -25.59
N ALA H 102 36.09 -33.30 -26.29
CA ALA H 102 34.88 -32.77 -25.66
C ALA H 102 33.71 -33.01 -26.59
N PHE H 103 32.57 -33.40 -26.02
CA PHE H 103 31.43 -33.89 -26.79
C PHE H 103 30.16 -33.32 -26.18
N SER H 104 29.54 -32.36 -26.87
CA SER H 104 28.32 -31.72 -26.42
C SER H 104 27.34 -31.64 -27.58
N LYS H 105 26.11 -32.09 -27.35
CA LYS H 105 25.07 -32.18 -28.39
C LYS H 105 25.66 -33.03 -29.51
N ASN H 106 25.65 -32.57 -30.76
CA ASN H 106 26.22 -33.32 -31.88
C ASN H 106 27.52 -32.70 -32.37
N ILE H 107 28.24 -32.01 -31.49
CA ILE H 107 29.50 -31.37 -31.81
C ILE H 107 30.61 -32.07 -31.04
N VAL H 108 31.67 -32.45 -31.74
CA VAL H 108 32.89 -32.97 -31.13
C VAL H 108 33.99 -31.94 -31.29
N VAL H 109 34.67 -31.62 -30.20
CA VAL H 109 35.85 -30.77 -30.21
C VAL H 109 37.05 -31.61 -29.81
N SER H 110 38.10 -31.56 -30.63
CA SER H 110 39.32 -32.32 -30.37
C SER H 110 40.52 -31.38 -30.30
N GLY H 111 41.40 -31.65 -29.35
CA GLY H 111 42.65 -30.91 -29.23
C GLY H 111 43.82 -31.86 -29.44
N ALA H 112 44.91 -31.32 -29.99
CA ALA H 112 46.04 -32.12 -30.38
C ALA H 112 47.32 -31.58 -29.76
N ALA H 113 48.39 -32.36 -29.88
CA ALA H 113 49.68 -32.03 -29.28
C ALA H 113 50.40 -30.88 -29.99
N ASP H 114 49.99 -30.53 -31.21
CA ASP H 114 50.57 -29.39 -31.91
C ASP H 114 49.82 -28.10 -31.68
N GLY H 115 48.80 -28.12 -30.81
CA GLY H 115 48.01 -26.94 -30.52
C GLY H 115 46.78 -26.76 -31.37
N THR H 116 46.58 -27.60 -32.39
CA THR H 116 45.43 -27.45 -33.27
C THR H 116 44.14 -27.84 -32.57
N ILE H 117 43.06 -27.17 -32.93
CA ILE H 117 41.73 -27.46 -32.41
C ILE H 117 40.79 -27.64 -33.60
N LYS H 118 40.01 -28.72 -33.58
CA LYS H 118 39.10 -29.04 -34.66
C LYS H 118 37.72 -29.31 -34.11
N VAL H 119 36.69 -28.88 -34.84
CA VAL H 119 35.29 -28.98 -34.43
C VAL H 119 34.55 -29.80 -35.48
N TRP H 120 33.92 -30.89 -35.04
CA TRP H 120 33.32 -31.86 -35.94
C TRP H 120 31.82 -31.98 -35.69
N ASP H 121 31.06 -32.15 -36.78
CA ASP H 121 29.66 -32.51 -36.72
C ASP H 121 29.55 -34.03 -36.81
N ILE H 122 29.03 -34.66 -35.76
CA ILE H 122 28.97 -36.12 -35.74
C ILE H 122 27.86 -36.66 -36.64
N LEU H 123 26.94 -35.81 -37.08
CA LEU H 123 25.91 -36.28 -38.00
C LEU H 123 26.47 -36.51 -39.39
N THR H 124 27.53 -35.78 -39.76
CA THR H 124 28.06 -35.86 -41.13
C THR H 124 29.55 -36.17 -41.14
N GLY H 125 30.28 -35.70 -40.13
CA GLY H 125 31.73 -35.74 -40.16
C GLY H 125 32.37 -34.51 -40.73
N GLN H 126 31.58 -33.51 -41.10
CA GLN H 126 32.13 -32.28 -41.66
C GLN H 126 32.98 -31.56 -40.61
N LEU H 127 34.10 -31.03 -41.07
CA LEU H 127 34.96 -30.19 -40.24
C LEU H 127 34.34 -28.80 -40.16
N LEU H 128 33.75 -28.47 -39.02
CA LEU H 128 33.10 -27.18 -38.86
C LEU H 128 34.11 -26.05 -38.62
N ARG H 129 35.10 -26.29 -37.76
CA ARG H 129 36.15 -25.33 -37.47
C ARG H 129 37.49 -26.04 -37.37
N ASP H 130 38.55 -25.34 -37.73
CA ASP H 130 39.89 -25.90 -37.67
C ASP H 130 40.88 -24.75 -37.71
N HIS H 131 41.56 -24.50 -36.59
CA HIS H 131 42.51 -23.41 -36.49
C HIS H 131 43.66 -23.82 -35.57
N ASP H 132 44.76 -23.08 -35.68
CA ASP H 132 45.91 -23.28 -34.80
C ASP H 132 45.61 -22.57 -33.48
N GLY H 133 44.99 -23.30 -32.56
CA GLY H 133 44.54 -22.70 -31.32
C GLY H 133 45.66 -22.20 -30.45
N HIS H 134 46.70 -23.04 -30.27
CA HIS H 134 47.79 -22.70 -29.37
C HIS H 134 49.13 -23.00 -30.03
N GLN H 135 50.17 -22.31 -29.55
CA GLN H 135 51.54 -22.56 -29.96
C GLN H 135 52.19 -23.67 -29.14
N SER H 136 51.38 -24.55 -28.55
CA SER H 136 51.88 -25.66 -27.75
C SER H 136 50.76 -26.69 -27.62
N GLU H 137 51.09 -27.82 -27.00
CA GLU H 137 50.12 -28.90 -26.84
C GLU H 137 48.89 -28.44 -26.08
N VAL H 138 47.72 -28.77 -26.62
CA VAL H 138 46.47 -28.58 -25.90
C VAL H 138 46.44 -29.57 -24.74
N THR H 139 46.24 -29.07 -23.53
CA THR H 139 46.28 -29.93 -22.35
C THR H 139 44.91 -30.16 -21.72
N ALA H 140 43.89 -29.38 -22.07
CA ALA H 140 42.59 -29.50 -21.44
C ALA H 140 41.54 -28.84 -22.32
N LEU H 141 40.35 -29.43 -22.34
CA LEU H 141 39.24 -28.90 -23.13
C LEU H 141 37.97 -28.94 -22.30
N GLN H 142 37.17 -27.88 -22.41
CA GLN H 142 35.84 -27.82 -21.82
C GLN H 142 34.90 -27.25 -22.87
N PHE H 143 33.76 -27.90 -23.05
CA PHE H 143 32.82 -27.52 -24.10
C PHE H 143 31.41 -27.55 -23.52
N LYS H 144 30.72 -26.42 -23.58
CA LYS H 144 29.40 -26.29 -22.96
C LYS H 144 28.65 -25.17 -23.65
N ASP H 145 27.54 -25.50 -24.30
CA ASP H 145 26.62 -24.53 -24.90
C ASP H 145 27.36 -23.55 -25.81
N ASN H 146 27.93 -24.09 -26.89
CA ASN H 146 28.56 -23.33 -27.96
C ASN H 146 29.79 -22.54 -27.51
N ILE H 147 30.34 -22.86 -26.34
CA ILE H 147 31.54 -22.19 -25.85
C ILE H 147 32.60 -23.24 -25.55
N VAL H 148 33.77 -23.08 -26.19
CA VAL H 148 34.91 -23.97 -25.99
C VAL H 148 35.97 -23.23 -25.19
N VAL H 149 36.44 -23.85 -24.12
CA VAL H 149 37.57 -23.35 -23.35
C VAL H 149 38.70 -24.37 -23.45
N SER H 150 39.87 -23.91 -23.87
CA SER H 150 41.03 -24.77 -24.08
C SER H 150 42.22 -24.22 -23.32
N GLY H 151 43.01 -25.12 -22.74
CA GLY H 151 44.26 -24.77 -22.08
C GLY H 151 45.42 -25.49 -22.74
N ALA H 152 46.60 -24.89 -22.65
CA ALA H 152 47.77 -25.41 -23.35
C ALA H 152 48.98 -25.42 -22.42
N LYS H 153 50.01 -26.15 -22.87
CA LYS H 153 51.22 -26.34 -22.09
C LYS H 153 51.99 -25.06 -21.83
N ASP H 154 51.68 -23.98 -22.55
CA ASP H 154 52.37 -22.71 -22.34
C ASP H 154 51.63 -21.78 -21.39
N GLY H 155 50.57 -22.26 -20.75
CA GLY H 155 49.80 -21.46 -19.82
C GLY H 155 48.66 -20.67 -20.44
N THR H 156 48.52 -20.69 -21.76
CA THR H 156 47.45 -19.95 -22.41
C THR H 156 46.10 -20.63 -22.17
N VAL H 157 45.08 -19.81 -21.94
CA VAL H 157 43.69 -20.26 -21.82
C VAL H 157 42.87 -19.44 -22.81
N LYS H 158 42.09 -20.12 -23.64
CA LYS H 158 41.36 -19.45 -24.72
C LYS H 158 39.88 -19.87 -24.70
N VAL H 159 39.04 -18.97 -25.22
CA VAL H 159 37.59 -19.13 -25.19
C VAL H 159 37.06 -18.90 -26.60
N TRP H 160 36.39 -19.90 -27.17
CA TRP H 160 35.91 -19.86 -28.54
C TRP H 160 34.40 -20.04 -28.59
N TYR H 161 33.77 -19.39 -29.57
CA TYR H 161 32.34 -19.50 -29.80
C TYR H 161 32.07 -20.39 -31.01
N ILE H 162 31.00 -21.16 -30.95
CA ILE H 162 30.55 -21.96 -32.09
C ILE H 162 29.08 -21.68 -32.37
N HIS I 3 18.67 -5.80 -20.94
CA HIS I 3 19.16 -6.67 -19.89
C HIS I 3 19.49 -5.90 -18.62
N MET I 4 19.12 -4.62 -18.61
CA MET I 4 19.20 -3.84 -17.39
C MET I 4 18.04 -4.21 -16.47
N GLY I 5 18.32 -4.29 -15.17
CA GLY I 5 17.27 -4.62 -14.21
C GLY I 5 16.30 -3.47 -14.05
N GLN I 6 15.00 -3.76 -14.17
CA GLN I 6 13.97 -2.72 -14.12
C GLN I 6 12.61 -3.39 -13.98
N GLU I 7 11.58 -2.55 -13.84
CA GLU I 7 10.21 -3.04 -13.77
C GLU I 7 9.77 -3.55 -15.14
N LEU I 8 9.09 -4.70 -15.14
CA LEU I 8 8.72 -5.37 -16.38
C LEU I 8 7.33 -4.98 -16.86
N VAL I 9 6.31 -5.33 -16.07
CA VAL I 9 4.92 -5.00 -16.40
C VAL I 9 4.29 -4.33 -15.19
N SER I 10 3.21 -3.60 -15.45
CA SER I 10 2.41 -2.98 -14.41
C SER I 10 1.14 -3.80 -14.19
N LEU I 11 0.89 -4.20 -12.96
CA LEU I 11 -0.31 -4.92 -12.58
C LEU I 11 -1.16 -4.07 -11.66
N GLU I 12 -2.48 -4.15 -11.82
CA GLU I 12 -3.38 -3.34 -11.01
C GLU I 12 -3.32 -3.75 -9.53
N GLY I 13 -3.26 -5.05 -9.27
CA GLY I 13 -3.21 -5.53 -7.91
C GLY I 13 -4.60 -5.72 -7.31
N HIS I 14 -4.62 -5.80 -5.98
CA HIS I 14 -5.85 -6.02 -5.22
C HIS I 14 -6.21 -4.77 -4.43
N GLN I 15 -7.44 -4.75 -3.93
CA GLN I 15 -7.89 -3.67 -3.07
C GLN I 15 -7.48 -3.87 -1.61
N SER I 16 -7.01 -5.06 -1.24
CA SER I 16 -6.60 -5.36 0.12
C SER I 16 -5.19 -5.95 0.11
N ALA I 17 -4.65 -6.13 1.31
CA ALA I 17 -3.27 -6.59 1.47
C ALA I 17 -3.04 -7.92 0.79
N ILE I 18 -1.91 -8.02 0.07
CA ILE I 18 -1.52 -9.29 -0.55
C ILE I 18 -1.10 -10.27 0.52
N THR I 19 -1.69 -11.46 0.51
CA THR I 19 -1.40 -12.47 1.52
C THR I 19 -0.81 -13.76 0.96
N ALA I 20 -0.85 -13.98 -0.35
CA ALA I 20 -0.26 -15.17 -0.93
C ALA I 20 0.06 -14.88 -2.39
N LEU I 21 1.10 -15.55 -2.89
CA LEU I 21 1.59 -15.33 -4.24
C LEU I 21 2.07 -16.64 -4.83
N ALA I 22 1.82 -16.82 -6.12
CA ALA I 22 2.25 -18.02 -6.83
C ALA I 22 2.58 -17.64 -8.27
N PHE I 23 3.61 -18.28 -8.82
CA PHE I 23 4.20 -17.89 -10.10
C PHE I 23 4.62 -19.14 -10.84
N SER I 24 3.94 -19.44 -11.95
CA SER I 24 4.25 -20.59 -12.78
C SER I 24 4.05 -20.23 -14.24
N LYS I 25 5.00 -20.65 -15.08
CA LYS I 25 5.04 -20.28 -16.50
C LYS I 25 5.02 -18.76 -16.54
N ASN I 26 4.15 -18.13 -17.32
CA ASN I 26 4.04 -16.68 -17.37
C ASN I 26 2.76 -16.17 -16.72
N ILE I 27 2.24 -16.93 -15.75
CA ILE I 27 1.00 -16.60 -15.06
C ILE I 27 1.29 -16.43 -13.57
N VAL I 28 0.76 -15.35 -12.99
CA VAL I 28 0.89 -15.06 -11.57
C VAL I 28 -0.50 -15.17 -10.94
N VAL I 29 -0.58 -15.81 -9.79
CA VAL I 29 -1.80 -15.88 -8.99
C VAL I 29 -1.53 -15.18 -7.66
N SER I 30 -2.40 -14.23 -7.31
CA SER I 30 -2.25 -13.44 -6.10
C SER I 30 -3.51 -13.57 -5.23
N GLY I 31 -3.30 -13.62 -3.93
CA GLY I 31 -4.41 -13.70 -2.99
C GLY I 31 -4.32 -12.58 -1.97
N ALA I 32 -5.49 -12.09 -1.55
CA ALA I 32 -5.57 -10.88 -0.76
C ALA I 32 -6.39 -11.13 0.51
N ALA I 33 -6.27 -10.19 1.45
CA ALA I 33 -6.92 -10.30 2.75
C ALA I 33 -8.43 -10.20 2.67
N ASP I 34 -8.98 -9.75 1.56
CA ASP I 34 -10.43 -9.72 1.37
C ASP I 34 -10.97 -11.00 0.74
N GLY I 35 -10.11 -12.00 0.49
CA GLY I 35 -10.53 -13.25 -0.08
C GLY I 35 -10.45 -13.34 -1.59
N THR I 36 -10.18 -12.22 -2.26
CA THR I 36 -10.11 -12.23 -3.72
C THR I 36 -8.85 -12.97 -4.20
N ILE I 37 -8.97 -13.59 -5.36
CA ILE I 37 -7.86 -14.23 -6.03
C ILE I 37 -7.83 -13.75 -7.47
N LYS I 38 -6.66 -13.30 -7.94
CA LYS I 38 -6.52 -12.72 -9.27
C LYS I 38 -5.42 -13.44 -10.04
N VAL I 39 -5.67 -13.61 -11.33
CA VAL I 39 -4.77 -14.32 -12.24
C VAL I 39 -4.28 -13.33 -13.28
N TRP I 40 -2.96 -13.22 -13.43
CA TRP I 40 -2.36 -12.23 -14.31
C TRP I 40 -1.49 -12.90 -15.38
N ASP I 41 -1.42 -12.25 -16.54
CA ASP I 41 -0.51 -12.64 -17.61
C ASP I 41 0.72 -11.74 -17.53
N ILE I 42 1.88 -12.35 -17.28
CA ILE I 42 3.11 -11.57 -17.16
C ILE I 42 3.50 -10.94 -18.48
N LEU I 43 3.22 -11.62 -19.60
CA LEU I 43 3.57 -11.07 -20.91
C LEU I 43 2.78 -9.80 -21.21
N THR I 44 1.46 -9.87 -21.09
CA THR I 44 0.60 -8.75 -21.43
C THR I 44 0.34 -7.79 -20.28
N GLY I 45 0.63 -8.20 -19.04
CA GLY I 45 0.28 -7.38 -17.91
C GLY I 45 -1.21 -7.29 -17.64
N GLN I 46 -2.01 -8.15 -18.27
CA GLN I 46 -3.46 -8.09 -18.16
C GLN I 46 -3.96 -8.99 -17.05
N LEU I 47 -5.12 -8.64 -16.50
CA LEU I 47 -5.82 -9.50 -15.55
C LEU I 47 -6.57 -10.56 -16.35
N LEU I 48 -6.11 -11.81 -16.27
CA LEU I 48 -6.77 -12.89 -16.99
C LEU I 48 -8.15 -13.18 -16.41
N ARG I 49 -8.26 -13.20 -15.08
CA ARG I 49 -9.50 -13.65 -14.46
C ARG I 49 -9.56 -13.20 -13.01
N ASP I 50 -10.76 -12.84 -12.57
CA ASP I 50 -11.08 -12.69 -11.16
C ASP I 50 -11.69 -14.01 -10.69
N HIS I 51 -11.01 -14.69 -9.77
CA HIS I 51 -11.51 -15.94 -9.24
C HIS I 51 -12.72 -15.68 -8.34
N ASP I 52 -13.53 -16.72 -8.14
CA ASP I 52 -14.62 -16.64 -7.16
C ASP I 52 -14.09 -16.26 -5.79
N GLY I 53 -12.86 -16.66 -5.47
CA GLY I 53 -12.23 -16.34 -4.22
C GLY I 53 -12.73 -17.21 -3.09
N HIS I 54 -12.39 -16.77 -1.88
CA HIS I 54 -12.87 -17.39 -0.65
C HIS I 54 -13.69 -16.38 0.12
N GLN I 55 -14.52 -16.88 1.04
CA GLN I 55 -15.25 -16.00 1.95
C GLN I 55 -14.37 -15.43 3.05
N SER I 56 -13.10 -15.84 3.11
CA SER I 56 -12.16 -15.38 4.11
C SER I 56 -10.85 -14.98 3.42
N GLU I 57 -9.97 -14.36 4.20
CA GLU I 57 -8.65 -13.99 3.69
C GLU I 57 -7.92 -15.20 3.14
N VAL I 58 -7.34 -15.05 1.95
CA VAL I 58 -6.55 -16.14 1.36
C VAL I 58 -5.21 -16.22 2.09
N THR I 59 -4.91 -17.40 2.62
CA THR I 59 -3.72 -17.57 3.44
C THR I 59 -2.59 -18.33 2.76
N ALA I 60 -2.86 -19.08 1.69
CA ALA I 60 -1.82 -19.85 1.03
C ALA I 60 -2.21 -20.15 -0.40
N LEU I 61 -1.22 -20.15 -1.29
CA LEU I 61 -1.42 -20.44 -2.70
C LEU I 61 -0.34 -21.40 -3.18
N GLN I 62 -0.74 -22.36 -4.00
CA GLN I 62 0.20 -23.26 -4.67
C GLN I 62 -0.25 -23.43 -6.12
N PHE I 63 0.67 -23.24 -7.05
CA PHE I 63 0.36 -23.21 -8.48
C PHE I 63 1.34 -24.13 -9.20
N LYS I 64 0.81 -25.16 -9.85
CA LYS I 64 1.65 -26.18 -10.47
C LYS I 64 0.87 -26.85 -11.59
N ASP I 65 1.42 -26.81 -12.81
CA ASP I 65 0.86 -27.51 -13.97
C ASP I 65 -0.61 -27.17 -14.17
N ASN I 66 -0.89 -25.87 -14.33
CA ASN I 66 -2.21 -25.32 -14.62
C ASN I 66 -3.22 -25.53 -13.50
N ILE I 67 -2.79 -25.99 -12.33
CA ILE I 67 -3.70 -26.24 -11.20
C ILE I 67 -3.28 -25.37 -10.04
N VAL I 68 -4.25 -24.71 -9.41
CA VAL I 68 -4.02 -23.85 -8.26
C VAL I 68 -4.72 -24.46 -7.05
N VAL I 69 -4.01 -24.52 -5.93
CA VAL I 69 -4.59 -24.88 -4.63
C VAL I 69 -4.52 -23.65 -3.74
N SER I 70 -5.66 -23.25 -3.19
CA SER I 70 -5.74 -22.06 -2.34
C SER I 70 -6.40 -22.42 -1.01
N GLY I 71 -5.94 -21.76 0.04
CA GLY I 71 -6.51 -21.93 1.36
C GLY I 71 -6.83 -20.59 1.99
N ALA I 72 -7.83 -20.59 2.87
CA ALA I 72 -8.33 -19.37 3.46
C ALA I 72 -8.44 -19.49 4.97
N LYS I 73 -8.76 -18.37 5.62
CA LYS I 73 -8.84 -18.34 7.07
C LYS I 73 -10.10 -19.03 7.60
N ASP I 74 -11.08 -19.30 6.74
CA ASP I 74 -12.24 -20.08 7.15
C ASP I 74 -11.99 -21.59 7.04
N GLY I 75 -10.78 -22.00 6.69
CA GLY I 75 -10.44 -23.40 6.61
C GLY I 75 -10.69 -24.08 5.28
N THR I 76 -11.19 -23.35 4.28
CA THR I 76 -11.48 -23.96 2.99
C THR I 76 -10.18 -24.18 2.20
N VAL I 77 -10.12 -25.30 1.49
CA VAL I 77 -9.05 -25.60 0.56
C VAL I 77 -9.69 -25.87 -0.78
N LYS I 78 -9.34 -25.08 -1.79
CA LYS I 78 -9.92 -25.18 -3.12
C LYS I 78 -8.87 -25.61 -4.12
N VAL I 79 -9.27 -26.46 -5.07
CA VAL I 79 -8.43 -26.94 -6.16
C VAL I 79 -9.13 -26.58 -7.46
N TRP I 80 -8.47 -25.78 -8.30
CA TRP I 80 -9.15 -25.28 -9.48
C TRP I 80 -8.18 -25.09 -10.63
N TYR I 81 -8.76 -24.90 -11.82
CA TYR I 81 -8.03 -24.82 -13.09
C TYR I 81 -7.68 -23.36 -13.40
N ILE I 82 -6.39 -23.12 -13.68
CA ILE I 82 -5.89 -21.76 -13.82
C ILE I 82 -6.64 -21.00 -14.92
N GLY I 83 -7.07 -21.68 -15.98
CA GLY I 83 -7.61 -20.99 -17.13
C GLY I 83 -9.04 -20.52 -16.96
N THR I 84 -9.81 -21.17 -16.09
CA THR I 84 -11.21 -20.85 -15.90
C THR I 84 -11.60 -20.56 -14.46
N GLY I 85 -10.74 -20.86 -13.49
CA GLY I 85 -11.13 -20.73 -12.10
C GLY I 85 -12.14 -21.74 -11.63
N GLN I 86 -12.49 -22.72 -12.46
CA GLN I 86 -13.47 -23.73 -12.08
C GLN I 86 -12.82 -24.79 -11.21
N GLU I 87 -13.53 -25.17 -10.15
CA GLU I 87 -13.02 -26.18 -9.23
C GLU I 87 -13.02 -27.56 -9.89
N LEU I 88 -11.94 -28.30 -9.68
CA LEU I 88 -11.79 -29.64 -10.22
C LEU I 88 -12.33 -30.71 -9.29
N VAL I 89 -12.06 -30.57 -7.99
CA VAL I 89 -12.54 -31.49 -6.96
C VAL I 89 -12.96 -30.67 -5.75
N SER I 90 -13.66 -31.32 -4.83
CA SER I 90 -14.15 -30.68 -3.61
C SER I 90 -13.41 -31.26 -2.41
N LEU I 91 -12.78 -30.39 -1.63
CA LEU I 91 -12.05 -30.79 -0.43
C LEU I 91 -12.81 -30.35 0.82
N GLU I 92 -12.77 -31.21 1.85
CA GLU I 92 -13.41 -30.89 3.13
C GLU I 92 -12.84 -29.61 3.74
N GLY I 93 -11.53 -29.43 3.68
CA GLY I 93 -10.90 -28.35 4.40
C GLY I 93 -10.75 -28.67 5.88
N HIS I 94 -10.49 -27.62 6.65
CA HIS I 94 -10.34 -27.72 8.09
C HIS I 94 -11.41 -26.87 8.78
N GLN I 95 -11.60 -27.14 10.08
CA GLN I 95 -12.46 -26.26 10.87
C GLN I 95 -11.77 -24.94 11.15
N SER I 96 -10.47 -24.97 11.45
CA SER I 96 -9.69 -23.77 11.73
C SER I 96 -8.98 -23.29 10.47
N ALA I 97 -8.29 -22.16 10.60
CA ALA I 97 -7.74 -21.47 9.44
C ALA I 97 -6.57 -22.22 8.83
N ILE I 98 -6.50 -22.20 7.50
CA ILE I 98 -5.35 -22.77 6.80
C ILE I 98 -4.14 -21.87 7.04
N THR I 99 -3.05 -22.48 7.50
CA THR I 99 -1.81 -21.73 7.74
C THR I 99 -0.65 -22.18 6.87
N ALA I 100 -0.74 -23.32 6.20
CA ALA I 100 0.32 -23.77 5.31
C ALA I 100 -0.26 -24.71 4.27
N LEU I 101 0.25 -24.62 3.05
CA LEU I 101 -0.14 -25.48 1.95
C LEU I 101 1.11 -26.03 1.27
N ALA I 102 1.05 -27.29 0.85
CA ALA I 102 2.13 -27.89 0.08
C ALA I 102 1.50 -28.77 -1.00
N PHE I 103 2.01 -28.64 -2.22
CA PHE I 103 1.42 -29.26 -3.40
C PHE I 103 2.53 -29.93 -4.19
N SER I 104 2.49 -31.26 -4.28
CA SER I 104 3.54 -32.02 -4.96
C SER I 104 2.95 -33.28 -5.55
N LYS I 105 3.02 -33.40 -6.88
CA LYS I 105 2.69 -34.62 -7.61
C LYS I 105 1.31 -35.16 -7.21
N ASN I 106 0.28 -34.38 -7.55
CA ASN I 106 -1.12 -34.73 -7.36
C ASN I 106 -1.51 -34.89 -5.89
N ILE I 107 -0.68 -34.48 -4.96
CA ILE I 107 -0.95 -34.58 -3.52
C ILE I 107 -0.89 -33.19 -2.91
N VAL I 108 -1.92 -32.84 -2.13
CA VAL I 108 -1.98 -31.57 -1.40
C VAL I 108 -1.92 -31.88 0.08
N VAL I 109 -1.04 -31.16 0.80
CA VAL I 109 -0.95 -31.22 2.25
C VAL I 109 -1.29 -29.84 2.80
N SER I 110 -2.24 -29.80 3.72
CA SER I 110 -2.69 -28.55 4.32
C SER I 110 -2.50 -28.59 5.84
N GLY I 111 -2.04 -27.47 6.39
CA GLY I 111 -1.88 -27.33 7.84
C GLY I 111 -2.76 -26.20 8.34
N ALA I 112 -3.32 -26.40 9.53
CA ALA I 112 -4.32 -25.49 10.08
C ALA I 112 -3.85 -24.94 11.43
N ALA I 113 -4.58 -23.93 11.90
CA ALA I 113 -4.26 -23.23 13.13
C ALA I 113 -4.55 -24.03 14.39
N ASP I 114 -5.32 -25.12 14.29
CA ASP I 114 -5.52 -26.01 15.42
C ASP I 114 -4.46 -27.09 15.51
N GLY I 115 -3.53 -27.13 14.56
CA GLY I 115 -2.47 -28.13 14.55
C GLY I 115 -2.73 -29.33 13.67
N THR I 116 -3.90 -29.41 13.05
CA THR I 116 -4.24 -30.58 12.25
C THR I 116 -3.54 -30.51 10.90
N ILE I 117 -3.25 -31.69 10.35
CA ILE I 117 -2.64 -31.83 9.03
C ILE I 117 -3.47 -32.81 8.23
N LYS I 118 -3.80 -32.43 7.00
CA LYS I 118 -4.62 -33.26 6.12
C LYS I 118 -3.95 -33.40 4.77
N VAL I 119 -4.11 -34.58 4.16
CA VAL I 119 -3.48 -34.92 2.89
C VAL I 119 -4.59 -35.30 1.92
N TRP I 120 -4.54 -34.70 0.72
CA TRP I 120 -5.62 -34.84 -0.25
C TRP I 120 -5.09 -35.32 -1.58
N ASP I 121 -5.92 -36.10 -2.28
CA ASP I 121 -5.69 -36.47 -3.67
C ASP I 121 -6.45 -35.49 -4.56
N ILE I 122 -5.73 -34.76 -5.42
CA ILE I 122 -6.40 -33.78 -6.28
C ILE I 122 -7.11 -34.41 -7.46
N LEU I 123 -6.91 -35.70 -7.72
CA LEU I 123 -7.65 -36.35 -8.79
C LEU I 123 -9.10 -36.62 -8.36
N THR I 124 -9.30 -37.01 -7.10
CA THR I 124 -10.61 -37.39 -6.61
C THR I 124 -11.17 -36.47 -5.54
N GLY I 125 -10.33 -35.73 -4.83
CA GLY I 125 -10.75 -35.00 -3.66
C GLY I 125 -10.73 -35.82 -2.38
N GLN I 126 -10.25 -37.05 -2.43
CA GLN I 126 -10.27 -37.94 -1.29
C GLN I 126 -9.32 -37.44 -0.19
N LEU I 127 -9.72 -37.70 1.06
CA LEU I 127 -8.89 -37.38 2.22
C LEU I 127 -8.02 -38.58 2.51
N LEU I 128 -6.76 -38.52 2.07
CA LEU I 128 -5.86 -39.65 2.22
C LEU I 128 -5.39 -39.81 3.66
N ARG I 129 -5.05 -38.70 4.31
CA ARG I 129 -4.49 -38.72 5.65
C ARG I 129 -5.08 -37.57 6.46
N ASP I 130 -5.42 -37.84 7.71
CA ASP I 130 -6.05 -36.84 8.57
C ASP I 130 -5.66 -37.15 10.02
N HIS I 131 -4.71 -36.40 10.55
CA HIS I 131 -4.24 -36.60 11.91
C HIS I 131 -4.05 -35.25 12.58
N ASP I 132 -3.96 -35.30 13.91
CA ASP I 132 -3.64 -34.12 14.73
C ASP I 132 -2.13 -34.03 14.80
N GLY I 133 -1.55 -33.13 14.00
CA GLY I 133 -0.11 -33.04 13.91
C GLY I 133 0.53 -32.47 15.16
N HIS I 134 0.07 -31.30 15.60
CA HIS I 134 0.70 -30.60 16.70
C HIS I 134 -0.35 -30.09 17.67
N GLN I 135 0.10 -29.80 18.89
CA GLN I 135 -0.70 -29.17 19.93
C GLN I 135 -0.74 -27.65 19.80
N SER I 136 -0.47 -27.12 18.61
CA SER I 136 -0.43 -25.67 18.40
C SER I 136 -0.60 -25.41 16.91
N GLU I 137 -0.64 -24.14 16.55
CA GLU I 137 -0.77 -23.74 15.16
C GLU I 137 0.38 -24.29 14.32
N VAL I 138 0.04 -24.83 13.15
CA VAL I 138 1.04 -25.24 12.17
C VAL I 138 1.57 -23.99 11.48
N THR I 139 2.88 -23.75 11.58
CA THR I 139 3.47 -22.52 11.07
C THR I 139 4.23 -22.69 9.76
N ALA I 140 4.56 -23.91 9.36
CA ALA I 140 5.35 -24.12 8.16
C ALA I 140 5.24 -25.56 7.70
N LEU I 141 5.20 -25.76 6.39
CA LEU I 141 5.06 -27.07 5.78
C LEU I 141 6.07 -27.22 4.64
N GLN I 142 6.65 -28.41 4.53
CA GLN I 142 7.54 -28.75 3.43
C GLN I 142 7.21 -30.14 2.95
N PHE I 143 7.00 -30.30 1.65
CA PHE I 143 6.58 -31.57 1.06
C PHE I 143 7.52 -31.91 -0.08
N LYS I 144 8.09 -33.11 -0.03
CA LYS I 144 9.06 -33.55 -1.03
C LYS I 144 9.18 -35.06 -0.98
N ASP I 145 8.84 -35.73 -2.09
CA ASP I 145 9.06 -37.17 -2.27
C ASP I 145 8.39 -37.98 -1.16
N ASN I 146 7.08 -37.76 -0.98
CA ASN I 146 6.27 -38.47 0.01
C ASN I 146 6.77 -38.27 1.43
N ILE I 147 7.49 -37.19 1.68
CA ILE I 147 7.92 -36.82 3.03
C ILE I 147 7.41 -35.43 3.33
N VAL I 148 6.67 -35.30 4.43
CA VAL I 148 6.14 -34.02 4.89
C VAL I 148 6.90 -33.62 6.15
N VAL I 149 7.37 -32.38 6.20
CA VAL I 149 7.97 -31.79 7.38
C VAL I 149 7.10 -30.62 7.80
N SER I 150 6.69 -30.60 9.07
CA SER I 150 5.83 -29.56 9.60
C SER I 150 6.46 -28.92 10.82
N GLY I 151 6.24 -27.62 10.97
CA GLY I 151 6.68 -26.89 12.13
C GLY I 151 5.50 -26.19 12.78
N ALA I 152 5.54 -26.08 14.11
CA ALA I 152 4.41 -25.56 14.86
C ALA I 152 4.86 -24.41 15.76
N LYS I 153 3.85 -23.73 16.32
CA LYS I 153 4.10 -22.58 17.18
C LYS I 153 4.72 -22.97 18.52
N ASP I 154 4.63 -24.24 18.90
CA ASP I 154 5.23 -24.70 20.16
C ASP I 154 6.69 -25.12 19.99
N GLY I 155 7.27 -24.92 18.81
CA GLY I 155 8.64 -25.29 18.56
C GLY I 155 8.85 -26.70 18.05
N THR I 156 7.79 -27.51 17.96
CA THR I 156 7.94 -28.87 17.50
C THR I 156 8.10 -28.92 15.98
N VAL I 157 8.94 -29.85 15.52
CA VAL I 157 9.09 -30.15 14.10
C VAL I 157 8.88 -31.66 13.94
N LYS I 158 8.04 -32.04 12.99
CA LYS I 158 7.71 -33.45 12.80
C LYS I 158 7.92 -33.84 11.34
N VAL I 159 8.15 -35.13 11.13
CA VAL I 159 8.45 -35.68 9.81
C VAL I 159 7.50 -36.84 9.54
N TRP I 160 6.65 -36.70 8.52
CA TRP I 160 5.68 -37.71 8.16
C TRP I 160 6.00 -38.33 6.81
N TYR I 161 5.51 -39.55 6.61
CA TYR I 161 5.63 -40.25 5.34
C TYR I 161 4.24 -40.50 4.78
N ILE I 162 4.08 -40.28 3.48
CA ILE I 162 2.78 -40.46 2.83
C ILE I 162 2.73 -41.77 2.07
N MET J 4 -4.57 -41.96 10.74
CA MET J 4 -3.45 -41.88 11.66
C MET J 4 -2.18 -41.42 10.96
N GLY J 5 -1.35 -40.68 11.67
CA GLY J 5 -0.11 -40.17 11.12
C GLY J 5 1.05 -41.13 11.34
N GLN J 6 1.88 -41.29 10.31
CA GLN J 6 3.05 -42.16 10.35
C GLN J 6 4.30 -41.28 10.34
N GLU J 7 5.00 -41.24 11.47
CA GLU J 7 6.20 -40.43 11.60
C GLU J 7 7.43 -41.22 11.17
N LEU J 8 8.34 -40.55 10.47
CA LEU J 8 9.56 -41.20 9.99
C LEU J 8 10.63 -41.20 11.08
N VAL J 9 11.00 -40.02 11.57
CA VAL J 9 12.00 -39.88 12.64
C VAL J 9 11.47 -38.86 13.64
N SER J 10 12.19 -38.72 14.75
CA SER J 10 11.83 -37.80 15.81
C SER J 10 12.84 -36.66 15.86
N LEU J 11 12.34 -35.43 15.84
CA LEU J 11 13.16 -34.24 15.91
C LEU J 11 12.92 -33.52 17.23
N GLU J 12 14.01 -33.08 17.88
CA GLU J 12 13.90 -32.41 19.17
C GLU J 12 13.20 -31.07 19.04
N GLY J 13 13.31 -30.41 17.89
CA GLY J 13 12.70 -29.11 17.70
C GLY J 13 13.40 -28.02 18.47
N HIS J 14 12.72 -26.88 18.56
CA HIS J 14 13.19 -25.72 19.30
C HIS J 14 12.33 -25.52 20.54
N GLN J 15 12.68 -24.51 21.34
CA GLN J 15 11.86 -24.13 22.48
C GLN J 15 10.85 -23.04 22.11
N SER J 16 11.23 -22.11 21.25
CA SER J 16 10.34 -21.06 20.80
C SER J 16 9.69 -21.46 19.47
N ALA J 17 8.78 -20.61 19.00
CA ALA J 17 7.93 -20.95 17.87
C ALA J 17 8.74 -21.13 16.58
N ILE J 18 8.39 -22.17 15.82
CA ILE J 18 8.97 -22.36 14.49
C ILE J 18 8.44 -21.26 13.58
N THR J 19 9.36 -20.48 13.00
CA THR J 19 8.98 -19.38 12.12
C THR J 19 9.41 -19.57 10.68
N ALA J 20 10.26 -20.55 10.39
CA ALA J 20 10.72 -20.80 9.03
C ALA J 20 11.21 -22.23 8.93
N LEU J 21 11.05 -22.82 7.74
CA LEU J 21 11.37 -24.22 7.53
C LEU J 21 11.80 -24.42 6.08
N ALA J 22 12.91 -25.12 5.89
CA ALA J 22 13.45 -25.39 4.57
C ALA J 22 13.89 -26.83 4.48
N PHE J 23 13.60 -27.47 3.34
CA PHE J 23 13.79 -28.92 3.18
C PHE J 23 14.42 -29.19 1.82
N SER J 24 15.68 -29.61 1.83
CA SER J 24 16.40 -29.95 0.61
C SER J 24 17.16 -31.26 0.83
N LYS J 25 17.05 -32.19 -0.12
CA LYS J 25 17.70 -33.50 -0.05
C LYS J 25 17.14 -34.21 1.18
N ASN J 26 17.97 -34.52 2.18
CA ASN J 26 17.56 -35.21 3.40
C ASN J 26 17.88 -34.36 4.62
N ILE J 27 18.05 -33.06 4.43
CA ILE J 27 18.38 -32.13 5.51
C ILE J 27 17.23 -31.14 5.65
N VAL J 28 16.80 -30.93 6.88
CA VAL J 28 15.79 -29.93 7.22
C VAL J 28 16.45 -28.82 8.01
N VAL J 29 16.14 -27.58 7.66
CA VAL J 29 16.58 -26.41 8.41
C VAL J 29 15.34 -25.75 9.02
N SER J 30 15.37 -25.52 10.33
CA SER J 30 14.27 -24.89 11.04
C SER J 30 14.78 -23.63 11.73
N GLY J 31 13.94 -22.61 11.74
CA GLY J 31 14.26 -21.37 12.43
C GLY J 31 13.15 -21.00 13.38
N ALA J 32 13.53 -20.35 14.48
CA ALA J 32 12.61 -20.10 15.58
C ALA J 32 12.54 -18.63 15.94
N ALA J 33 11.48 -18.28 16.68
CA ALA J 33 11.25 -16.89 17.08
C ALA J 33 12.31 -16.36 18.04
N ASP J 34 13.10 -17.24 18.67
CA ASP J 34 14.21 -16.81 19.51
C ASP J 34 15.49 -16.59 18.73
N GLY J 35 15.44 -16.68 17.40
CA GLY J 35 16.61 -16.48 16.56
C GLY J 35 17.45 -17.70 16.30
N THR J 36 17.13 -18.83 16.92
CA THR J 36 17.91 -20.04 16.72
C THR J 36 17.57 -20.68 15.38
N ILE J 37 18.58 -21.33 14.79
CA ILE J 37 18.43 -22.10 13.57
C ILE J 37 19.06 -23.46 13.82
N LYS J 38 18.32 -24.53 13.50
CA LYS J 38 18.82 -25.88 13.68
C LYS J 38 18.84 -26.60 12.33
N VAL J 39 19.77 -27.54 12.20
CA VAL J 39 19.96 -28.33 10.98
C VAL J 39 19.81 -29.79 11.36
N TRP J 40 18.88 -30.48 10.70
CA TRP J 40 18.53 -31.86 11.04
C TRP J 40 18.80 -32.78 9.87
N ASP J 41 19.27 -33.99 10.16
CA ASP J 41 19.37 -35.05 9.18
C ASP J 41 18.09 -35.89 9.25
N ILE J 42 17.38 -35.96 8.12
CA ILE J 42 16.02 -36.52 8.14
C ILE J 42 15.99 -38.04 8.14
N LEU J 43 17.06 -38.70 7.70
CA LEU J 43 17.11 -40.16 7.72
C LEU J 43 17.36 -40.73 9.10
N THR J 44 17.58 -39.85 10.08
CA THR J 44 18.15 -40.25 11.36
C THR J 44 17.53 -39.57 12.58
N GLY J 45 17.00 -38.36 12.44
CA GLY J 45 16.48 -37.62 13.57
C GLY J 45 17.52 -36.80 14.29
N GLN J 46 18.79 -36.93 13.92
CA GLN J 46 19.85 -36.32 14.71
C GLN J 46 20.03 -34.85 14.36
N LEU J 47 20.37 -34.05 15.37
CA LEU J 47 20.68 -32.64 15.19
C LEU J 47 22.09 -32.51 14.64
N LEU J 48 22.21 -32.13 13.36
CA LEU J 48 23.53 -32.00 12.77
C LEU J 48 24.33 -30.88 13.41
N ARG J 49 23.70 -29.73 13.65
CA ARG J 49 24.38 -28.62 14.30
C ARG J 49 23.37 -27.56 14.70
N ASP J 50 23.76 -26.74 15.68
CA ASP J 50 23.05 -25.53 16.04
C ASP J 50 23.76 -24.37 15.33
N HIS J 51 23.09 -23.79 14.34
CA HIS J 51 23.63 -22.62 13.67
C HIS J 51 23.79 -21.48 14.67
N ASP J 52 24.68 -20.54 14.35
CA ASP J 52 24.84 -19.35 15.18
C ASP J 52 23.53 -18.57 15.28
N GLY J 53 22.66 -18.70 14.28
CA GLY J 53 21.39 -18.03 14.30
C GLY J 53 21.53 -16.53 14.10
N HIS J 54 20.42 -15.85 14.41
CA HIS J 54 20.35 -14.41 14.36
C HIS J 54 20.10 -13.86 15.77
N GLN J 55 20.43 -12.59 15.96
CA GLN J 55 20.17 -11.94 17.25
C GLN J 55 18.74 -11.44 17.29
N SER J 56 17.85 -12.09 16.52
CA SER J 56 16.46 -11.69 16.39
C SER J 56 15.72 -12.84 15.73
N GLU J 57 14.39 -12.77 15.79
CA GLU J 57 13.55 -13.83 15.23
C GLU J 57 13.85 -14.02 13.74
N VAL J 58 14.16 -15.25 13.35
CA VAL J 58 14.34 -15.54 11.93
C VAL J 58 12.97 -15.58 11.27
N THR J 59 12.86 -14.91 10.12
CA THR J 59 11.58 -14.73 9.46
C THR J 59 11.46 -15.48 8.14
N ALA J 60 12.56 -15.92 7.55
CA ALA J 60 12.51 -16.54 6.24
C ALA J 60 13.72 -17.45 6.06
N LEU J 61 13.51 -18.59 5.42
CA LEU J 61 14.56 -19.54 5.12
C LEU J 61 14.46 -19.97 3.67
N GLN J 62 15.61 -20.01 2.99
CA GLN J 62 15.73 -20.63 1.68
C GLN J 62 16.94 -21.56 1.71
N PHE J 63 16.79 -22.74 1.09
CA PHE J 63 17.82 -23.78 1.15
C PHE J 63 17.89 -24.46 -0.20
N LYS J 64 19.04 -24.35 -0.86
CA LYS J 64 19.20 -24.86 -2.22
C LYS J 64 20.68 -25.11 -2.50
N ASP J 65 20.99 -26.30 -2.99
CA ASP J 65 22.35 -26.67 -3.42
C ASP J 65 23.37 -26.39 -2.31
N ASN J 66 23.12 -26.95 -1.13
CA ASN J 66 23.99 -26.88 0.04
C ASN J 66 24.13 -25.47 0.60
N ILE J 67 23.37 -24.50 0.12
CA ILE J 67 23.47 -23.12 0.56
C ILE J 67 22.16 -22.71 1.21
N VAL J 68 22.24 -22.14 2.41
CA VAL J 68 21.08 -21.66 3.14
C VAL J 68 21.13 -20.13 3.18
N VAL J 69 19.97 -19.51 2.96
CA VAL J 69 19.80 -18.07 3.15
C VAL J 69 18.74 -17.87 4.23
N SER J 70 19.07 -17.07 5.23
CA SER J 70 18.19 -16.86 6.37
C SER J 70 18.09 -15.37 6.67
N GLY J 71 16.86 -14.92 6.97
CA GLY J 71 16.60 -13.53 7.30
C GLY J 71 15.95 -13.39 8.67
N ALA J 72 16.06 -12.21 9.28
CA ALA J 72 15.58 -12.03 10.64
C ALA J 72 14.92 -10.67 10.78
N LYS J 73 14.22 -10.49 11.91
CA LYS J 73 13.48 -9.26 12.16
C LYS J 73 14.40 -8.06 12.37
N ASP J 74 15.69 -8.28 12.63
CA ASP J 74 16.62 -7.17 12.76
C ASP J 74 17.14 -6.69 11.40
N GLY J 75 16.65 -7.25 10.30
CA GLY J 75 17.05 -6.84 8.97
C GLY J 75 18.24 -7.57 8.39
N THR J 76 18.86 -8.48 9.13
CA THR J 76 20.03 -9.18 8.63
C THR J 76 19.63 -10.33 7.71
N VAL J 77 20.43 -10.52 6.66
CA VAL J 77 20.30 -11.65 5.75
C VAL J 77 21.64 -12.36 5.71
N LYS J 78 21.64 -13.67 5.93
CA LYS J 78 22.87 -14.45 6.02
C LYS J 78 22.87 -15.54 4.97
N VAL J 79 24.06 -15.82 4.42
CA VAL J 79 24.27 -16.84 3.41
C VAL J 79 25.37 -17.76 3.93
N TRP J 80 25.05 -19.05 4.10
CA TRP J 80 26.01 -19.93 4.74
C TRP J 80 25.91 -21.34 4.17
N TYR J 81 26.96 -22.12 4.44
CA TYR J 81 27.11 -23.49 3.94
C TYR J 81 26.42 -24.47 4.87
N ILE J 82 25.59 -25.35 4.30
CA ILE J 82 24.77 -26.23 5.12
C ILE J 82 25.63 -27.18 5.95
N GLY J 83 26.79 -27.57 5.44
CA GLY J 83 27.56 -28.60 6.11
C GLY J 83 28.28 -28.12 7.35
N THR J 84 28.65 -26.84 7.39
CA THR J 84 29.44 -26.29 8.47
C THR J 84 28.78 -25.12 9.18
N GLY J 85 27.67 -24.59 8.66
CA GLY J 85 27.07 -23.41 9.20
C GLY J 85 27.89 -22.14 9.01
N GLN J 86 29.06 -22.23 8.40
CA GLN J 86 29.92 -21.06 8.22
C GLN J 86 29.37 -20.17 7.12
N GLU J 87 29.42 -18.87 7.36
CA GLU J 87 28.90 -17.90 6.40
C GLU J 87 29.80 -17.84 5.18
N LEU J 88 29.20 -18.03 4.00
CA LEU J 88 29.97 -17.96 2.76
C LEU J 88 30.33 -16.54 2.41
N VAL J 89 29.41 -15.60 2.64
CA VAL J 89 29.55 -14.24 2.14
C VAL J 89 28.70 -13.32 3.01
N SER J 90 29.04 -12.04 3.00
CA SER J 90 28.40 -11.05 3.87
C SER J 90 27.50 -10.14 3.07
N LEU J 91 26.28 -9.93 3.57
CA LEU J 91 25.32 -8.98 3.00
C LEU J 91 24.98 -7.92 4.02
N GLU J 92 24.76 -6.69 3.53
CA GLU J 92 24.44 -5.60 4.43
C GLU J 92 22.98 -5.63 4.89
N GLY J 93 22.11 -6.34 4.18
CA GLY J 93 20.74 -6.49 4.62
C GLY J 93 19.92 -5.21 4.49
N HIS J 94 18.80 -5.20 5.22
CA HIS J 94 17.86 -4.09 5.22
C HIS J 94 17.91 -3.36 6.56
N GLN J 95 17.33 -2.16 6.57
CA GLN J 95 17.22 -1.39 7.80
C GLN J 95 15.98 -1.74 8.61
N SER J 96 15.03 -2.47 8.03
CA SER J 96 13.87 -2.98 8.74
C SER J 96 13.82 -4.49 8.61
N ALA J 97 12.81 -5.08 9.25
CA ALA J 97 12.71 -6.54 9.35
C ALA J 97 12.60 -7.20 7.98
N ILE J 98 13.27 -8.33 7.82
CA ILE J 98 13.07 -9.16 6.65
C ILE J 98 11.70 -9.82 6.72
N THR J 99 10.96 -9.77 5.63
CA THR J 99 9.63 -10.36 5.58
C THR J 99 9.47 -11.41 4.48
N ALA J 100 10.38 -11.48 3.52
CA ALA J 100 10.28 -12.50 2.47
C ALA J 100 11.67 -12.71 1.88
N LEU J 101 11.96 -13.96 1.52
CA LEU J 101 13.20 -14.33 0.87
C LEU J 101 12.89 -15.19 -0.35
N ALA J 102 13.67 -15.00 -1.41
CA ALA J 102 13.58 -15.83 -2.60
C ALA J 102 14.98 -16.10 -3.12
N PHE J 103 15.19 -17.30 -3.64
CA PHE J 103 16.54 -17.78 -3.98
C PHE J 103 16.45 -18.59 -5.26
N SER J 104 16.98 -18.04 -6.35
CA SER J 104 16.97 -18.70 -7.65
C SER J 104 18.34 -18.52 -8.30
N LYS J 105 18.94 -19.64 -8.73
CA LYS J 105 20.29 -19.68 -9.29
C LYS J 105 21.22 -19.07 -8.24
N ASN J 106 22.06 -18.09 -8.58
CA ASN J 106 22.99 -17.48 -7.63
C ASN J 106 22.51 -16.12 -7.15
N ILE J 107 21.21 -15.88 -7.17
CA ILE J 107 20.63 -14.59 -6.83
C ILE J 107 19.71 -14.77 -5.62
N VAL J 108 19.87 -13.90 -4.62
CA VAL J 108 18.97 -13.83 -3.47
C VAL J 108 18.19 -12.54 -3.57
N VAL J 109 16.87 -12.62 -3.39
CA VAL J 109 16.00 -11.45 -3.35
C VAL J 109 15.35 -11.40 -1.98
N SER J 110 15.49 -10.27 -1.29
CA SER J 110 14.91 -10.07 0.02
C SER J 110 13.93 -8.92 0.01
N GLY J 111 12.87 -9.05 0.80
CA GLY J 111 11.90 -7.99 1.00
C GLY J 111 11.80 -7.68 2.48
N ALA J 112 11.47 -6.42 2.78
CA ALA J 112 11.50 -5.93 4.14
C ALA J 112 10.18 -5.26 4.51
N ALA J 113 10.08 -4.90 5.80
CA ALA J 113 8.85 -4.32 6.34
C ALA J 113 8.61 -2.90 5.85
N ASP J 114 9.64 -2.20 5.39
CA ASP J 114 9.48 -0.87 4.84
C ASP J 114 9.26 -0.88 3.33
N GLY J 115 9.01 -2.05 2.75
CA GLY J 115 8.77 -2.16 1.33
C GLY J 115 10.02 -2.28 0.47
N THR J 116 11.20 -2.19 1.05
CA THR J 116 12.42 -2.28 0.26
C THR J 116 12.63 -3.70 -0.25
N ILE J 117 13.16 -3.80 -1.46
CA ILE J 117 13.51 -5.08 -2.07
C ILE J 117 14.95 -4.99 -2.55
N LYS J 118 15.78 -5.96 -2.16
CA LYS J 118 17.19 -5.94 -2.49
C LYS J 118 17.57 -7.24 -3.18
N VAL J 119 18.49 -7.13 -4.15
CA VAL J 119 18.93 -8.24 -4.98
C VAL J 119 20.42 -8.46 -4.72
N TRP J 120 20.79 -9.68 -4.35
CA TRP J 120 22.15 -9.98 -3.90
C TRP J 120 22.77 -11.08 -4.75
N ASP J 121 24.07 -10.93 -5.01
CA ASP J 121 24.89 -11.96 -5.66
C ASP J 121 25.54 -12.79 -4.55
N ILE J 122 25.17 -14.07 -4.47
CA ILE J 122 25.71 -14.93 -3.42
C ILE J 122 27.19 -15.23 -3.60
N LEU J 123 27.72 -15.04 -4.81
CA LEU J 123 29.14 -15.30 -5.02
C LEU J 123 30.00 -14.23 -4.39
N THR J 124 29.50 -13.00 -4.27
CA THR J 124 30.28 -11.87 -3.78
C THR J 124 29.66 -11.14 -2.60
N GLY J 125 28.35 -11.25 -2.37
CA GLY J 125 27.69 -10.41 -1.40
C GLY J 125 27.31 -9.04 -1.92
N GLN J 126 27.63 -8.75 -3.17
CA GLN J 126 27.36 -7.44 -3.76
C GLN J 126 25.87 -7.21 -3.91
N LEU J 127 25.41 -6.03 -3.50
CA LEU J 127 24.08 -5.58 -3.85
C LEU J 127 24.03 -5.33 -5.35
N LEU J 128 23.17 -6.08 -6.05
CA LEU J 128 23.22 -6.10 -7.51
C LEU J 128 22.51 -4.89 -8.12
N ARG J 129 21.23 -4.74 -7.82
CA ARG J 129 20.43 -3.65 -8.34
C ARG J 129 19.45 -3.26 -7.26
N ASP J 130 19.12 -1.97 -7.20
CA ASP J 130 18.11 -1.53 -6.26
C ASP J 130 16.75 -1.62 -6.91
N HIS J 131 15.85 -2.36 -6.26
CA HIS J 131 14.47 -2.53 -6.67
C HIS J 131 13.67 -1.37 -6.11
N ASP J 132 12.73 -0.84 -6.90
CA ASP J 132 11.90 0.26 -6.43
C ASP J 132 11.21 -0.07 -5.13
N GLY J 133 10.82 -1.33 -4.96
CA GLY J 133 10.12 -1.75 -3.77
C GLY J 133 8.67 -1.32 -3.80
N HIS J 134 8.05 -1.42 -2.64
CA HIS J 134 6.67 -1.01 -2.44
C HIS J 134 6.60 0.10 -1.41
N GLN J 135 5.46 0.78 -1.37
CA GLN J 135 5.19 1.77 -0.34
C GLN J 135 4.77 1.12 0.97
N SER J 136 4.86 -0.21 1.06
CA SER J 136 4.31 -0.94 2.19
C SER J 136 5.08 -2.26 2.32
N GLU J 137 4.94 -2.89 3.48
CA GLU J 137 5.64 -4.12 3.78
C GLU J 137 5.46 -5.15 2.66
N VAL J 138 6.57 -5.74 2.24
CA VAL J 138 6.54 -6.83 1.26
C VAL J 138 6.08 -8.09 1.97
N THR J 139 5.00 -8.70 1.47
CA THR J 139 4.43 -9.86 2.13
C THR J 139 4.74 -11.17 1.43
N ALA J 140 5.15 -11.14 0.15
CA ALA J 140 5.36 -12.37 -0.58
C ALA J 140 6.33 -12.11 -1.72
N LEU J 141 7.19 -13.09 -1.98
CA LEU J 141 8.21 -13.01 -3.03
C LEU J 141 8.21 -14.30 -3.82
N GLN J 142 8.17 -14.16 -5.16
CA GLN J 142 8.31 -15.29 -6.06
C GLN J 142 9.38 -14.95 -7.09
N PHE J 143 10.39 -15.82 -7.21
CA PHE J 143 11.56 -15.54 -8.04
C PHE J 143 11.81 -16.74 -8.93
N LYS J 144 11.73 -16.53 -10.24
CA LYS J 144 11.81 -17.63 -11.21
C LYS J 144 12.26 -17.06 -12.54
N ASP J 145 13.35 -17.61 -13.10
CA ASP J 145 13.83 -17.25 -14.44
C ASP J 145 14.07 -15.75 -14.58
N ASN J 146 14.84 -15.19 -13.65
CA ASN J 146 15.24 -13.79 -13.64
C ASN J 146 14.05 -12.83 -13.54
N ILE J 147 12.88 -13.32 -13.09
CA ILE J 147 11.70 -12.48 -12.91
C ILE J 147 11.27 -12.58 -11.46
N VAL J 148 11.18 -11.44 -10.79
CA VAL J 148 10.70 -11.35 -9.41
C VAL J 148 9.28 -10.81 -9.42
N VAL J 149 8.37 -11.52 -8.75
CA VAL J 149 7.03 -11.03 -8.48
C VAL J 149 6.90 -10.82 -6.98
N SER J 150 6.37 -9.65 -6.59
CA SER J 150 6.31 -9.28 -5.19
C SER J 150 4.93 -8.70 -4.86
N GLY J 151 4.52 -8.91 -3.60
CA GLY J 151 3.26 -8.38 -3.13
C GLY J 151 3.45 -7.65 -1.81
N ALA J 152 2.55 -6.70 -1.55
CA ALA J 152 2.70 -5.81 -0.41
C ALA J 152 1.36 -5.63 0.30
N LYS J 153 1.44 -5.05 1.50
CA LYS J 153 0.27 -4.86 2.35
C LYS J 153 -0.67 -3.77 1.85
N ASP J 154 -0.24 -2.97 0.86
CA ASP J 154 -1.13 -2.04 0.18
C ASP J 154 -1.89 -2.69 -0.97
N GLY J 155 -1.66 -3.97 -1.22
CA GLY J 155 -2.32 -4.68 -2.29
C GLY J 155 -1.62 -4.63 -3.63
N THR J 156 -0.49 -3.96 -3.73
CA THR J 156 0.22 -3.87 -5.00
C THR J 156 0.95 -5.17 -5.30
N VAL J 157 1.05 -5.47 -6.59
CA VAL J 157 1.75 -6.65 -7.10
C VAL J 157 2.67 -6.18 -8.22
N LYS J 158 3.97 -6.36 -8.06
CA LYS J 158 4.96 -5.85 -9.00
C LYS J 158 5.74 -6.99 -9.64
N VAL J 159 6.15 -6.77 -10.88
CA VAL J 159 6.90 -7.74 -11.66
C VAL J 159 8.18 -7.08 -12.13
N TRP J 160 9.32 -7.58 -11.67
CA TRP J 160 10.61 -6.99 -11.96
C TRP J 160 11.51 -7.99 -12.67
N TYR J 161 12.32 -7.49 -13.59
CA TYR J 161 13.30 -8.29 -14.31
C TYR J 161 14.67 -8.09 -13.67
N ILE J 162 15.32 -9.20 -13.28
CA ILE J 162 16.64 -9.16 -12.67
C ILE J 162 17.66 -9.15 -13.80
N GLY J 163 18.40 -8.05 -13.92
CA GLY J 163 19.37 -7.88 -14.99
C GLY J 163 20.57 -8.81 -14.91
N GLU K 7 1.94 -60.53 -18.45
CA GLU K 7 1.23 -59.27 -18.29
C GLU K 7 1.45 -58.67 -16.91
N LEU K 8 0.90 -57.48 -16.70
CA LEU K 8 0.86 -56.83 -15.39
C LEU K 8 -0.55 -56.86 -14.83
N VAL K 9 -1.51 -56.24 -15.52
CA VAL K 9 -2.93 -56.36 -15.23
C VAL K 9 -3.66 -56.67 -16.54
N SER K 10 -4.96 -56.84 -16.43
CA SER K 10 -5.83 -56.99 -17.60
C SER K 10 -7.06 -56.14 -17.39
N LEU K 11 -7.53 -55.51 -18.46
CA LEU K 11 -8.66 -54.59 -18.38
C LEU K 11 -9.83 -55.11 -19.21
N GLU K 12 -11.04 -54.73 -18.81
CA GLU K 12 -12.23 -55.18 -19.52
C GLU K 12 -12.22 -54.75 -20.98
N GLY K 13 -11.64 -53.60 -21.27
CA GLY K 13 -11.60 -53.11 -22.63
C GLY K 13 -12.91 -52.47 -23.06
N HIS K 14 -13.09 -52.38 -24.38
CA HIS K 14 -14.26 -51.79 -24.97
C HIS K 14 -15.02 -52.84 -25.78
N GLN K 15 -16.26 -52.54 -26.11
CA GLN K 15 -17.08 -53.40 -26.94
C GLN K 15 -16.92 -53.11 -28.43
N SER K 16 -15.96 -52.26 -28.79
CA SER K 16 -15.62 -52.03 -30.18
C SER K 16 -14.11 -51.82 -30.27
N ALA K 17 -13.62 -51.72 -31.51
CA ALA K 17 -12.17 -51.66 -31.74
C ALA K 17 -11.54 -50.45 -31.07
N ILE K 18 -10.43 -50.69 -30.38
CA ILE K 18 -9.63 -49.59 -29.82
C ILE K 18 -9.06 -48.78 -30.97
N THR K 19 -9.25 -47.46 -30.91
CA THR K 19 -8.76 -46.56 -31.95
C THR K 19 -7.76 -45.53 -31.46
N ALA K 20 -7.59 -45.38 -30.15
CA ALA K 20 -6.64 -44.40 -29.63
C ALA K 20 -6.25 -44.81 -28.21
N LEU K 21 -5.01 -44.52 -27.85
CA LEU K 21 -4.46 -44.87 -26.55
C LEU K 21 -3.59 -43.74 -26.05
N ALA K 22 -3.66 -43.48 -24.74
CA ALA K 22 -2.84 -42.47 -24.10
C ALA K 22 -2.41 -42.97 -22.73
N PHE K 23 -1.19 -42.63 -22.34
CA PHE K 23 -0.57 -43.19 -21.14
C PHE K 23 0.24 -42.11 -20.44
N SER K 24 -0.16 -41.78 -19.20
CA SER K 24 0.56 -40.78 -18.42
C SER K 24 0.56 -41.20 -16.96
N LYS K 25 1.76 -41.26 -16.37
CA LYS K 25 1.98 -41.73 -15.00
C LYS K 25 1.35 -43.11 -14.87
N ASN K 26 0.36 -43.31 -14.00
CA ASN K 26 -0.22 -44.62 -13.73
C ASN K 26 -1.63 -44.76 -14.28
N ILE K 27 -2.02 -43.91 -15.23
CA ILE K 27 -3.37 -43.89 -15.77
C ILE K 27 -3.29 -44.09 -17.28
N VAL K 28 -4.21 -44.91 -17.80
CA VAL K 28 -4.33 -45.17 -19.22
C VAL K 28 -5.71 -44.71 -19.67
N VAL K 29 -5.75 -44.05 -20.83
CA VAL K 29 -6.99 -43.63 -21.47
C VAL K 29 -7.11 -44.34 -22.80
N SER K 30 -8.25 -44.97 -23.05
CA SER K 30 -8.50 -45.69 -24.29
C SER K 30 -9.74 -45.15 -24.97
N GLY K 31 -9.69 -45.07 -26.30
CA GLY K 31 -10.83 -44.66 -27.09
C GLY K 31 -11.16 -45.73 -28.13
N ALA K 32 -12.45 -45.85 -28.42
CA ALA K 32 -12.93 -46.94 -29.27
C ALA K 32 -13.76 -46.39 -30.43
N ALA K 33 -14.09 -47.29 -31.36
CA ALA K 33 -14.83 -46.92 -32.56
C ALA K 33 -16.27 -46.51 -32.27
N ASP K 34 -16.83 -46.97 -31.16
CA ASP K 34 -18.18 -46.54 -30.77
C ASP K 34 -18.19 -45.16 -30.14
N GLY K 35 -17.03 -44.53 -29.97
CA GLY K 35 -16.93 -43.22 -29.37
C GLY K 35 -16.73 -43.21 -27.87
N THR K 36 -16.61 -44.38 -27.25
CA THR K 36 -16.46 -44.44 -25.81
C THR K 36 -15.00 -44.21 -25.41
N ILE K 37 -14.82 -43.64 -24.21
CA ILE K 37 -13.51 -43.36 -23.65
C ILE K 37 -13.49 -43.88 -22.23
N LYS K 38 -12.47 -44.67 -21.89
CA LYS K 38 -12.36 -45.29 -20.58
C LYS K 38 -11.02 -44.92 -19.94
N VAL K 39 -11.05 -44.73 -18.63
CA VAL K 39 -9.88 -44.31 -17.85
C VAL K 39 -9.53 -45.44 -16.90
N TRP K 40 -8.30 -45.94 -17.01
CA TRP K 40 -7.86 -47.10 -16.25
C TRP K 40 -6.72 -46.74 -15.32
N ASP K 41 -6.69 -47.40 -14.16
CA ASP K 41 -5.56 -47.34 -13.24
C ASP K 41 -4.77 -48.63 -13.38
N ILE K 42 -3.52 -48.52 -13.85
CA ILE K 42 -2.69 -49.70 -14.04
C ILE K 42 -2.23 -50.28 -12.72
N LEU K 43 -2.34 -49.52 -11.63
CA LEU K 43 -1.96 -50.05 -10.31
C LEU K 43 -2.97 -51.08 -9.83
N THR K 44 -4.26 -50.74 -9.90
CA THR K 44 -5.31 -51.65 -9.49
C THR K 44 -5.84 -52.51 -10.62
N GLY K 45 -5.65 -52.10 -11.88
CA GLY K 45 -6.25 -52.78 -13.00
C GLY K 45 -7.73 -52.54 -13.19
N GLN K 46 -8.33 -51.69 -12.36
CA GLN K 46 -9.75 -51.39 -12.35
C GLN K 46 -10.07 -50.28 -13.35
N LEU K 47 -11.34 -50.19 -13.72
CA LEU K 47 -11.82 -49.07 -14.50
C LEU K 47 -12.09 -47.90 -13.56
N LEU K 48 -11.45 -46.76 -13.82
CA LEU K 48 -11.63 -45.58 -12.98
C LEU K 48 -12.96 -44.91 -13.28
N ARG K 49 -13.26 -44.69 -14.56
CA ARG K 49 -14.52 -44.06 -14.95
C ARG K 49 -14.73 -44.26 -16.45
N ASP K 50 -15.98 -44.05 -16.86
CA ASP K 50 -16.34 -43.96 -18.26
C ASP K 50 -16.56 -42.49 -18.60
N HIS K 51 -15.72 -41.94 -19.47
CA HIS K 51 -15.92 -40.58 -19.93
C HIS K 51 -17.23 -40.48 -20.71
N ASP K 52 -17.73 -39.25 -20.83
CA ASP K 52 -18.91 -39.01 -21.65
C ASP K 52 -18.65 -39.37 -23.11
N GLY K 53 -17.39 -39.47 -23.51
CA GLY K 53 -16.97 -39.86 -24.83
C GLY K 53 -17.48 -38.92 -25.91
N HIS K 54 -17.44 -39.43 -27.13
CA HIS K 54 -17.94 -38.71 -28.30
C HIS K 54 -19.07 -39.51 -28.94
N GLN K 55 -19.92 -38.80 -29.67
CA GLN K 55 -20.99 -39.44 -30.44
C GLN K 55 -20.50 -39.96 -31.77
N SER K 56 -19.21 -40.32 -31.86
CA SER K 56 -18.56 -40.78 -33.08
C SER K 56 -17.20 -41.34 -32.68
N GLU K 57 -16.60 -42.10 -33.61
CA GLU K 57 -15.36 -42.80 -33.31
C GLU K 57 -14.27 -41.85 -32.80
N VAL K 58 -13.61 -42.23 -31.72
CA VAL K 58 -12.51 -41.45 -31.16
C VAL K 58 -11.27 -41.71 -31.99
N THR K 59 -10.70 -40.65 -32.56
CA THR K 59 -9.61 -40.79 -33.52
C THR K 59 -8.24 -40.47 -32.95
N ALA K 60 -8.16 -39.63 -31.92
CA ALA K 60 -6.87 -39.22 -31.38
C ALA K 60 -7.00 -38.97 -29.89
N LEU K 61 -5.92 -39.22 -29.15
CA LEU K 61 -5.86 -39.00 -27.71
C LEU K 61 -4.50 -38.44 -27.34
N GLN K 62 -4.50 -37.40 -26.51
CA GLN K 62 -3.28 -36.83 -25.95
C GLN K 62 -3.50 -36.63 -24.45
N PHE K 63 -2.54 -37.08 -23.65
CA PHE K 63 -2.66 -37.10 -22.20
C PHE K 63 -1.36 -36.59 -21.61
N LYS K 64 -1.43 -35.45 -20.91
CA LYS K 64 -0.22 -34.79 -20.40
C LYS K 64 -0.61 -33.91 -19.22
N ASP K 65 0.02 -34.13 -18.07
CA ASP K 65 -0.14 -33.28 -16.88
C ASP K 65 -1.60 -33.13 -16.48
N ASN K 66 -2.26 -34.27 -16.26
CA ASN K 66 -3.63 -34.38 -15.76
C ASN K 66 -4.69 -33.89 -16.74
N ILE K 67 -4.32 -33.57 -17.98
CA ILE K 67 -5.26 -33.07 -18.97
C ILE K 67 -5.26 -34.01 -20.16
N VAL K 68 -6.45 -34.38 -20.63
CA VAL K 68 -6.62 -35.26 -21.79
C VAL K 68 -7.28 -34.45 -22.90
N VAL K 69 -6.77 -34.58 -24.12
CA VAL K 69 -7.38 -34.04 -25.32
C VAL K 69 -7.78 -35.20 -26.21
N SER K 70 -9.04 -35.20 -26.65
CA SER K 70 -9.59 -36.28 -27.45
C SER K 70 -10.28 -35.71 -28.68
N GLY K 71 -10.10 -36.39 -29.81
CA GLY K 71 -10.73 -36.00 -31.06
C GLY K 71 -11.54 -37.13 -31.64
N ALA K 72 -12.61 -36.78 -32.36
CA ALA K 72 -13.53 -37.77 -32.90
C ALA K 72 -13.74 -37.53 -34.39
N LYS K 73 -14.42 -38.48 -35.02
CA LYS K 73 -14.67 -38.39 -36.45
C LYS K 73 -15.77 -37.39 -36.79
N ASP K 74 -16.49 -36.87 -35.79
CA ASP K 74 -17.47 -35.82 -36.04
C ASP K 74 -16.85 -34.43 -35.99
N GLY K 75 -15.53 -34.33 -35.82
CA GLY K 75 -14.85 -33.05 -35.78
C GLY K 75 -14.73 -32.44 -34.39
N THR K 76 -15.22 -33.10 -33.36
CA THR K 76 -15.15 -32.55 -32.01
C THR K 76 -13.77 -32.76 -31.42
N VAL K 77 -13.30 -31.75 -30.67
CA VAL K 77 -12.08 -31.83 -29.89
C VAL K 77 -12.42 -31.41 -28.47
N LYS K 78 -12.14 -32.28 -27.51
CA LYS K 78 -12.53 -32.06 -26.12
C LYS K 78 -11.29 -32.00 -25.23
N VAL K 79 -11.36 -31.14 -24.23
CA VAL K 79 -10.29 -30.95 -23.25
C VAL K 79 -10.89 -31.18 -21.87
N TRP K 80 -10.42 -32.21 -21.17
CA TRP K 80 -11.05 -32.56 -19.90
C TRP K 80 -10.00 -33.01 -18.88
N TYR K 81 -10.43 -33.01 -17.62
CA TYR K 81 -9.59 -33.35 -16.48
C TYR K 81 -9.61 -34.86 -16.26
N ILE K 82 -8.44 -35.44 -16.03
CA ILE K 82 -8.34 -36.90 -15.94
C ILE K 82 -9.02 -37.43 -14.69
N GLY K 83 -9.01 -36.64 -13.60
CA GLY K 83 -9.52 -37.16 -12.34
C GLY K 83 -11.03 -37.24 -12.26
N THR K 84 -11.73 -36.42 -13.04
CA THR K 84 -13.19 -36.36 -13.00
C THR K 84 -13.86 -36.58 -14.35
N GLY K 85 -13.13 -36.46 -15.46
CA GLY K 85 -13.75 -36.48 -16.77
C GLY K 85 -14.43 -35.18 -17.17
N GLN K 86 -14.50 -34.20 -16.26
CA GLN K 86 -15.19 -32.95 -16.56
C GLN K 86 -14.40 -32.14 -17.58
N GLU K 87 -15.12 -31.55 -18.54
CA GLU K 87 -14.50 -30.72 -19.56
C GLU K 87 -14.07 -29.39 -18.98
N LEU K 88 -12.82 -29.00 -19.24
CA LEU K 88 -12.31 -27.74 -18.72
C LEU K 88 -12.74 -26.56 -19.59
N VAL K 89 -12.52 -26.66 -20.91
CA VAL K 89 -12.89 -25.60 -21.84
C VAL K 89 -13.57 -26.23 -23.05
N SER K 90 -14.24 -25.38 -23.83
CA SER K 90 -14.96 -25.80 -25.02
C SER K 90 -14.20 -25.36 -26.27
N LEU K 91 -14.00 -26.29 -27.19
CA LEU K 91 -13.34 -26.02 -28.46
C LEU K 91 -14.35 -26.11 -29.60
N GLU K 92 -14.23 -25.18 -30.55
CA GLU K 92 -15.13 -25.19 -31.70
C GLU K 92 -15.01 -26.49 -32.49
N GLY K 93 -13.80 -27.02 -32.61
CA GLY K 93 -13.58 -28.20 -33.41
C GLY K 93 -13.42 -27.89 -34.88
N HIS K 94 -13.48 -28.95 -35.68
CA HIS K 94 -13.43 -28.85 -37.13
C HIS K 94 -14.77 -29.24 -37.73
N GLN K 95 -14.96 -28.89 -39.00
CA GLN K 95 -16.14 -29.28 -39.74
C GLN K 95 -15.98 -30.62 -40.45
N SER K 96 -14.88 -31.33 -40.18
CA SER K 96 -14.67 -32.67 -40.70
C SER K 96 -13.92 -33.47 -39.64
N ALA K 97 -13.70 -34.76 -39.93
CA ALA K 97 -13.17 -35.69 -38.94
C ALA K 97 -11.78 -35.26 -38.47
N ILE K 98 -11.55 -35.39 -37.16
CA ILE K 98 -10.21 -35.18 -36.62
C ILE K 98 -9.31 -36.33 -37.02
N THR K 99 -8.18 -36.02 -37.65
CA THR K 99 -7.24 -37.04 -38.07
C THR K 99 -5.92 -37.03 -37.32
N ALA K 100 -5.62 -35.96 -36.57
CA ALA K 100 -4.36 -35.90 -35.85
C ALA K 100 -4.47 -34.87 -34.73
N LEU K 101 -3.84 -35.18 -33.60
CA LEU K 101 -3.79 -34.29 -32.44
C LEU K 101 -2.35 -34.15 -31.97
N ALA K 102 -2.03 -32.97 -31.47
CA ALA K 102 -0.73 -32.71 -30.86
C ALA K 102 -0.91 -31.74 -29.70
N PHE K 103 -0.16 -31.99 -28.63
CA PHE K 103 -0.38 -31.32 -27.34
C PHE K 103 0.98 -30.97 -26.75
N SER K 104 1.31 -29.69 -26.71
CA SER K 104 2.58 -29.23 -26.16
C SER K 104 2.35 -27.98 -25.34
N LYS K 105 2.82 -28.01 -24.08
CA LYS K 105 2.62 -26.93 -23.11
C LYS K 105 1.12 -26.70 -23.00
N ASN K 106 0.60 -25.49 -23.22
CA ASN K 106 -0.82 -25.22 -23.13
C ASN K 106 -1.45 -24.98 -24.50
N ILE K 107 -0.87 -25.57 -25.54
CA ILE K 107 -1.35 -25.40 -26.91
C ILE K 107 -1.71 -26.76 -27.48
N VAL K 108 -2.92 -26.85 -28.05
CA VAL K 108 -3.41 -28.04 -28.72
C VAL K 108 -3.47 -27.74 -30.22
N VAL K 109 -2.93 -28.64 -31.04
CA VAL K 109 -3.01 -28.54 -32.49
C VAL K 109 -3.78 -29.73 -33.01
N SER K 110 -4.81 -29.47 -33.81
CA SER K 110 -5.65 -30.52 -34.39
C SER K 110 -5.65 -30.42 -35.90
N GLY K 111 -5.67 -31.57 -36.56
CA GLY K 111 -5.77 -31.63 -38.01
C GLY K 111 -6.96 -32.47 -38.42
N ALA K 112 -7.59 -32.08 -39.52
CA ALA K 112 -8.86 -32.67 -39.94
C ALA K 112 -8.76 -33.25 -41.34
N ALA K 113 -9.78 -34.05 -41.69
CA ALA K 113 -9.81 -34.72 -42.98
C ALA K 113 -9.94 -33.76 -44.15
N ASP K 114 -10.48 -32.56 -43.92
CA ASP K 114 -10.54 -31.55 -44.98
C ASP K 114 -9.22 -30.80 -45.15
N GLY K 115 -8.21 -31.10 -44.33
CA GLY K 115 -6.91 -30.46 -44.44
C GLY K 115 -6.71 -29.26 -43.54
N THR K 116 -7.70 -28.87 -42.75
CA THR K 116 -7.56 -27.72 -41.88
C THR K 116 -6.73 -28.06 -40.66
N ILE K 117 -5.94 -27.09 -40.20
CA ILE K 117 -5.16 -27.20 -38.98
C ILE K 117 -5.54 -26.04 -38.07
N LYS K 118 -5.91 -26.35 -36.83
CA LYS K 118 -6.35 -25.34 -35.87
C LYS K 118 -5.49 -25.42 -34.62
N VAL K 119 -5.22 -24.26 -34.03
CA VAL K 119 -4.34 -24.13 -32.87
C VAL K 119 -5.17 -23.56 -31.72
N TRP K 120 -5.21 -24.28 -30.60
CA TRP K 120 -6.10 -23.96 -29.50
C TRP K 120 -5.34 -23.65 -28.23
N ASP K 121 -5.91 -22.74 -27.43
CA ASP K 121 -5.45 -22.47 -26.08
C ASP K 121 -6.29 -23.30 -25.11
N ILE K 122 -5.65 -24.25 -24.43
CA ILE K 122 -6.39 -25.08 -23.48
C ILE K 122 -6.82 -24.32 -22.25
N LEU K 123 -6.26 -23.13 -22.01
CA LEU K 123 -6.66 -22.33 -20.85
C LEU K 123 -7.98 -21.62 -21.07
N THR K 124 -8.29 -21.26 -22.31
CA THR K 124 -9.50 -20.52 -22.62
C THR K 124 -10.40 -21.16 -23.67
N GLY K 125 -9.90 -22.14 -24.42
CA GLY K 125 -10.63 -22.65 -25.56
C GLY K 125 -10.55 -21.78 -26.79
N GLN K 126 -9.82 -20.68 -26.73
CA GLN K 126 -9.76 -19.73 -27.84
C GLN K 126 -9.02 -20.36 -29.03
N LEU K 127 -9.49 -20.03 -30.23
CA LEU K 127 -8.83 -20.45 -31.46
C LEU K 127 -7.71 -19.44 -31.77
N LEU K 128 -6.46 -19.85 -31.52
CA LEU K 128 -5.34 -18.94 -31.70
C LEU K 128 -5.01 -18.75 -33.18
N ARG K 129 -4.90 -19.85 -33.93
CA ARG K 129 -4.56 -19.78 -35.35
C ARG K 129 -5.48 -20.71 -36.13
N ASP K 130 -6.09 -20.18 -37.18
CA ASP K 130 -6.95 -20.94 -38.08
C ASP K 130 -6.22 -21.13 -39.40
N HIS K 131 -5.20 -21.99 -39.37
CA HIS K 131 -4.27 -22.08 -40.47
C HIS K 131 -4.88 -22.75 -41.69
N ASP K 132 -4.36 -22.38 -42.86
CA ASP K 132 -4.80 -23.00 -44.11
C ASP K 132 -4.45 -24.47 -44.14
N GLY K 133 -3.27 -24.83 -43.64
CA GLY K 133 -2.88 -26.23 -43.62
C GLY K 133 -2.57 -26.72 -45.02
N HIS K 134 -3.19 -27.83 -45.39
CA HIS K 134 -3.04 -28.44 -46.70
C HIS K 134 -4.39 -28.51 -47.38
N GLN K 135 -4.39 -28.92 -48.65
CA GLN K 135 -5.63 -29.13 -49.38
C GLN K 135 -6.06 -30.59 -49.40
N SER K 136 -5.26 -31.48 -48.85
CA SER K 136 -5.63 -32.87 -48.62
C SER K 136 -5.63 -33.15 -47.13
N GLU K 137 -6.12 -34.34 -46.77
CA GLU K 137 -6.28 -34.71 -45.37
C GLU K 137 -4.95 -34.68 -44.64
N VAL K 138 -4.93 -34.03 -43.47
CA VAL K 138 -3.76 -34.05 -42.61
C VAL K 138 -3.61 -35.44 -42.01
N THR K 139 -2.47 -36.08 -42.25
CA THR K 139 -2.25 -37.46 -41.81
C THR K 139 -1.30 -37.59 -40.64
N ALA K 140 -0.57 -36.53 -40.28
CA ALA K 140 0.39 -36.63 -39.19
C ALA K 140 0.69 -35.23 -38.66
N LEU K 141 0.81 -35.12 -37.34
CA LEU K 141 1.12 -33.86 -36.68
C LEU K 141 2.26 -34.07 -35.69
N GLN K 142 3.17 -33.10 -35.64
CA GLN K 142 4.24 -33.09 -34.65
C GLN K 142 4.36 -31.66 -34.12
N PHE K 143 4.30 -31.52 -32.79
CA PHE K 143 4.32 -30.22 -32.14
C PHE K 143 5.38 -30.24 -31.05
N LYS K 144 6.38 -29.37 -31.19
CA LYS K 144 7.48 -29.33 -30.24
C LYS K 144 8.18 -27.97 -30.35
N ASP K 145 8.41 -27.33 -29.21
CA ASP K 145 9.17 -26.08 -29.12
C ASP K 145 8.59 -25.00 -30.03
N ASN K 146 7.27 -24.85 -29.98
CA ASN K 146 6.52 -23.87 -30.76
C ASN K 146 6.67 -24.08 -32.27
N ILE K 147 7.01 -25.29 -32.69
CA ILE K 147 7.11 -25.62 -34.11
C ILE K 147 6.12 -26.75 -34.40
N VAL K 148 5.25 -26.52 -35.39
CA VAL K 148 4.26 -27.50 -35.81
C VAL K 148 4.68 -28.06 -37.17
N VAL K 149 4.89 -29.36 -37.23
CA VAL K 149 5.18 -30.07 -38.47
C VAL K 149 3.98 -30.95 -38.81
N SER K 150 3.52 -30.86 -40.05
CA SER K 150 2.33 -31.57 -40.47
C SER K 150 2.54 -32.19 -41.84
N GLY K 151 1.91 -33.35 -42.05
CA GLY K 151 1.93 -34.01 -43.34
C GLY K 151 0.52 -34.32 -43.79
N ALA K 152 0.37 -34.49 -45.11
CA ALA K 152 -0.95 -34.66 -45.70
C ALA K 152 -0.91 -35.77 -46.75
N LYS K 153 -2.11 -36.14 -47.21
CA LYS K 153 -2.26 -37.22 -48.19
C LYS K 153 -1.66 -36.88 -49.54
N ASP K 154 -1.46 -35.60 -49.86
CA ASP K 154 -0.84 -35.22 -51.12
C ASP K 154 0.68 -35.23 -51.06
N GLY K 155 1.26 -35.70 -49.95
CA GLY K 155 2.69 -35.77 -49.80
C GLY K 155 3.37 -34.51 -49.32
N THR K 156 2.61 -33.46 -49.01
CA THR K 156 3.21 -32.22 -48.54
C THR K 156 3.59 -32.32 -47.06
N VAL K 157 4.69 -31.66 -46.71
CA VAL K 157 5.16 -31.55 -45.34
C VAL K 157 5.40 -30.07 -45.06
N LYS K 158 4.72 -29.53 -44.05
CA LYS K 158 4.80 -28.11 -43.74
C LYS K 158 5.31 -27.90 -42.33
N VAL K 159 5.94 -26.75 -42.12
CA VAL K 159 6.49 -26.36 -40.81
C VAL K 159 6.02 -24.95 -40.50
N TRP K 160 5.41 -24.78 -39.34
CA TRP K 160 4.94 -23.48 -38.87
C TRP K 160 5.63 -23.12 -37.56
N TYR K 161 5.94 -21.84 -37.39
CA TYR K 161 6.33 -21.31 -36.09
C TYR K 161 5.14 -20.57 -35.50
N ILE K 162 4.81 -20.90 -34.25
CA ILE K 162 3.68 -20.27 -33.58
C ILE K 162 4.11 -19.79 -32.20
N GLN L 6 1.73 -18.18 -41.19
CA GLN L 6 3.11 -17.94 -41.59
C GLN L 6 3.94 -19.21 -41.48
N GLU L 7 4.39 -19.73 -42.62
CA GLU L 7 5.17 -20.95 -42.66
C GLU L 7 6.64 -20.64 -42.40
N LEU L 8 7.26 -21.43 -41.52
CA LEU L 8 8.69 -21.30 -41.28
C LEU L 8 9.50 -21.73 -42.49
N VAL L 9 9.22 -22.93 -43.00
CA VAL L 9 9.83 -23.44 -44.23
C VAL L 9 8.74 -24.13 -45.05
N SER L 10 9.09 -24.47 -46.28
CA SER L 10 8.30 -25.37 -47.10
C SER L 10 9.22 -26.46 -47.61
N LEU L 11 8.82 -27.71 -47.41
CA LEU L 11 9.64 -28.85 -47.79
C LEU L 11 9.11 -29.46 -49.08
N GLU L 12 10.02 -30.04 -49.87
CA GLU L 12 9.66 -30.62 -51.15
C GLU L 12 8.52 -31.63 -51.01
N GLY L 13 8.57 -32.44 -49.94
CA GLY L 13 7.56 -33.45 -49.72
C GLY L 13 7.86 -34.74 -50.47
N HIS L 14 6.85 -35.60 -50.51
CA HIS L 14 6.95 -36.89 -51.17
C HIS L 14 5.97 -36.94 -52.34
N GLN L 15 6.16 -37.93 -53.21
CA GLN L 15 5.22 -38.15 -54.30
C GLN L 15 3.95 -38.85 -53.83
N SER L 16 4.05 -39.65 -52.77
CA SER L 16 2.92 -40.38 -52.23
C SER L 16 2.48 -39.76 -50.90
N ALA L 17 1.41 -40.31 -50.35
CA ALA L 17 0.83 -39.77 -49.12
C ALA L 17 1.78 -39.92 -47.95
N ILE L 18 1.86 -38.88 -47.12
CA ILE L 18 2.60 -38.98 -45.86
C ILE L 18 1.87 -39.94 -44.93
N THR L 19 2.59 -40.91 -44.40
CA THR L 19 2.00 -41.88 -43.49
C THR L 19 2.55 -41.80 -42.07
N ALA L 20 3.69 -41.15 -41.86
CA ALA L 20 4.28 -41.07 -40.53
C ALA L 20 5.20 -39.87 -40.46
N LEU L 21 5.26 -39.26 -39.27
CA LEU L 21 6.08 -38.09 -39.04
C LEU L 21 6.81 -38.26 -37.72
N ALA L 22 8.01 -37.68 -37.64
CA ALA L 22 8.79 -37.70 -36.41
C ALA L 22 9.67 -36.46 -36.39
N PHE L 23 9.88 -35.92 -35.19
CA PHE L 23 10.44 -34.58 -35.04
C PHE L 23 11.32 -34.56 -33.78
N SER L 24 12.63 -34.41 -33.98
CA SER L 24 13.57 -34.33 -32.87
C SER L 24 14.65 -33.31 -33.20
N LYS L 25 14.93 -32.43 -32.24
CA LYS L 25 15.93 -31.36 -32.37
C LYS L 25 15.55 -30.51 -33.58
N ASN L 26 16.38 -30.42 -34.61
CA ASN L 26 16.10 -29.56 -35.77
C ASN L 26 15.77 -30.38 -37.01
N ILE L 27 15.44 -31.66 -36.84
CA ILE L 27 15.31 -32.59 -37.96
C ILE L 27 13.92 -33.22 -37.91
N VAL L 28 13.26 -33.26 -39.06
CA VAL L 28 12.00 -33.98 -39.23
C VAL L 28 12.25 -35.17 -40.14
N VAL L 29 11.64 -36.30 -39.80
CA VAL L 29 11.67 -37.50 -40.63
C VAL L 29 10.25 -37.77 -41.09
N SER L 30 10.07 -37.88 -42.40
CA SER L 30 8.76 -38.15 -42.99
C SER L 30 8.81 -39.46 -43.76
N GLY L 31 7.75 -40.27 -43.62
CA GLY L 31 7.60 -41.48 -44.38
C GLY L 31 6.35 -41.39 -45.24
N ALA L 32 6.39 -42.06 -46.39
CA ALA L 32 5.33 -41.93 -47.38
C ALA L 32 4.79 -43.31 -47.76
N ALA L 33 3.63 -43.28 -48.43
CA ALA L 33 2.93 -44.52 -48.79
C ALA L 33 3.70 -45.35 -49.80
N ASP L 34 4.64 -44.76 -50.53
CA ASP L 34 5.44 -45.50 -51.51
C ASP L 34 6.70 -46.10 -50.90
N GLY L 35 6.85 -46.05 -49.58
CA GLY L 35 8.00 -46.59 -48.90
C GLY L 35 9.16 -45.64 -48.73
N THR L 36 9.09 -44.45 -49.31
CA THR L 36 10.18 -43.49 -49.20
C THR L 36 10.21 -42.86 -47.80
N ILE L 37 11.41 -42.58 -47.32
CA ILE L 37 11.63 -41.88 -46.07
C ILE L 37 12.61 -40.75 -46.33
N LYS L 38 12.25 -39.54 -45.89
CA LYS L 38 13.04 -38.36 -46.14
C LYS L 38 13.39 -37.67 -44.82
N VAL L 39 14.57 -37.06 -44.78
CA VAL L 39 15.11 -36.41 -43.60
C VAL L 39 15.36 -34.95 -43.95
N TRP L 40 14.73 -34.05 -43.19
CA TRP L 40 14.79 -32.62 -43.49
C TRP L 40 15.38 -31.85 -42.32
N ASP L 41 16.15 -30.81 -42.65
CA ASP L 41 16.67 -29.86 -41.67
C ASP L 41 15.76 -28.63 -41.71
N ILE L 42 15.03 -28.38 -40.62
CA ILE L 42 14.07 -27.29 -40.61
C ILE L 42 14.74 -25.92 -40.51
N LEU L 43 16.00 -25.87 -40.11
CA LEU L 43 16.71 -24.59 -40.12
C LEU L 43 16.92 -24.10 -41.55
N THR L 44 17.50 -24.95 -42.40
CA THR L 44 17.73 -24.60 -43.79
C THR L 44 16.54 -24.90 -44.68
N GLY L 45 15.61 -25.73 -44.23
CA GLY L 45 14.50 -26.14 -45.07
C GLY L 45 14.87 -27.07 -46.20
N GLN L 46 16.08 -27.64 -46.18
CA GLN L 46 16.57 -28.45 -47.28
C GLN L 46 16.50 -29.94 -46.94
N LEU L 47 16.38 -30.75 -47.98
CA LEU L 47 16.38 -32.20 -47.83
C LEU L 47 17.77 -32.67 -47.44
N LEU L 48 17.89 -33.28 -46.27
CA LEU L 48 19.20 -33.79 -45.84
C LEU L 48 19.59 -35.02 -46.63
N ARG L 49 18.70 -36.00 -46.73
CA ARG L 49 19.00 -37.21 -47.50
C ARG L 49 17.72 -37.94 -47.83
N ASP L 50 17.84 -38.83 -48.82
CA ASP L 50 16.79 -39.81 -49.15
C ASP L 50 17.24 -41.14 -48.56
N HIS L 51 16.66 -41.51 -47.41
CA HIS L 51 16.89 -42.80 -46.80
C HIS L 51 16.60 -43.92 -47.79
N ASP L 52 17.17 -45.10 -47.57
CA ASP L 52 16.85 -46.24 -48.43
C ASP L 52 15.36 -46.56 -48.42
N GLY L 53 14.63 -46.09 -47.40
CA GLY L 53 13.23 -46.38 -47.28
C GLY L 53 12.97 -47.85 -47.02
N HIS L 54 11.72 -48.23 -47.18
CA HIS L 54 11.30 -49.62 -47.08
C HIS L 54 10.81 -50.10 -48.44
N GLN L 55 10.82 -51.42 -48.62
CA GLN L 55 10.25 -52.04 -49.81
C GLN L 55 8.73 -52.08 -49.77
N SER L 56 8.13 -51.38 -48.81
CA SER L 56 6.69 -51.35 -48.64
C SER L 56 6.31 -50.03 -48.00
N GLU L 57 5.01 -49.77 -47.95
CA GLU L 57 4.51 -48.54 -47.34
C GLU L 57 4.96 -48.46 -45.88
N VAL L 58 5.56 -47.33 -45.50
CA VAL L 58 5.96 -47.14 -44.11
C VAL L 58 4.72 -46.81 -43.29
N THR L 59 4.66 -47.37 -42.08
CA THR L 59 3.48 -47.27 -41.26
C THR L 59 3.72 -46.62 -39.90
N ALA L 60 4.97 -46.47 -39.48
CA ALA L 60 5.25 -45.92 -38.15
C ALA L 60 6.68 -45.40 -38.11
N LEU L 61 6.89 -44.32 -37.38
CA LEU L 61 8.18 -43.68 -37.23
C LEU L 61 8.41 -43.28 -35.79
N GLN L 62 9.64 -43.46 -35.31
CA GLN L 62 10.06 -42.96 -34.00
C GLN L 62 11.47 -42.41 -34.13
N PHE L 63 11.70 -41.24 -33.52
CA PHE L 63 12.95 -40.50 -33.70
C PHE L 63 13.37 -39.94 -32.35
N LYS L 64 14.49 -40.42 -31.82
CA LYS L 64 14.94 -40.04 -30.48
C LYS L 64 16.46 -40.15 -30.40
N ASP L 65 17.10 -39.07 -29.96
CA ASP L 65 18.54 -39.03 -29.70
C ASP L 65 19.34 -39.58 -30.89
N ASN L 66 19.08 -39.01 -32.07
CA ASN L 66 19.75 -39.33 -33.33
C ASN L 66 19.45 -40.71 -33.87
N ILE L 67 18.45 -41.41 -33.31
CA ILE L 67 18.13 -42.78 -33.72
C ILE L 67 16.69 -42.80 -34.23
N VAL L 68 16.50 -43.36 -35.43
CA VAL L 68 15.17 -43.49 -36.04
C VAL L 68 14.80 -44.97 -36.08
N VAL L 69 13.57 -45.27 -35.69
CA VAL L 69 12.98 -46.60 -35.85
C VAL L 69 11.80 -46.46 -36.79
N SER L 70 11.81 -47.20 -37.90
CA SER L 70 10.78 -47.13 -38.91
C SER L 70 10.19 -48.51 -39.16
N GLY L 71 8.86 -48.56 -39.26
CA GLY L 71 8.16 -49.79 -39.57
C GLY L 71 7.38 -49.69 -40.87
N ALA L 72 7.12 -50.83 -41.51
CA ALA L 72 6.49 -50.85 -42.82
C ALA L 72 5.45 -51.95 -42.87
N LYS L 73 4.65 -51.94 -43.95
CA LYS L 73 3.57 -52.91 -44.09
C LYS L 73 4.08 -54.32 -44.33
N ASP L 74 5.30 -54.48 -44.86
CA ASP L 74 5.85 -55.80 -45.09
C ASP L 74 6.37 -56.45 -43.81
N GLY L 75 6.26 -55.79 -42.67
CA GLY L 75 6.70 -56.33 -41.41
C GLY L 75 8.11 -55.97 -40.98
N THR L 76 8.84 -55.19 -41.79
CA THR L 76 10.22 -54.85 -41.44
C THR L 76 10.24 -53.71 -40.42
N VAL L 77 11.19 -53.80 -39.48
CA VAL L 77 11.47 -52.75 -38.52
C VAL L 77 12.95 -52.41 -38.64
N LYS L 78 13.26 -51.14 -38.87
CA LYS L 78 14.63 -50.71 -39.10
C LYS L 78 15.06 -49.72 -38.02
N VAL L 79 16.34 -49.80 -37.66
CA VAL L 79 16.96 -48.92 -36.68
C VAL L 79 18.19 -48.31 -37.33
N TRP L 80 18.18 -47.00 -37.53
CA TRP L 80 19.25 -46.37 -38.29
C TRP L 80 19.60 -44.99 -37.73
N TYR L 81 20.76 -44.50 -38.15
CA TYR L 81 21.35 -43.27 -37.66
C TYR L 81 20.85 -42.08 -38.49
N ILE L 82 20.36 -41.04 -37.81
CA ILE L 82 19.75 -39.90 -38.51
C ILE L 82 20.75 -39.21 -39.42
N GLY L 83 22.04 -39.23 -39.08
CA GLY L 83 23.01 -38.47 -39.83
C GLY L 83 23.36 -39.08 -41.17
N THR L 84 23.38 -40.41 -41.26
CA THR L 84 23.83 -41.11 -42.46
C THR L 84 22.79 -42.03 -43.07
N GLY L 85 21.65 -42.25 -42.40
CA GLY L 85 20.69 -43.22 -42.86
C GLY L 85 21.14 -44.67 -42.79
N GLN L 86 22.35 -44.92 -42.30
CA GLN L 86 22.87 -46.27 -42.21
C GLN L 86 22.25 -47.01 -41.02
N GLU L 87 22.00 -48.31 -41.21
CA GLU L 87 21.34 -49.10 -40.19
C GLU L 87 22.31 -49.43 -39.05
N LEU L 88 21.86 -49.17 -37.83
CA LEU L 88 22.69 -49.47 -36.67
C LEU L 88 22.69 -50.97 -36.38
N VAL L 89 21.54 -51.62 -36.50
CA VAL L 89 21.41 -53.01 -36.12
C VAL L 89 20.24 -53.61 -36.90
N SER L 90 20.20 -54.94 -36.98
CA SER L 90 19.20 -55.65 -37.77
C SER L 90 18.16 -56.26 -36.84
N LEU L 91 16.89 -56.04 -37.16
CA LEU L 91 15.77 -56.65 -36.46
C LEU L 91 15.06 -57.62 -37.38
N GLU L 92 14.67 -58.77 -36.82
CA GLU L 92 13.94 -59.76 -37.61
C GLU L 92 12.57 -59.25 -38.03
N GLY L 93 11.99 -58.35 -37.23
CA GLY L 93 10.68 -57.79 -37.55
C GLY L 93 9.58 -58.80 -37.32
N HIS L 94 8.39 -58.45 -37.83
CA HIS L 94 7.21 -59.29 -37.75
C HIS L 94 6.94 -59.94 -39.10
N GLN L 95 6.13 -61.00 -39.05
CA GLN L 95 5.68 -61.63 -40.29
C GLN L 95 4.53 -60.84 -40.92
N SER L 96 3.72 -60.17 -40.12
CA SER L 96 2.60 -59.37 -40.61
C SER L 96 2.96 -57.88 -40.56
N ALA L 97 2.00 -57.05 -40.95
CA ALA L 97 2.24 -55.63 -41.14
C ALA L 97 2.47 -54.92 -39.82
N ILE L 98 3.49 -54.05 -39.77
CA ILE L 98 3.73 -53.22 -38.61
C ILE L 98 2.62 -52.18 -38.51
N THR L 99 1.91 -52.17 -37.38
CA THR L 99 0.84 -51.20 -37.17
C THR L 99 1.11 -50.24 -36.02
N ALA L 100 2.20 -50.42 -35.27
CA ALA L 100 2.49 -49.54 -34.15
C ALA L 100 3.93 -49.74 -33.72
N LEU L 101 4.58 -48.63 -33.38
CA LEU L 101 5.95 -48.65 -32.87
C LEU L 101 6.04 -47.74 -31.65
N ALA L 102 6.85 -48.14 -30.67
CA ALA L 102 7.11 -47.32 -29.50
C ALA L 102 8.59 -47.46 -29.14
N PHE L 103 9.19 -46.34 -28.75
CA PHE L 103 10.64 -46.25 -28.58
C PHE L 103 10.92 -45.50 -27.28
N SER L 104 11.34 -46.23 -26.26
CA SER L 104 11.67 -45.64 -24.97
C SER L 104 13.03 -46.18 -24.51
N LYS L 105 13.88 -45.28 -24.02
CA LYS L 105 15.25 -45.60 -23.67
C LYS L 105 15.94 -46.30 -24.84
N ASN L 106 16.41 -47.53 -24.60
CA ASN L 106 17.04 -48.34 -25.65
C ASN L 106 16.16 -49.53 -26.04
N ILE L 107 14.86 -49.41 -25.84
CA ILE L 107 13.91 -50.49 -26.09
C ILE L 107 12.92 -50.05 -27.16
N VAL L 108 12.76 -50.90 -28.18
CA VAL L 108 11.77 -50.70 -29.23
C VAL L 108 10.67 -51.73 -29.03
N VAL L 109 9.42 -51.28 -29.02
CA VAL L 109 8.26 -52.16 -28.97
C VAL L 109 7.50 -52.01 -30.28
N SER L 110 7.24 -53.13 -30.94
CA SER L 110 6.52 -53.16 -32.21
C SER L 110 5.25 -53.98 -32.07
N GLY L 111 4.21 -53.56 -32.76
CA GLY L 111 2.97 -54.31 -32.81
C GLY L 111 2.52 -54.52 -34.23
N ALA L 112 1.99 -55.71 -34.51
CA ALA L 112 1.70 -56.12 -35.87
C ALA L 112 0.20 -56.40 -36.05
N ALA L 113 -0.19 -56.52 -37.31
CA ALA L 113 -1.60 -56.70 -37.66
C ALA L 113 -2.13 -58.07 -37.26
N ASP L 114 -1.26 -59.03 -36.97
CA ASP L 114 -1.69 -60.34 -36.48
C ASP L 114 -1.85 -60.37 -34.97
N GLY L 115 -1.58 -59.27 -34.28
CA GLY L 115 -1.72 -59.19 -32.84
C GLY L 115 -0.42 -59.37 -32.07
N THR L 116 0.66 -59.77 -32.72
CA THR L 116 1.91 -60.00 -32.03
C THR L 116 2.54 -58.68 -31.58
N ILE L 117 3.21 -58.74 -30.44
CA ILE L 117 3.95 -57.60 -29.89
C ILE L 117 5.35 -58.07 -29.55
N LYS L 118 6.36 -57.38 -30.10
CA LYS L 118 7.74 -57.77 -29.94
C LYS L 118 8.56 -56.64 -29.33
N VAL L 119 9.53 -57.01 -28.50
CA VAL L 119 10.36 -56.07 -27.75
C VAL L 119 11.81 -56.25 -28.19
N TRP L 120 12.44 -55.15 -28.61
CA TRP L 120 13.75 -55.18 -29.22
C TRP L 120 14.75 -54.34 -28.41
N ASP L 121 15.97 -54.82 -28.34
CA ASP L 121 17.10 -54.06 -27.79
C ASP L 121 17.83 -53.43 -28.96
N ILE L 122 17.78 -52.09 -29.05
CA ILE L 122 18.40 -51.39 -30.17
C ILE L 122 19.91 -51.44 -30.17
N LEU L 123 20.53 -51.85 -29.05
CA LEU L 123 21.98 -51.95 -29.00
C LEU L 123 22.47 -53.21 -29.71
N THR L 124 21.73 -54.31 -29.58
CA THR L 124 22.13 -55.59 -30.15
C THR L 124 21.20 -56.10 -31.24
N GLY L 125 20.00 -55.55 -31.38
CA GLY L 125 19.04 -56.08 -32.32
C GLY L 125 18.37 -57.35 -31.87
N GLN L 126 18.62 -57.80 -30.64
CA GLN L 126 18.08 -59.05 -30.14
C GLN L 126 16.63 -58.87 -29.70
N LEU L 127 15.80 -59.85 -30.03
CA LEU L 127 14.42 -59.87 -29.57
C LEU L 127 14.40 -60.26 -28.09
N LEU L 128 13.87 -59.37 -27.25
CA LEU L 128 13.84 -59.62 -25.81
C LEU L 128 12.61 -60.44 -25.40
N ARG L 129 11.42 -59.89 -25.63
CA ARG L 129 10.17 -60.57 -25.32
C ARG L 129 9.40 -60.79 -26.62
N ASP L 130 8.70 -61.93 -26.70
CA ASP L 130 7.94 -62.32 -27.89
C ASP L 130 6.53 -62.72 -27.45
N HIS L 131 5.69 -61.72 -27.20
CA HIS L 131 4.33 -61.97 -26.73
C HIS L 131 3.39 -62.29 -27.88
N ASP L 132 2.52 -63.27 -27.67
CA ASP L 132 1.43 -63.49 -28.61
C ASP L 132 0.50 -62.29 -28.65
N GLY L 133 0.40 -61.55 -27.55
CA GLY L 133 -0.33 -60.31 -27.50
C GLY L 133 -1.83 -60.47 -27.63
N HIS L 134 -2.41 -59.77 -28.60
CA HIS L 134 -3.84 -59.81 -28.86
C HIS L 134 -4.14 -60.80 -29.98
N GLN L 135 -5.40 -61.23 -30.02
CA GLN L 135 -5.89 -62.04 -31.12
C GLN L 135 -6.47 -61.18 -32.23
N SER L 136 -6.19 -59.89 -32.21
CA SER L 136 -6.66 -58.95 -33.23
C SER L 136 -5.52 -58.01 -33.58
N GLU L 137 -5.69 -57.28 -34.68
CA GLU L 137 -4.69 -56.32 -35.11
C GLU L 137 -4.42 -55.30 -34.02
N VAL L 138 -3.13 -55.09 -33.71
CA VAL L 138 -2.74 -54.08 -32.74
C VAL L 138 -2.97 -52.69 -33.34
N THR L 139 -3.80 -51.88 -32.69
CA THR L 139 -4.16 -50.58 -33.22
C THR L 139 -3.45 -49.41 -32.55
N ALA L 140 -2.90 -49.62 -31.35
CA ALA L 140 -2.27 -48.52 -30.62
C ALA L 140 -1.28 -49.08 -29.62
N LEU L 141 -0.17 -48.38 -29.45
CA LEU L 141 0.89 -48.80 -28.54
C LEU L 141 1.38 -47.59 -27.75
N GLN L 142 1.58 -47.78 -26.45
CA GLN L 142 2.20 -46.79 -25.58
C GLN L 142 3.26 -47.47 -24.73
N PHE L 143 4.40 -46.81 -24.55
CA PHE L 143 5.52 -47.40 -23.84
C PHE L 143 6.24 -46.33 -23.05
N LYS L 144 6.27 -46.51 -21.73
CA LYS L 144 6.97 -45.60 -20.84
C LYS L 144 7.32 -46.36 -19.55
N ASP L 145 8.51 -46.10 -19.03
CA ASP L 145 8.97 -46.62 -17.73
C ASP L 145 8.76 -48.12 -17.62
N ASN L 146 9.25 -48.84 -18.63
CA ASN L 146 9.21 -50.31 -18.66
C ASN L 146 7.78 -50.85 -18.57
N ILE L 147 6.81 -50.07 -19.03
CA ILE L 147 5.42 -50.50 -19.06
C ILE L 147 4.88 -50.28 -20.46
N VAL L 148 4.38 -51.35 -21.09
CA VAL L 148 3.79 -51.30 -22.42
C VAL L 148 2.28 -51.40 -22.29
N VAL L 149 1.57 -50.55 -23.03
CA VAL L 149 0.11 -50.59 -23.09
C VAL L 149 -0.31 -50.68 -24.55
N SER L 150 -1.18 -51.62 -24.87
CA SER L 150 -1.55 -51.87 -26.26
C SER L 150 -3.06 -52.08 -26.37
N GLY L 151 -3.59 -51.74 -27.54
CA GLY L 151 -5.00 -51.97 -27.82
C GLY L 151 -5.16 -52.61 -29.19
N ALA L 152 -6.28 -53.32 -29.35
CA ALA L 152 -6.51 -54.12 -30.55
C ALA L 152 -7.90 -53.86 -31.11
N LYS L 153 -8.15 -54.45 -32.28
CA LYS L 153 -9.43 -54.29 -32.97
C LYS L 153 -10.57 -55.05 -32.29
N ASP L 154 -10.27 -55.97 -31.37
CA ASP L 154 -11.30 -56.66 -30.61
C ASP L 154 -11.67 -55.92 -29.34
N GLY L 155 -11.19 -54.69 -29.15
CA GLY L 155 -11.51 -53.90 -27.98
C GLY L 155 -10.67 -54.19 -26.76
N THR L 156 -9.74 -55.13 -26.82
CA THR L 156 -8.93 -55.47 -25.66
C THR L 156 -7.83 -54.44 -25.43
N VAL L 157 -7.49 -54.24 -24.16
CA VAL L 157 -6.39 -53.39 -23.74
C VAL L 157 -5.55 -54.16 -22.74
N LYS L 158 -4.24 -54.27 -23.01
CA LYS L 158 -3.35 -55.08 -22.19
C LYS L 158 -2.19 -54.23 -21.67
N VAL L 159 -1.63 -54.67 -20.55
CA VAL L 159 -0.50 -54.01 -19.90
C VAL L 159 0.60 -55.03 -19.67
N TRP L 160 1.84 -54.66 -20.01
CA TRP L 160 2.98 -55.54 -19.84
C TRP L 160 4.11 -54.78 -19.15
N TYR L 161 4.76 -55.46 -18.21
CA TYR L 161 6.01 -54.98 -17.64
C TYR L 161 7.18 -55.55 -18.44
N ILE L 162 8.35 -54.93 -18.29
CA ILE L 162 9.53 -55.35 -19.02
C ILE L 162 10.71 -55.59 -18.07
#